data_8VLD
# 
_entry.id   8VLD 
# 
_audit_conform.dict_name       mmcif_pdbx.dic 
_audit_conform.dict_version    5.402 
_audit_conform.dict_location   http://mmcif.pdb.org/dictionaries/ascii/mmcif_pdbx.dic 
# 
loop_
_database_2.database_id 
_database_2.database_code 
_database_2.pdbx_database_accession 
_database_2.pdbx_DOI 
PDB   8VLD         pdb_00008vld 10.2210/pdb8vld/pdb 
WWPDB D_1000280504 ?            ?                   
# 
_pdbx_audit_revision_history.ordinal             1 
_pdbx_audit_revision_history.data_content_type   'Structure model' 
_pdbx_audit_revision_history.major_revision      1 
_pdbx_audit_revision_history.minor_revision      0 
_pdbx_audit_revision_history.revision_date       2025-03-19 
_pdbx_audit_revision_history.part_number         ? 
# 
_pdbx_audit_revision_details.ordinal             1 
_pdbx_audit_revision_details.revision_ordinal    1 
_pdbx_audit_revision_details.data_content_type   'Structure model' 
_pdbx_audit_revision_details.provider            repository 
_pdbx_audit_revision_details.type                'Initial release' 
_pdbx_audit_revision_details.description         ? 
_pdbx_audit_revision_details.details             ? 
# 
_pdbx_database_status.status_code                     REL 
_pdbx_database_status.status_code_sf                  REL 
_pdbx_database_status.status_code_mr                  ? 
_pdbx_database_status.entry_id                        8VLD 
_pdbx_database_status.recvd_initial_deposition_date   2024-01-11 
_pdbx_database_status.SG_entry                        N 
_pdbx_database_status.deposit_site                    RCSB 
_pdbx_database_status.process_site                    RCSB 
_pdbx_database_status.status_code_cs                  ? 
_pdbx_database_status.status_code_nmr_data            ? 
_pdbx_database_status.methods_development_category    ? 
_pdbx_database_status.pdb_format_compatible           Y 
# 
_pdbx_contact_author.id                 2 
_pdbx_contact_author.email              tatiana.kutateladze@cuanschutz.edu 
_pdbx_contact_author.name_first         Tatiana 
_pdbx_contact_author.name_last          Kutateladze 
_pdbx_contact_author.name_mi            G 
_pdbx_contact_author.role               'principal investigator/group leader' 
_pdbx_contact_author.identifier_ORCID   0000-0001-7375-6990 
# 
loop_
_audit_author.name 
_audit_author.pdbx_ordinal 
_audit_author.identifier_ORCID 
'Vann, K.R.'        1 0000-0002-6366-6112 
'Kutateladze, T.G.' 2 0000-0001-7375-6990 
# 
_citation.abstract                  ? 
_citation.abstract_id_CAS           ? 
_citation.book_id_ISBN              ? 
_citation.book_publisher            ? 
_citation.book_publisher_city       ? 
_citation.book_title                ? 
_citation.coordinate_linkage        ? 
_citation.country                   UK 
_citation.database_id_Medline       ? 
_citation.details                   ? 
_citation.id                        primary 
_citation.journal_abbrev            'Nat Commun' 
_citation.journal_id_ASTM           ? 
_citation.journal_id_CSD            ? 
_citation.journal_id_ISSN           2041-1723 
_citation.journal_full              ? 
_citation.journal_issue             ? 
_citation.journal_volume            16 
_citation.language                  ? 
_citation.page_first                2235 
_citation.page_last                 2235 
_citation.title                     'Structure-function relationship of ASH1L and histone H3K36 and H3K4 methylation.' 
_citation.year                      2025 
_citation.database_id_CSD           ? 
_citation.pdbx_database_id_DOI      10.1038/s41467-025-57556-5 
_citation.pdbx_database_id_PubMed   40044670 
_citation.pdbx_database_id_patent   ? 
_citation.unpublished_flag          ? 
# 
loop_
_citation_author.citation_id 
_citation_author.name 
_citation_author.ordinal 
_citation_author.identifier_ORCID 
primary 'Vann, K.R.'        1  0000-0002-6366-6112 
primary 'Sharma, R.'        2  ?                   
primary 'Hsu, C.C.'         3  ?                   
primary 'Devoucoux, M.'     4  0000-0002-0965-2852 
primary 'Tencer, A.H.'      5  ?                   
primary 'Zeng, L.'          6  0000-0002-4236-6735 
primary 'Lin, K.'           7  ?                   
primary 'Zhu, L.'           8  ?                   
primary 'Li, Q.'            9  ?                   
primary 'Lachance, C.'      10 ?                   
primary 'Ospina, R.R.'      11 ?                   
primary 'Tong, Q.'          12 ?                   
primary 'Cheung, K.L.'      13 ?                   
primary 'Yang, S.'          14 ?                   
primary 'Biswas, S.'        15 ?                   
primary 'Xuan, H.'          16 ?                   
primary 'Gatchalian, J.'    17 ?                   
primary 'Alamillo, L.'      18 0000-0002-2622-0277 
primary 'Wang, J.'          19 0000-0002-1317-6457 
primary 'Jang, S.M.'        20 ?                   
primary 'Klein, B.J.'       21 ?                   
primary 'Lu, Y.'            22 ?                   
primary 'Ernst, P.'         23 ?                   
primary 'Strahl, B.D.'      24 0000-0002-4947-6259 
primary 'Rothbart, S.B.'    25 0000-0003-1631-5392 
primary 'Walsh, M.J.'       26 0000-0001-8339-8285 
primary 'Cleary, M.L.'      27 0000-0001-7127-3223 
primary 'Cote, J.'          28 0000-0001-6751-555X 
primary 'Shi, X.'           29 0000-0001-5242-8189 
primary 'Zhou, M.M.'        30 0000-0002-7049-0573 
primary 'Kutateladze, T.G.' 31 0000-0001-7375-6990 
# 
loop_
_entity.id 
_entity.type 
_entity.src_method 
_entity.pdbx_description 
_entity.formula_weight 
_entity.pdbx_number_of_molecules 
_entity.pdbx_ec 
_entity.pdbx_mutation 
_entity.pdbx_fragment 
_entity.details 
1 polymer     man 'Histone-lysine N-methyltransferase ASH1L' 6470.484 2  ? ? ? ? 
2 polymer     syn 'Histone H3.3C'                            1278.482 2  ? ? ? ? 
3 non-polymer syn 'ZINC ION'                                 65.409   4  ? ? ? ? 
4 water       nat water                                      18.015   93 ? ? ? ? 
# 
_entity_name_com.entity_id   2 
_entity_name_com.name        'Histone H3.5' 
# 
loop_
_entity_poly.entity_id 
_entity_poly.type 
_entity_poly.nstd_linkage 
_entity_poly.nstd_monomer 
_entity_poly.pdbx_seq_one_letter_code 
_entity_poly.pdbx_seq_one_letter_code_can 
_entity_poly.pdbx_strand_id 
_entity_poly.pdbx_target_identifier 
1 'polypeptide(L)' no no  GPLDVIRCICGLYKDEGLMIQCDKCMVWQHCDCMGVNSDVEHYLCEQCDPRPVDRE 
GPLDVIRCICGLYKDEGLMIQCDKCMVWQHCDCMGVNSDVEHYLCEQCDPRPVDRE A,B ? 
2 'polypeptide(L)' no yes 'ART(MLY)QTARKST'                                        ARTKQTARKST T,P ? 
# 
loop_
_pdbx_entity_nonpoly.entity_id 
_pdbx_entity_nonpoly.name 
_pdbx_entity_nonpoly.comp_id 
3 'ZINC ION' ZN  
4 water      HOH 
# 
loop_
_entity_poly_seq.entity_id 
_entity_poly_seq.num 
_entity_poly_seq.mon_id 
_entity_poly_seq.hetero 
1 1  GLY n 
1 2  PRO n 
1 3  LEU n 
1 4  ASP n 
1 5  VAL n 
1 6  ILE n 
1 7  ARG n 
1 8  CYS n 
1 9  ILE n 
1 10 CYS n 
1 11 GLY n 
1 12 LEU n 
1 13 TYR n 
1 14 LYS n 
1 15 ASP n 
1 16 GLU n 
1 17 GLY n 
1 18 LEU n 
1 19 MET n 
1 20 ILE n 
1 21 GLN n 
1 22 CYS n 
1 23 ASP n 
1 24 LYS n 
1 25 CYS n 
1 26 MET n 
1 27 VAL n 
1 28 TRP n 
1 29 GLN n 
1 30 HIS n 
1 31 CYS n 
1 32 ASP n 
1 33 CYS n 
1 34 MET n 
1 35 GLY n 
1 36 VAL n 
1 37 ASN n 
1 38 SER n 
1 39 ASP n 
1 40 VAL n 
1 41 GLU n 
1 42 HIS n 
1 43 TYR n 
1 44 LEU n 
1 45 CYS n 
1 46 GLU n 
1 47 GLN n 
1 48 CYS n 
1 49 ASP n 
1 50 PRO n 
1 51 ARG n 
1 52 PRO n 
1 53 VAL n 
1 54 ASP n 
1 55 ARG n 
1 56 GLU n 
2 1  ALA n 
2 2  ARG n 
2 3  THR n 
2 4  MLY n 
2 5  GLN n 
2 6  THR n 
2 7  ALA n 
2 8  ARG n 
2 9  LYS n 
2 10 SER n 
2 11 THR n 
# 
_entity_src_gen.entity_id                          1 
_entity_src_gen.pdbx_src_id                        1 
_entity_src_gen.pdbx_alt_source_flag               sample 
_entity_src_gen.pdbx_seq_type                      'Biological sequence' 
_entity_src_gen.pdbx_beg_seq_num                   1 
_entity_src_gen.pdbx_end_seq_num                   56 
_entity_src_gen.gene_src_common_name               human 
_entity_src_gen.gene_src_genus                     ? 
_entity_src_gen.pdbx_gene_src_gene                 ASH1L 
_entity_src_gen.gene_src_species                   ? 
_entity_src_gen.gene_src_strain                    ? 
_entity_src_gen.gene_src_tissue                    ? 
_entity_src_gen.gene_src_tissue_fraction           ? 
_entity_src_gen.gene_src_details                   ? 
_entity_src_gen.pdbx_gene_src_fragment             ? 
_entity_src_gen.pdbx_gene_src_scientific_name      'Homo sapiens' 
_entity_src_gen.pdbx_gene_src_ncbi_taxonomy_id     9606 
_entity_src_gen.pdbx_gene_src_variant              ? 
_entity_src_gen.pdbx_gene_src_cell_line            ? 
_entity_src_gen.pdbx_gene_src_atcc                 ? 
_entity_src_gen.pdbx_gene_src_organ                ? 
_entity_src_gen.pdbx_gene_src_organelle            ? 
_entity_src_gen.pdbx_gene_src_cell                 ? 
_entity_src_gen.pdbx_gene_src_cellular_location    ? 
_entity_src_gen.host_org_common_name               ? 
_entity_src_gen.pdbx_host_org_scientific_name      'Escherichia coli' 
_entity_src_gen.pdbx_host_org_ncbi_taxonomy_id     562 
_entity_src_gen.host_org_genus                     ? 
_entity_src_gen.pdbx_host_org_gene                 ? 
_entity_src_gen.pdbx_host_org_organ                ? 
_entity_src_gen.host_org_species                   ? 
_entity_src_gen.pdbx_host_org_tissue               ? 
_entity_src_gen.pdbx_host_org_tissue_fraction      ? 
_entity_src_gen.pdbx_host_org_strain               ? 
_entity_src_gen.pdbx_host_org_variant              ? 
_entity_src_gen.pdbx_host_org_cell_line            ? 
_entity_src_gen.pdbx_host_org_atcc                 ? 
_entity_src_gen.pdbx_host_org_culture_collection   ? 
_entity_src_gen.pdbx_host_org_cell                 ? 
_entity_src_gen.pdbx_host_org_organelle            ? 
_entity_src_gen.pdbx_host_org_cellular_location    ? 
_entity_src_gen.pdbx_host_org_vector_type          ? 
_entity_src_gen.pdbx_host_org_vector               ? 
_entity_src_gen.host_org_details                   ? 
_entity_src_gen.expression_system_id               ? 
_entity_src_gen.plasmid_name                       ? 
_entity_src_gen.plasmid_details                    ? 
_entity_src_gen.pdbx_description                   ? 
# 
_pdbx_entity_src_syn.entity_id              2 
_pdbx_entity_src_syn.pdbx_src_id            1 
_pdbx_entity_src_syn.pdbx_alt_source_flag   sample 
_pdbx_entity_src_syn.pdbx_beg_seq_num       1 
_pdbx_entity_src_syn.pdbx_end_seq_num       11 
_pdbx_entity_src_syn.organism_scientific    'Homo sapiens' 
_pdbx_entity_src_syn.organism_common_name   human 
_pdbx_entity_src_syn.ncbi_taxonomy_id       9606 
_pdbx_entity_src_syn.details                Synpeptide 
# 
loop_
_chem_comp.id 
_chem_comp.type 
_chem_comp.mon_nstd_flag 
_chem_comp.name 
_chem_comp.pdbx_synonyms 
_chem_comp.formula 
_chem_comp.formula_weight 
ALA 'L-peptide linking' y ALANINE           ? 'C3 H7 N O2'     89.093  
ARG 'L-peptide linking' y ARGININE          ? 'C6 H15 N4 O2 1' 175.209 
ASN 'L-peptide linking' y ASPARAGINE        ? 'C4 H8 N2 O3'    132.118 
ASP 'L-peptide linking' y 'ASPARTIC ACID'   ? 'C4 H7 N O4'     133.103 
CYS 'L-peptide linking' y CYSTEINE          ? 'C3 H7 N O2 S'   121.158 
GLN 'L-peptide linking' y GLUTAMINE         ? 'C5 H10 N2 O3'   146.144 
GLU 'L-peptide linking' y 'GLUTAMIC ACID'   ? 'C5 H9 N O4'     147.129 
GLY 'peptide linking'   y GLYCINE           ? 'C2 H5 N O2'     75.067  
HIS 'L-peptide linking' y HISTIDINE         ? 'C6 H10 N3 O2 1' 156.162 
HOH non-polymer         . WATER             ? 'H2 O'           18.015  
ILE 'L-peptide linking' y ISOLEUCINE        ? 'C6 H13 N O2'    131.173 
LEU 'L-peptide linking' y LEUCINE           ? 'C6 H13 N O2'    131.173 
LYS 'L-peptide linking' y LYSINE            ? 'C6 H15 N2 O2 1' 147.195 
MET 'L-peptide linking' y METHIONINE        ? 'C5 H11 N O2 S'  149.211 
MLY 'L-peptide linking' n N-DIMETHYL-LYSINE ? 'C8 H18 N2 O2'   174.241 
PRO 'L-peptide linking' y PROLINE           ? 'C5 H9 N O2'     115.130 
SER 'L-peptide linking' y SERINE            ? 'C3 H7 N O3'     105.093 
THR 'L-peptide linking' y THREONINE         ? 'C4 H9 N O3'     119.119 
TRP 'L-peptide linking' y TRYPTOPHAN        ? 'C11 H12 N2 O2'  204.225 
TYR 'L-peptide linking' y TYROSINE          ? 'C9 H11 N O3'    181.189 
VAL 'L-peptide linking' y VALINE            ? 'C5 H11 N O2'    117.146 
ZN  non-polymer         . 'ZINC ION'        ? 'Zn 2'           65.409  
# 
loop_
_pdbx_poly_seq_scheme.asym_id 
_pdbx_poly_seq_scheme.entity_id 
_pdbx_poly_seq_scheme.seq_id 
_pdbx_poly_seq_scheme.mon_id 
_pdbx_poly_seq_scheme.ndb_seq_num 
_pdbx_poly_seq_scheme.pdb_seq_num 
_pdbx_poly_seq_scheme.auth_seq_num 
_pdbx_poly_seq_scheme.pdb_mon_id 
_pdbx_poly_seq_scheme.auth_mon_id 
_pdbx_poly_seq_scheme.pdb_strand_id 
_pdbx_poly_seq_scheme.pdb_ins_code 
_pdbx_poly_seq_scheme.hetero 
A 1 1  GLY 1  1  1  GLY GLY A . n 
A 1 2  PRO 2  2  2  PRO PRO A . n 
A 1 3  LEU 3  3  3  LEU LEU A . n 
A 1 4  ASP 4  4  4  ASP ASP A . n 
A 1 5  VAL 5  5  5  VAL VAL A . n 
A 1 6  ILE 6  6  6  ILE ILE A . n 
A 1 7  ARG 7  7  7  ARG ARG A . n 
A 1 8  CYS 8  8  8  CYS CYS A . n 
A 1 9  ILE 9  9  9  ILE ILE A . n 
A 1 10 CYS 10 10 10 CYS CYS A . n 
A 1 11 GLY 11 11 11 GLY GLY A . n 
A 1 12 LEU 12 12 12 LEU LEU A . n 
A 1 13 TYR 13 13 13 TYR TYR A . n 
A 1 14 LYS 14 14 14 LYS LYS A . n 
A 1 15 ASP 15 15 15 ASP ASP A . n 
A 1 16 GLU 16 16 16 GLU GLU A . n 
A 1 17 GLY 17 17 17 GLY GLY A . n 
A 1 18 LEU 18 18 18 LEU LEU A . n 
A 1 19 MET 19 19 19 MET MET A . n 
A 1 20 ILE 20 20 20 ILE ILE A . n 
A 1 21 GLN 21 21 21 GLN GLN A . n 
A 1 22 CYS 22 22 22 CYS CYS A . n 
A 1 23 ASP 23 23 23 ASP ASP A . n 
A 1 24 LYS 24 24 24 LYS LYS A . n 
A 1 25 CYS 25 25 25 CYS CYS A . n 
A 1 26 MET 26 26 26 MET MET A . n 
A 1 27 VAL 27 27 27 VAL VAL A . n 
A 1 28 TRP 28 28 28 TRP TRP A . n 
A 1 29 GLN 29 29 29 GLN GLN A . n 
A 1 30 HIS 30 30 30 HIS HIS A . n 
A 1 31 CYS 31 31 31 CYS CYS A . n 
A 1 32 ASP 32 32 32 ASP ASP A . n 
A 1 33 CYS 33 33 33 CYS CYS A . n 
A 1 34 MET 34 34 34 MET MET A . n 
A 1 35 GLY 35 35 35 GLY GLY A . n 
A 1 36 VAL 36 36 36 VAL VAL A . n 
A 1 37 ASN 37 37 37 ASN ASN A . n 
A 1 38 SER 38 38 38 SER SER A . n 
A 1 39 ASP 39 39 39 ASP ASP A . n 
A 1 40 VAL 40 40 40 VAL VAL A . n 
A 1 41 GLU 41 41 41 GLU GLU A . n 
A 1 42 HIS 42 42 42 HIS HIS A . n 
A 1 43 TYR 43 43 43 TYR TYR A . n 
A 1 44 LEU 44 44 44 LEU LEU A . n 
A 1 45 CYS 45 45 45 CYS CYS A . n 
A 1 46 GLU 46 46 46 GLU GLU A . n 
A 1 47 GLN 47 47 47 GLN GLN A . n 
A 1 48 CYS 48 48 48 CYS CYS A . n 
A 1 49 ASP 49 49 49 ASP ASP A . n 
A 1 50 PRO 50 50 50 PRO PRO A . n 
A 1 51 ARG 51 51 51 ARG ARG A . n 
A 1 52 PRO 52 52 52 PRO PRO A . n 
A 1 53 VAL 53 53 53 VAL VAL A . n 
A 1 54 ASP 54 54 ?  ?   ?   A . n 
A 1 55 ARG 55 55 ?  ?   ?   A . n 
A 1 56 GLU 56 56 ?  ?   ?   A . n 
B 1 1  GLY 1  1  1  GLY GLY B . n 
B 1 2  PRO 2  2  2  PRO PRO B . n 
B 1 3  LEU 3  3  3  LEU LEU B . n 
B 1 4  ASP 4  4  4  ASP ASP B . n 
B 1 5  VAL 5  5  5  VAL VAL B . n 
B 1 6  ILE 6  6  6  ILE ILE B . n 
B 1 7  ARG 7  7  7  ARG ARG B . n 
B 1 8  CYS 8  8  8  CYS CYS B . n 
B 1 9  ILE 9  9  9  ILE ILE B . n 
B 1 10 CYS 10 10 10 CYS CYS B . n 
B 1 11 GLY 11 11 11 GLY GLY B . n 
B 1 12 LEU 12 12 12 LEU LEU B . n 
B 1 13 TYR 13 13 13 TYR TYR B . n 
B 1 14 LYS 14 14 14 LYS LYS B . n 
B 1 15 ASP 15 15 15 ASP ASP B . n 
B 1 16 GLU 16 16 16 GLU GLU B . n 
B 1 17 GLY 17 17 17 GLY GLY B . n 
B 1 18 LEU 18 18 18 LEU LEU B . n 
B 1 19 MET 19 19 19 MET MET B . n 
B 1 20 ILE 20 20 20 ILE ILE B . n 
B 1 21 GLN 21 21 21 GLN GLN B . n 
B 1 22 CYS 22 22 22 CYS CYS B . n 
B 1 23 ASP 23 23 23 ASP ASP B . n 
B 1 24 LYS 24 24 24 LYS LYS B . n 
B 1 25 CYS 25 25 25 CYS CYS B . n 
B 1 26 MET 26 26 26 MET MET B . n 
B 1 27 VAL 27 27 27 VAL VAL B . n 
B 1 28 TRP 28 28 28 TRP TRP B . n 
B 1 29 GLN 29 29 29 GLN GLN B . n 
B 1 30 HIS 30 30 30 HIS HIS B . n 
B 1 31 CYS 31 31 31 CYS CYS B . n 
B 1 32 ASP 32 32 32 ASP ASP B . n 
B 1 33 CYS 33 33 33 CYS CYS B . n 
B 1 34 MET 34 34 34 MET MET B . n 
B 1 35 GLY 35 35 35 GLY GLY B . n 
B 1 36 VAL 36 36 36 VAL VAL B . n 
B 1 37 ASN 37 37 37 ASN ASN B . n 
B 1 38 SER 38 38 38 SER SER B . n 
B 1 39 ASP 39 39 39 ASP ASP B . n 
B 1 40 VAL 40 40 40 VAL VAL B . n 
B 1 41 GLU 41 41 41 GLU GLU B . n 
B 1 42 HIS 42 42 42 HIS HIS B . n 
B 1 43 TYR 43 43 43 TYR TYR B . n 
B 1 44 LEU 44 44 44 LEU LEU B . n 
B 1 45 CYS 45 45 45 CYS CYS B . n 
B 1 46 GLU 46 46 46 GLU GLU B . n 
B 1 47 GLN 47 47 47 GLN GLN B . n 
B 1 48 CYS 48 48 48 CYS CYS B . n 
B 1 49 ASP 49 49 49 ASP ASP B . n 
B 1 50 PRO 50 50 50 PRO PRO B . n 
B 1 51 ARG 51 51 51 ARG ARG B . n 
B 1 52 PRO 52 52 52 PRO PRO B . n 
B 1 53 VAL 53 53 53 VAL VAL B . n 
B 1 54 ASP 54 54 ?  ?   ?   B . n 
B 1 55 ARG 55 55 ?  ?   ?   B . n 
B 1 56 GLU 56 56 ?  ?   ?   B . n 
C 2 1  ALA 1  1  1  ALA ALA T . n 
C 2 2  ARG 2  2  2  ARG ARG T . n 
C 2 3  THR 3  3  3  THR THR T . n 
C 2 4  MLY 4  4  4  MLY MLY T . n 
C 2 5  GLN 5  5  5  GLN GLN T . n 
C 2 6  THR 6  6  6  THR THR T . n 
C 2 7  ALA 7  7  ?  ?   ?   T . n 
C 2 8  ARG 8  8  ?  ?   ?   T . n 
C 2 9  LYS 9  9  ?  ?   ?   T . n 
C 2 10 SER 10 10 ?  ?   ?   T . n 
C 2 11 THR 11 11 ?  ?   ?   T . n 
D 2 1  ALA 1  1  1  ALA ALA P . n 
D 2 2  ARG 2  2  2  ARG ARG P . n 
D 2 3  THR 3  3  3  THR THR P . n 
D 2 4  MLY 4  4  4  MLY MLY P . n 
D 2 5  GLN 5  5  5  GLN GLN P . n 
D 2 6  THR 6  6  6  THR THR P . n 
D 2 7  ALA 7  7  ?  ?   ?   P . n 
D 2 8  ARG 8  8  ?  ?   ?   P . n 
D 2 9  LYS 9  9  ?  ?   ?   P . n 
D 2 10 SER 10 10 ?  ?   ?   P . n 
D 2 11 THR 11 11 ?  ?   ?   P . n 
# 
_pdbx_entity_instance_feature.ordinal        1 
_pdbx_entity_instance_feature.comp_id        MLY 
_pdbx_entity_instance_feature.asym_id        ? 
_pdbx_entity_instance_feature.seq_num        ? 
_pdbx_entity_instance_feature.auth_comp_id   MLY 
_pdbx_entity_instance_feature.auth_asym_id   ? 
_pdbx_entity_instance_feature.auth_seq_num   ? 
_pdbx_entity_instance_feature.feature_type   'SUBJECT OF INVESTIGATION' 
_pdbx_entity_instance_feature.details        ? 
# 
loop_
_pdbx_nonpoly_scheme.asym_id 
_pdbx_nonpoly_scheme.entity_id 
_pdbx_nonpoly_scheme.mon_id 
_pdbx_nonpoly_scheme.ndb_seq_num 
_pdbx_nonpoly_scheme.pdb_seq_num 
_pdbx_nonpoly_scheme.auth_seq_num 
_pdbx_nonpoly_scheme.pdb_mon_id 
_pdbx_nonpoly_scheme.auth_mon_id 
_pdbx_nonpoly_scheme.pdb_strand_id 
_pdbx_nonpoly_scheme.pdb_ins_code 
E 3 ZN  1  101 101 ZN  ZN  A . 
F 3 ZN  1  102 102 ZN  ZN  A . 
G 3 ZN  1  101 101 ZN  ZN  B . 
H 3 ZN  1  102 102 ZN  ZN  B . 
I 4 HOH 1  201 201 HOH HOH A . 
I 4 HOH 2  202 202 HOH HOH A . 
I 4 HOH 3  203 203 HOH HOH A . 
I 4 HOH 4  204 204 HOH HOH A . 
I 4 HOH 5  205 205 HOH HOH A . 
I 4 HOH 6  206 206 HOH HOH A . 
I 4 HOH 7  207 207 HOH HOH A . 
I 4 HOH 8  208 208 HOH HOH A . 
I 4 HOH 9  209 209 HOH HOH A . 
I 4 HOH 10 210 210 HOH HOH A . 
I 4 HOH 11 211 211 HOH HOH A . 
I 4 HOH 12 212 212 HOH HOH A . 
I 4 HOH 13 213 213 HOH HOH A . 
I 4 HOH 14 214 214 HOH HOH A . 
I 4 HOH 15 215 215 HOH HOH A . 
I 4 HOH 16 216 216 HOH HOH A . 
I 4 HOH 17 217 217 HOH HOH A . 
I 4 HOH 18 218 218 HOH HOH A . 
I 4 HOH 19 219 219 HOH HOH A . 
I 4 HOH 20 220 220 HOH HOH A . 
I 4 HOH 21 221 221 HOH HOH A . 
I 4 HOH 22 222 222 HOH HOH A . 
I 4 HOH 23 223 223 HOH HOH A . 
I 4 HOH 24 224 224 HOH HOH A . 
I 4 HOH 25 225 225 HOH HOH A . 
I 4 HOH 26 226 226 HOH HOH A . 
I 4 HOH 27 227 227 HOH HOH A . 
I 4 HOH 28 228 228 HOH HOH A . 
I 4 HOH 29 229 229 HOH HOH A . 
I 4 HOH 30 230 230 HOH HOH A . 
I 4 HOH 31 231 231 HOH HOH A . 
I 4 HOH 32 232 232 HOH HOH A . 
I 4 HOH 33 233 233 HOH HOH A . 
I 4 HOH 34 234 234 HOH HOH A . 
I 4 HOH 35 235 235 HOH HOH A . 
I 4 HOH 36 236 236 HOH HOH A . 
I 4 HOH 37 237 237 HOH HOH A . 
I 4 HOH 38 238 238 HOH HOH A . 
I 4 HOH 39 239 239 HOH HOH A . 
I 4 HOH 40 240 240 HOH HOH A . 
I 4 HOH 41 241 241 HOH HOH A . 
I 4 HOH 42 242 242 HOH HOH A . 
J 4 HOH 1  201 201 HOH HOH B . 
J 4 HOH 2  202 202 HOH HOH B . 
J 4 HOH 3  203 203 HOH HOH B . 
J 4 HOH 4  204 204 HOH HOH B . 
J 4 HOH 5  205 205 HOH HOH B . 
J 4 HOH 6  206 206 HOH HOH B . 
J 4 HOH 7  207 207 HOH HOH B . 
J 4 HOH 8  208 208 HOH HOH B . 
J 4 HOH 9  209 209 HOH HOH B . 
J 4 HOH 10 210 210 HOH HOH B . 
J 4 HOH 11 211 211 HOH HOH B . 
J 4 HOH 12 212 212 HOH HOH B . 
J 4 HOH 13 213 213 HOH HOH B . 
J 4 HOH 14 214 214 HOH HOH B . 
J 4 HOH 15 215 215 HOH HOH B . 
J 4 HOH 16 216 216 HOH HOH B . 
J 4 HOH 17 217 217 HOH HOH B . 
J 4 HOH 18 218 218 HOH HOH B . 
J 4 HOH 19 219 219 HOH HOH B . 
J 4 HOH 20 220 220 HOH HOH B . 
J 4 HOH 21 221 221 HOH HOH B . 
J 4 HOH 22 222 222 HOH HOH B . 
J 4 HOH 23 223 223 HOH HOH B . 
J 4 HOH 24 224 224 HOH HOH B . 
J 4 HOH 25 225 225 HOH HOH B . 
J 4 HOH 26 226 226 HOH HOH B . 
J 4 HOH 27 227 227 HOH HOH B . 
J 4 HOH 28 228 228 HOH HOH B . 
J 4 HOH 29 229 229 HOH HOH B . 
J 4 HOH 30 230 230 HOH HOH B . 
J 4 HOH 31 231 231 HOH HOH B . 
J 4 HOH 32 232 232 HOH HOH B . 
J 4 HOH 33 233 233 HOH HOH B . 
J 4 HOH 34 234 234 HOH HOH B . 
J 4 HOH 35 235 235 HOH HOH B . 
J 4 HOH 36 236 236 HOH HOH B . 
J 4 HOH 37 237 237 HOH HOH B . 
J 4 HOH 38 238 238 HOH HOH B . 
K 4 HOH 1  101 101 HOH HOH T . 
K 4 HOH 2  102 102 HOH HOH T . 
K 4 HOH 3  103 103 HOH HOH T . 
K 4 HOH 4  104 104 HOH HOH T . 
K 4 HOH 5  105 105 HOH HOH T . 
K 4 HOH 6  106 106 HOH HOH T . 
L 4 HOH 1  101 101 HOH HOH P . 
L 4 HOH 2  102 102 HOH HOH P . 
L 4 HOH 3  103 103 HOH HOH P . 
L 4 HOH 4  104 104 HOH HOH P . 
L 4 HOH 5  105 105 HOH HOH P . 
L 4 HOH 6  106 106 HOH HOH P . 
L 4 HOH 7  107 107 HOH HOH P . 
# 
loop_
_software.citation_id 
_software.classification 
_software.compiler_name 
_software.compiler_version 
_software.contact_author 
_software.contact_author_email 
_software.date 
_software.description 
_software.dependencies 
_software.hardware 
_software.language 
_software.location 
_software.mods 
_software.name 
_software.os 
_software.os_version 
_software.type 
_software.version 
_software.pdbx_ordinal 
? refinement       ? ? ? ? ? ? ? ? ? ? ? PHENIX  ? ? ? 1.18.2_3874 1 
? 'data reduction' ? ? ? ? ? ? ? ? ? ? ? iMOSFLM ? ? ? .           2 
? 'data scaling'   ? ? ? ? ? ? ? ? ? ? ? SCALA   ? ? ? .           3 
? phasing          ? ? ? ? ? ? ? ? ? ? ? PHASER  ? ? ? .           4 
# 
_cell.angle_alpha                  90.000 
_cell.angle_alpha_esd              ? 
_cell.angle_beta                   90.000 
_cell.angle_beta_esd               ? 
_cell.angle_gamma                  90.000 
_cell.angle_gamma_esd              ? 
_cell.entry_id                     8VLD 
_cell.details                      ? 
_cell.formula_units_Z              ? 
_cell.length_a                     49.960 
_cell.length_a_esd                 ? 
_cell.length_b                     49.960 
_cell.length_b_esd                 ? 
_cell.length_c                     46.050 
_cell.length_c_esd                 ? 
_cell.volume                       114940.414 
_cell.volume_esd                   ? 
_cell.Z_PDB                        8 
_cell.reciprocal_angle_alpha       ? 
_cell.reciprocal_angle_beta        ? 
_cell.reciprocal_angle_gamma       ? 
_cell.reciprocal_angle_alpha_esd   ? 
_cell.reciprocal_angle_beta_esd    ? 
_cell.reciprocal_angle_gamma_esd   ? 
_cell.reciprocal_length_a          ? 
_cell.reciprocal_length_b          ? 
_cell.reciprocal_length_c          ? 
_cell.reciprocal_length_a_esd      ? 
_cell.reciprocal_length_b_esd      ? 
_cell.reciprocal_length_c_esd      ? 
_cell.pdbx_unique_axis             ? 
_cell.pdbx_esd_method              ? 
# 
_symmetry.entry_id                         8VLD 
_symmetry.cell_setting                     ? 
_symmetry.Int_Tables_number                78 
_symmetry.space_group_name_Hall            'P 4cw' 
_symmetry.space_group_name_H-M             'P 43' 
_symmetry.pdbx_full_space_group_name_H-M   ? 
# 
_exptl.absorpt_coefficient_mu     ? 
_exptl.absorpt_correction_T_max   ? 
_exptl.absorpt_correction_T_min   ? 
_exptl.absorpt_correction_type    ? 
_exptl.absorpt_process_details    ? 
_exptl.entry_id                   8VLD 
_exptl.crystals_number            1 
_exptl.details                    ? 
_exptl.method                     'X-RAY DIFFRACTION' 
_exptl.method_details             ? 
# 
_exptl_crystal.colour                       ? 
_exptl_crystal.density_diffrn               ? 
_exptl_crystal.density_Matthews             1.85 
_exptl_crystal.density_method               ? 
_exptl_crystal.density_percent_sol          33.66 
_exptl_crystal.description                  ? 
_exptl_crystal.F_000                        ? 
_exptl_crystal.id                           1 
_exptl_crystal.preparation                  ? 
_exptl_crystal.size_max                     ? 
_exptl_crystal.size_mid                     ? 
_exptl_crystal.size_min                     ? 
_exptl_crystal.size_rad                     ? 
_exptl_crystal.colour_lustre                ? 
_exptl_crystal.colour_modifier              ? 
_exptl_crystal.colour_primary               ? 
_exptl_crystal.density_meas                 ? 
_exptl_crystal.density_meas_esd             ? 
_exptl_crystal.density_meas_gt              ? 
_exptl_crystal.density_meas_lt              ? 
_exptl_crystal.density_meas_temp            ? 
_exptl_crystal.density_meas_temp_esd        ? 
_exptl_crystal.density_meas_temp_gt         ? 
_exptl_crystal.density_meas_temp_lt         ? 
_exptl_crystal.pdbx_crystal_image_url       ? 
_exptl_crystal.pdbx_crystal_image_format    ? 
_exptl_crystal.pdbx_mosaicity               ? 
_exptl_crystal.pdbx_mosaicity_esd           ? 
_exptl_crystal.pdbx_mosaic_method           ? 
_exptl_crystal.pdbx_mosaic_block_size       ? 
_exptl_crystal.pdbx_mosaic_block_size_esd   ? 
# 
_exptl_crystal_grow.apparatus       ? 
_exptl_crystal_grow.atmosphere      ? 
_exptl_crystal_grow.crystal_id      1 
_exptl_crystal_grow.details         ? 
_exptl_crystal_grow.method          'VAPOR DIFFUSION, HANGING DROP' 
_exptl_crystal_grow.method_ref      ? 
_exptl_crystal_grow.pH              ? 
_exptl_crystal_grow.pressure        ? 
_exptl_crystal_grow.pressure_esd    ? 
_exptl_crystal_grow.seeding         ? 
_exptl_crystal_grow.seeding_ref     ? 
_exptl_crystal_grow.temp_details    ? 
_exptl_crystal_grow.temp_esd        ? 
_exptl_crystal_grow.time            ? 
_exptl_crystal_grow.pdbx_details    '1.6 M sodium citrate pH 6.5' 
_exptl_crystal_grow.pdbx_pH_range   6.5 
_exptl_crystal_grow.temp            277 
# 
_diffrn.ambient_environment              ? 
_diffrn.ambient_temp                     100 
_diffrn.ambient_temp_details             ? 
_diffrn.ambient_temp_esd                 ? 
_diffrn.crystal_id                       1 
_diffrn.crystal_support                  ? 
_diffrn.crystal_treatment                ? 
_diffrn.details                          ? 
_diffrn.id                               1 
_diffrn.ambient_pressure                 ? 
_diffrn.ambient_pressure_esd             ? 
_diffrn.ambient_pressure_gt              ? 
_diffrn.ambient_pressure_lt              ? 
_diffrn.ambient_temp_gt                  ? 
_diffrn.ambient_temp_lt                  ? 
_diffrn.pdbx_serial_crystal_experiment   N 
# 
_diffrn_detector.details                      ? 
_diffrn_detector.detector                     PIXEL 
_diffrn_detector.diffrn_id                    1 
_diffrn_detector.type                         'DECTRIS PILATUS3 6M' 
_diffrn_detector.area_resol_mean              ? 
_diffrn_detector.dtime                        ? 
_diffrn_detector.pdbx_frames_total            ? 
_diffrn_detector.pdbx_collection_time_total   ? 
_diffrn_detector.pdbx_collection_date         2014-08-03 
_diffrn_detector.pdbx_frequency               ? 
_diffrn_detector.id                           ? 
_diffrn_detector.number_of_axes               ? 
# 
_diffrn_radiation.collimation                      ? 
_diffrn_radiation.diffrn_id                        1 
_diffrn_radiation.filter_edge                      ? 
_diffrn_radiation.inhomogeneity                    ? 
_diffrn_radiation.monochromator                    ? 
_diffrn_radiation.polarisn_norm                    ? 
_diffrn_radiation.polarisn_ratio                   ? 
_diffrn_radiation.probe                            ? 
_diffrn_radiation.type                             ? 
_diffrn_radiation.xray_symbol                      ? 
_diffrn_radiation.wavelength_id                    1 
_diffrn_radiation.pdbx_monochromatic_or_laue_m_l   M 
_diffrn_radiation.pdbx_wavelength_list             ? 
_diffrn_radiation.pdbx_wavelength                  ? 
_diffrn_radiation.pdbx_diffrn_protocol             'SINGLE WAVELENGTH' 
_diffrn_radiation.pdbx_analyzer                    ? 
_diffrn_radiation.pdbx_scattering_type             x-ray 
# 
_diffrn_radiation_wavelength.id           1 
_diffrn_radiation_wavelength.wavelength   1.28 
_diffrn_radiation_wavelength.wt           1.0 
# 
_diffrn_source.current                     ? 
_diffrn_source.details                     ? 
_diffrn_source.diffrn_id                   1 
_diffrn_source.power                       ? 
_diffrn_source.size                        ? 
_diffrn_source.source                      SYNCHROTRON 
_diffrn_source.target                      ? 
_diffrn_source.type                        'NSLS BEAMLINE X25' 
_diffrn_source.voltage                     ? 
_diffrn_source.take-off_angle              ? 
_diffrn_source.pdbx_wavelength_list        1.28 
_diffrn_source.pdbx_wavelength             ? 
_diffrn_source.pdbx_synchrotron_beamline   X25 
_diffrn_source.pdbx_synchrotron_site       NSLS 
# 
_reflns.B_iso_Wilson_estimate                          23.98 
_reflns.entry_id                                       8VLD 
_reflns.data_reduction_details                         ? 
_reflns.data_reduction_method                          ? 
_reflns.d_resolution_high                              1.92 
_reflns.d_resolution_low                               35.33 
_reflns.details                                        ? 
_reflns.limit_h_max                                    ? 
_reflns.limit_h_min                                    ? 
_reflns.limit_k_max                                    ? 
_reflns.limit_k_min                                    ? 
_reflns.limit_l_max                                    ? 
_reflns.limit_l_min                                    ? 
_reflns.number_all                                     ? 
_reflns.number_obs                                     16874 
_reflns.observed_criterion                             ? 
_reflns.observed_criterion_F_max                       ? 
_reflns.observed_criterion_F_min                       ? 
_reflns.observed_criterion_I_max                       ? 
_reflns.observed_criterion_I_min                       ? 
_reflns.observed_criterion_sigma_F                     ? 
_reflns.observed_criterion_sigma_I                     ? 
_reflns.percent_possible_obs                           99.8 
_reflns.R_free_details                                 ? 
_reflns.Rmerge_F_all                                   ? 
_reflns.Rmerge_F_obs                                   ? 
_reflns.Friedel_coverage                               ? 
_reflns.number_gt                                      ? 
_reflns.threshold_expression                           ? 
_reflns.pdbx_redundancy                                18 
_reflns.pdbx_netI_over_av_sigmaI                       ? 
_reflns.pdbx_netI_over_sigmaI                          31 
_reflns.pdbx_res_netI_over_av_sigmaI_2                 ? 
_reflns.pdbx_res_netI_over_sigmaI_2                    ? 
_reflns.pdbx_chi_squared                               ? 
_reflns.pdbx_scaling_rejects                           ? 
_reflns.pdbx_d_res_high_opt                            ? 
_reflns.pdbx_d_res_low_opt                             ? 
_reflns.pdbx_d_res_opt_method                          ? 
_reflns.phase_calculation_details                      ? 
_reflns.pdbx_Rrim_I_all                                ? 
_reflns.pdbx_Rpim_I_all                                ? 
_reflns.pdbx_d_opt                                     ? 
_reflns.pdbx_number_measured_all                       ? 
_reflns.pdbx_diffrn_id                                 1 
_reflns.pdbx_ordinal                                   1 
_reflns.pdbx_CC_half                                   ? 
_reflns.pdbx_CC_star                                   ? 
_reflns.pdbx_R_split                                   ? 
_reflns.pdbx_Rmerge_I_obs                              0.06 
_reflns.pdbx_Rmerge_I_all                              ? 
_reflns.pdbx_Rsym_value                                ? 
_reflns.pdbx_CC_split_method                           ? 
_reflns.pdbx_aniso_diffraction_limit_axis_1_ortho[1]   ? 
_reflns.pdbx_aniso_diffraction_limit_axis_1_ortho[2]   ? 
_reflns.pdbx_aniso_diffraction_limit_axis_1_ortho[3]   ? 
_reflns.pdbx_aniso_diffraction_limit_axis_2_ortho[1]   ? 
_reflns.pdbx_aniso_diffraction_limit_axis_2_ortho[2]   ? 
_reflns.pdbx_aniso_diffraction_limit_axis_2_ortho[3]   ? 
_reflns.pdbx_aniso_diffraction_limit_axis_3_ortho[1]   ? 
_reflns.pdbx_aniso_diffraction_limit_axis_3_ortho[2]   ? 
_reflns.pdbx_aniso_diffraction_limit_axis_3_ortho[3]   ? 
_reflns.pdbx_aniso_diffraction_limit_1                 ? 
_reflns.pdbx_aniso_diffraction_limit_2                 ? 
_reflns.pdbx_aniso_diffraction_limit_3                 ? 
_reflns.pdbx_aniso_B_tensor_eigenvector_1_ortho[1]     ? 
_reflns.pdbx_aniso_B_tensor_eigenvector_1_ortho[2]     ? 
_reflns.pdbx_aniso_B_tensor_eigenvector_1_ortho[3]     ? 
_reflns.pdbx_aniso_B_tensor_eigenvector_2_ortho[1]     ? 
_reflns.pdbx_aniso_B_tensor_eigenvector_2_ortho[2]     ? 
_reflns.pdbx_aniso_B_tensor_eigenvector_2_ortho[3]     ? 
_reflns.pdbx_aniso_B_tensor_eigenvector_3_ortho[1]     ? 
_reflns.pdbx_aniso_B_tensor_eigenvector_3_ortho[2]     ? 
_reflns.pdbx_aniso_B_tensor_eigenvector_3_ortho[3]     ? 
_reflns.pdbx_aniso_B_tensor_eigenvalue_1               ? 
_reflns.pdbx_aniso_B_tensor_eigenvalue_2               ? 
_reflns.pdbx_aniso_B_tensor_eigenvalue_3               ? 
_reflns.pdbx_orthogonalization_convention              ? 
_reflns.pdbx_percent_possible_ellipsoidal              ? 
_reflns.pdbx_percent_possible_spherical                ? 
_reflns.pdbx_percent_possible_ellipsoidal_anomalous    ? 
_reflns.pdbx_percent_possible_spherical_anomalous      ? 
_reflns.pdbx_redundancy_anomalous                      ? 
_reflns.pdbx_CC_half_anomalous                         ? 
_reflns.pdbx_absDiff_over_sigma_anomalous              ? 
_reflns.pdbx_percent_possible_anomalous                ? 
_reflns.pdbx_observed_signal_threshold                 ? 
_reflns.pdbx_signal_type                               ? 
_reflns.pdbx_signal_details                            ? 
_reflns.pdbx_signal_software_id                        ? 
# 
_reflns_shell.d_res_high                                    1.92 
_reflns_shell.d_res_low                                     1.99 
_reflns_shell.meanI_over_sigI_all                           ? 
_reflns_shell.meanI_over_sigI_obs                           12.3 
_reflns_shell.number_measured_all                           ? 
_reflns_shell.number_measured_obs                           ? 
_reflns_shell.number_possible                               ? 
_reflns_shell.number_unique_all                             ? 
_reflns_shell.number_unique_obs                             849 
_reflns_shell.percent_possible_obs                          ? 
_reflns_shell.Rmerge_F_all                                  ? 
_reflns_shell.Rmerge_F_obs                                  ? 
_reflns_shell.meanI_over_sigI_gt                            ? 
_reflns_shell.meanI_over_uI_all                             ? 
_reflns_shell.meanI_over_uI_gt                              ? 
_reflns_shell.number_measured_gt                            ? 
_reflns_shell.number_unique_gt                              ? 
_reflns_shell.percent_possible_gt                           ? 
_reflns_shell.Rmerge_F_gt                                   ? 
_reflns_shell.Rmerge_I_gt                                   ? 
_reflns_shell.pdbx_redundancy                               ? 
_reflns_shell.pdbx_chi_squared                              ? 
_reflns_shell.pdbx_netI_over_sigmaI_all                     ? 
_reflns_shell.pdbx_netI_over_sigmaI_obs                     ? 
_reflns_shell.pdbx_Rrim_I_all                               ? 
_reflns_shell.pdbx_Rpim_I_all                               ? 
_reflns_shell.pdbx_rejects                                  ? 
_reflns_shell.pdbx_ordinal                                  1 
_reflns_shell.pdbx_diffrn_id                                1 
_reflns_shell.pdbx_CC_half                                  ? 
_reflns_shell.pdbx_CC_star                                  ? 
_reflns_shell.pdbx_R_split                                  ? 
_reflns_shell.percent_possible_all                          ? 
_reflns_shell.Rmerge_I_all                                  ? 
_reflns_shell.Rmerge_I_obs                                  0.096 
_reflns_shell.pdbx_Rsym_value                               ? 
_reflns_shell.pdbx_percent_possible_ellipsoidal             ? 
_reflns_shell.pdbx_percent_possible_spherical               ? 
_reflns_shell.pdbx_percent_possible_ellipsoidal_anomalous   ? 
_reflns_shell.pdbx_percent_possible_spherical_anomalous     ? 
_reflns_shell.pdbx_redundancy_anomalous                     ? 
_reflns_shell.pdbx_CC_half_anomalous                        ? 
_reflns_shell.pdbx_absDiff_over_sigma_anomalous             ? 
_reflns_shell.pdbx_percent_possible_anomalous               ? 
# 
_refine.aniso_B[1][1]                            ? 
_refine.aniso_B[1][2]                            ? 
_refine.aniso_B[1][3]                            ? 
_refine.aniso_B[2][2]                            ? 
_refine.aniso_B[2][3]                            ? 
_refine.aniso_B[3][3]                            ? 
_refine.B_iso_max                                ? 
_refine.B_iso_mean                               29.27 
_refine.B_iso_min                                ? 
_refine.correlation_coeff_Fo_to_Fc               ? 
_refine.correlation_coeff_Fo_to_Fc_free          ? 
_refine.details                                  ? 
_refine.diff_density_max                         ? 
_refine.diff_density_max_esd                     ? 
_refine.diff_density_min                         ? 
_refine.diff_density_min_esd                     ? 
_refine.diff_density_rms                         ? 
_refine.diff_density_rms_esd                     ? 
_refine.entry_id                                 8VLD 
_refine.pdbx_refine_id                           'X-RAY DIFFRACTION' 
_refine.ls_abs_structure_details                 ? 
_refine.ls_abs_structure_Flack                   ? 
_refine.ls_abs_structure_Flack_esd               ? 
_refine.ls_abs_structure_Rogers                  ? 
_refine.ls_abs_structure_Rogers_esd              ? 
_refine.ls_d_res_high                            1.92 
_refine.ls_d_res_low                             35.33 
_refine.ls_extinction_coef                       ? 
_refine.ls_extinction_coef_esd                   ? 
_refine.ls_extinction_expression                 ? 
_refine.ls_extinction_method                     ? 
_refine.ls_goodness_of_fit_all                   ? 
_refine.ls_goodness_of_fit_all_esd               ? 
_refine.ls_goodness_of_fit_obs                   ? 
_refine.ls_goodness_of_fit_obs_esd               ? 
_refine.ls_hydrogen_treatment                    ? 
_refine.ls_matrix_type                           ? 
_refine.ls_number_constraints                    ? 
_refine.ls_number_parameters                     ? 
_refine.ls_number_reflns_all                     ? 
_refine.ls_number_reflns_obs                     16874 
_refine.ls_number_reflns_R_free                  836 
_refine.ls_number_reflns_R_work                  16038 
_refine.ls_number_restraints                     ? 
_refine.ls_percent_reflns_obs                    99.29 
_refine.ls_percent_reflns_R_free                 4.95 
_refine.ls_R_factor_all                          ? 
_refine.ls_R_factor_obs                          0.2034 
_refine.ls_R_factor_R_free                       0.2491 
_refine.ls_R_factor_R_free_error                 ? 
_refine.ls_R_factor_R_free_error_details         ? 
_refine.ls_R_factor_R_work                       0.2007 
_refine.ls_R_Fsqd_factor_obs                     ? 
_refine.ls_R_I_factor_obs                        ? 
_refine.ls_redundancy_reflns_all                 ? 
_refine.ls_redundancy_reflns_obs                 ? 
_refine.ls_restrained_S_all                      ? 
_refine.ls_restrained_S_obs                      ? 
_refine.ls_shift_over_esd_max                    ? 
_refine.ls_shift_over_esd_mean                   ? 
_refine.ls_structure_factor_coef                 ? 
_refine.ls_weighting_details                     ? 
_refine.ls_weighting_scheme                      ? 
_refine.ls_wR_factor_all                         ? 
_refine.ls_wR_factor_obs                         ? 
_refine.ls_wR_factor_R_free                      ? 
_refine.ls_wR_factor_R_work                      ? 
_refine.occupancy_max                            ? 
_refine.occupancy_min                            ? 
_refine.solvent_model_details                    'FLAT BULK SOLVENT MODEL' 
_refine.solvent_model_param_bsol                 ? 
_refine.solvent_model_param_ksol                 ? 
_refine.pdbx_R_complete                          ? 
_refine.ls_R_factor_gt                           ? 
_refine.ls_goodness_of_fit_gt                    ? 
_refine.ls_goodness_of_fit_ref                   ? 
_refine.ls_shift_over_su_max                     ? 
_refine.ls_shift_over_su_max_lt                  ? 
_refine.ls_shift_over_su_mean                    ? 
_refine.ls_shift_over_su_mean_lt                 ? 
_refine.pdbx_ls_sigma_I                          ? 
_refine.pdbx_ls_sigma_F                          1.44 
_refine.pdbx_ls_sigma_Fsqd                       ? 
_refine.pdbx_data_cutoff_high_absF               ? 
_refine.pdbx_data_cutoff_high_rms_absF           ? 
_refine.pdbx_data_cutoff_low_absF                ? 
_refine.pdbx_isotropic_thermal_model             ? 
_refine.pdbx_ls_cross_valid_method               'FREE R-VALUE' 
_refine.pdbx_method_to_determine_struct          SAD 
_refine.pdbx_starting_model                      ? 
_refine.pdbx_stereochemistry_target_values       'GeoStd + Monomer Library + CDL v1.2' 
_refine.pdbx_R_Free_selection_details            ? 
_refine.pdbx_stereochem_target_val_spec_case     ? 
_refine.pdbx_overall_ESU_R                       ? 
_refine.pdbx_overall_ESU_R_Free                  ? 
_refine.pdbx_solvent_vdw_probe_radii             1.1100 
_refine.pdbx_solvent_ion_probe_radii             ? 
_refine.pdbx_solvent_shrinkage_radii             0.9000 
_refine.pdbx_real_space_R                        ? 
_refine.pdbx_density_correlation                 ? 
_refine.pdbx_pd_number_of_powder_patterns        ? 
_refine.pdbx_pd_number_of_points                 ? 
_refine.pdbx_pd_meas_number_of_points            ? 
_refine.pdbx_pd_proc_ls_prof_R_factor            ? 
_refine.pdbx_pd_proc_ls_prof_wR_factor           ? 
_refine.pdbx_pd_Marquardt_correlation_coeff      ? 
_refine.pdbx_pd_Fsqrd_R_factor                   ? 
_refine.pdbx_pd_ls_matrix_band_width             ? 
_refine.pdbx_overall_phase_error                 33.6808 
_refine.pdbx_overall_SU_R_free_Cruickshank_DPI   ? 
_refine.pdbx_overall_SU_R_free_Blow_DPI          ? 
_refine.pdbx_overall_SU_R_Blow_DPI               ? 
_refine.pdbx_TLS_residual_ADP_flag               ? 
_refine.pdbx_diffrn_id                           1 
_refine.overall_SU_B                             ? 
_refine.overall_SU_ML                            0.1573 
_refine.overall_SU_R_Cruickshank_DPI             ? 
_refine.overall_SU_R_free                        ? 
_refine.overall_FOM_free_R_set                   ? 
_refine.overall_FOM_work_R_set                   ? 
_refine.pdbx_average_fsc_overall                 ? 
_refine.pdbx_average_fsc_work                    ? 
_refine.pdbx_average_fsc_free                    ? 
# 
_refine_hist.pdbx_refine_id                   'X-RAY DIFFRACTION' 
_refine_hist.cycle_id                         LAST 
_refine_hist.details                          ? 
_refine_hist.d_res_high                       1.92 
_refine_hist.d_res_low                        35.33 
_refine_hist.number_atoms_solvent             93 
_refine_hist.number_atoms_total               1025 
_refine_hist.number_reflns_all                ? 
_refine_hist.number_reflns_obs                ? 
_refine_hist.number_reflns_R_free             ? 
_refine_hist.number_reflns_R_work             ? 
_refine_hist.R_factor_all                     ? 
_refine_hist.R_factor_obs                     ? 
_refine_hist.R_factor_R_free                  ? 
_refine_hist.R_factor_R_work                  ? 
_refine_hist.pdbx_number_residues_total       ? 
_refine_hist.pdbx_B_iso_mean_ligand           ? 
_refine_hist.pdbx_B_iso_mean_solvent          ? 
_refine_hist.pdbx_number_atoms_protein        928 
_refine_hist.pdbx_number_atoms_nucleic_acid   0 
_refine_hist.pdbx_number_atoms_ligand         4 
_refine_hist.pdbx_number_atoms_lipid          ? 
_refine_hist.pdbx_number_atoms_carb           ? 
_refine_hist.pdbx_pseudo_atom_details         ? 
# 
loop_
_refine_ls_restr.pdbx_refine_id 
_refine_ls_restr.criterion 
_refine_ls_restr.dev_ideal 
_refine_ls_restr.dev_ideal_target 
_refine_ls_restr.number 
_refine_ls_restr.rejects 
_refine_ls_restr.type 
_refine_ls_restr.weight 
_refine_ls_restr.pdbx_restraint_function 
'X-RAY DIFFRACTION' ? 0.0046 ? 951  ? f_bond_d           ? ? 
'X-RAY DIFFRACTION' ? 0.9111 ? 1282 ? f_angle_d          ? ? 
'X-RAY DIFFRACTION' ? 0.0564 ? 140  ? f_chiral_restr     ? ? 
'X-RAY DIFFRACTION' ? 0.0061 ? 166  ? f_plane_restr      ? ? 
'X-RAY DIFFRACTION' ? 5.1123 ? 136  ? f_dihedral_angle_d ? ? 
# 
loop_
_refine_ls_shell.pdbx_refine_id 
_refine_ls_shell.d_res_high 
_refine_ls_shell.d_res_low 
_refine_ls_shell.number_reflns_all 
_refine_ls_shell.number_reflns_obs 
_refine_ls_shell.number_reflns_R_free 
_refine_ls_shell.number_reflns_R_work 
_refine_ls_shell.percent_reflns_obs 
_refine_ls_shell.percent_reflns_R_free 
_refine_ls_shell.R_factor_all 
_refine_ls_shell.R_factor_obs 
_refine_ls_shell.R_factor_R_free_error 
_refine_ls_shell.R_factor_R_work 
_refine_ls_shell.redundancy_reflns_all 
_refine_ls_shell.redundancy_reflns_obs 
_refine_ls_shell.wR_factor_all 
_refine_ls_shell.wR_factor_obs 
_refine_ls_shell.wR_factor_R_free 
_refine_ls_shell.wR_factor_R_work 
_refine_ls_shell.pdbx_R_complete 
_refine_ls_shell.pdbx_total_number_of_bins_used 
_refine_ls_shell.pdbx_phase_error 
_refine_ls_shell.pdbx_fsc_work 
_refine_ls_shell.pdbx_fsc_free 
_refine_ls_shell.R_factor_R_free 
'X-RAY DIFFRACTION' 1.92 2.04  . . 120 2579 95.95  . . . . 0.2550 . . . . . . . . . . . 0.3235 
'X-RAY DIFFRACTION' 2.04 2.20  . . 147 2720 100.00 . . . . 0.2257 . . . . . . . . . . . 0.2895 
'X-RAY DIFFRACTION' 2.20 2.42  . . 142 2674 99.93  . . . . 0.2017 . . . . . . . . . . . 0.2440 
'X-RAY DIFFRACTION' 2.42 2.77  . . 142 2677 99.89  . . . . 0.2720 . . . . . . . . . . . 0.2856 
'X-RAY DIFFRACTION' 2.77 3.49  . . 142 2691 99.96  . . . . 0.2020 . . . . . . . . . . . 0.2170 
'X-RAY DIFFRACTION' 3.49 35.33 . . 143 2697 99.96  . . . . 0.1578 . . . . . . . . . . . 0.2354 
# 
_struct.entry_id                     8VLD 
_struct.title                        'Crystal structure of Ash1L PHD finger in complex with histone H3K4me2' 
_struct.pdbx_model_details           ? 
_struct.pdbx_formula_weight          ? 
_struct.pdbx_formula_weight_method   ? 
_struct.pdbx_model_type_details      ? 
_struct.pdbx_CASP_flag               N 
# 
_struct_keywords.entry_id        8VLD 
_struct_keywords.text            'Ash1L, H3K4me2, zinc finger, transcriptional regulation, TRANSFERASE' 
_struct_keywords.pdbx_keywords   TRANSFERASE 
# 
loop_
_struct_asym.id 
_struct_asym.pdbx_blank_PDB_chainid_flag 
_struct_asym.pdbx_modified 
_struct_asym.entity_id 
_struct_asym.details 
A N N 1 ? 
B N N 1 ? 
C N N 2 ? 
D N N 2 ? 
E N N 3 ? 
F N N 3 ? 
G N N 3 ? 
H N N 3 ? 
I N N 4 ? 
J N N 4 ? 
K N N 4 ? 
L N N 4 ? 
# 
loop_
_struct_ref.id 
_struct_ref.db_name 
_struct_ref.db_code 
_struct_ref.pdbx_db_accession 
_struct_ref.pdbx_db_isoform 
_struct_ref.entity_id 
_struct_ref.pdbx_seq_one_letter_code 
_struct_ref.pdbx_align_begin 
1 UNP ASH1L_HUMAN Q9NR48 ? 1 DVIRCICGLYKDEGLMIQCDKCMVWQHCDCMGVNSDVEHYLCEQCDPRPVDRE 2584 
2 UNP H3C_HUMAN   Q6NXT2 ? 2 ARTKQTARKST                                           2    
# 
loop_
_struct_ref_seq.align_id 
_struct_ref_seq.ref_id 
_struct_ref_seq.pdbx_PDB_id_code 
_struct_ref_seq.pdbx_strand_id 
_struct_ref_seq.seq_align_beg 
_struct_ref_seq.pdbx_seq_align_beg_ins_code 
_struct_ref_seq.seq_align_end 
_struct_ref_seq.pdbx_seq_align_end_ins_code 
_struct_ref_seq.pdbx_db_accession 
_struct_ref_seq.db_align_beg 
_struct_ref_seq.pdbx_db_align_beg_ins_code 
_struct_ref_seq.db_align_end 
_struct_ref_seq.pdbx_db_align_end_ins_code 
_struct_ref_seq.pdbx_auth_seq_align_beg 
_struct_ref_seq.pdbx_auth_seq_align_end 
1 1 8VLD A 4 ? 56 ? Q9NR48 2584 ? 2636 ? 4 56 
2 1 8VLD B 4 ? 56 ? Q9NR48 2584 ? 2636 ? 4 56 
3 2 8VLD T 1 ? 11 ? Q6NXT2 2    ? 12   ? 1 11 
4 2 8VLD P 1 ? 11 ? Q6NXT2 2    ? 12   ? 1 11 
# 
loop_
_struct_ref_seq_dif.align_id 
_struct_ref_seq_dif.pdbx_pdb_id_code 
_struct_ref_seq_dif.mon_id 
_struct_ref_seq_dif.pdbx_pdb_strand_id 
_struct_ref_seq_dif.seq_num 
_struct_ref_seq_dif.pdbx_pdb_ins_code 
_struct_ref_seq_dif.pdbx_seq_db_name 
_struct_ref_seq_dif.pdbx_seq_db_accession_code 
_struct_ref_seq_dif.db_mon_id 
_struct_ref_seq_dif.pdbx_seq_db_seq_num 
_struct_ref_seq_dif.details 
_struct_ref_seq_dif.pdbx_auth_seq_num 
_struct_ref_seq_dif.pdbx_ordinal 
1 8VLD GLY A 1 ? UNP Q9NR48 ? ? 'expression tag' 1 1 
1 8VLD PRO A 2 ? UNP Q9NR48 ? ? 'expression tag' 2 2 
1 8VLD LEU A 3 ? UNP Q9NR48 ? ? 'expression tag' 3 3 
2 8VLD GLY B 1 ? UNP Q9NR48 ? ? 'expression tag' 1 4 
2 8VLD PRO B 2 ? UNP Q9NR48 ? ? 'expression tag' 2 5 
2 8VLD LEU B 3 ? UNP Q9NR48 ? ? 'expression tag' 3 6 
# 
_pdbx_struct_assembly.id                   1 
_pdbx_struct_assembly.details              author_and_software_defined_assembly 
_pdbx_struct_assembly.method_details       PISA 
_pdbx_struct_assembly.oligomeric_details   tetrameric 
_pdbx_struct_assembly.oligomeric_count     4 
# 
loop_
_pdbx_struct_assembly_prop.biol_id 
_pdbx_struct_assembly_prop.type 
_pdbx_struct_assembly_prop.value 
_pdbx_struct_assembly_prop.details 
1 'ABSA (A^2)' 2800 ? 
1 MORE         -36  ? 
1 'SSA (A^2)'  7480 ? 
# 
_pdbx_struct_assembly_gen.assembly_id       1 
_pdbx_struct_assembly_gen.oper_expression   1 
_pdbx_struct_assembly_gen.asym_id_list      A,B,C,D,E,F,G,H,I,J,K,L 
# 
_pdbx_struct_assembly_auth_evidence.id                     1 
_pdbx_struct_assembly_auth_evidence.assembly_id            1 
_pdbx_struct_assembly_auth_evidence.experimental_support   none 
_pdbx_struct_assembly_auth_evidence.details                ? 
# 
_pdbx_struct_oper_list.id                   1 
_pdbx_struct_oper_list.type                 'identity operation' 
_pdbx_struct_oper_list.name                 1_555 
_pdbx_struct_oper_list.symmetry_operation   x,y,z 
_pdbx_struct_oper_list.matrix[1][1]         1.0000000000 
_pdbx_struct_oper_list.matrix[1][2]         0.0000000000 
_pdbx_struct_oper_list.matrix[1][3]         0.0000000000 
_pdbx_struct_oper_list.vector[1]            0.0000000000 
_pdbx_struct_oper_list.matrix[2][1]         0.0000000000 
_pdbx_struct_oper_list.matrix[2][2]         1.0000000000 
_pdbx_struct_oper_list.matrix[2][3]         0.0000000000 
_pdbx_struct_oper_list.vector[2]            0.0000000000 
_pdbx_struct_oper_list.matrix[3][1]         0.0000000000 
_pdbx_struct_oper_list.matrix[3][2]         0.0000000000 
_pdbx_struct_oper_list.matrix[3][3]         1.0000000000 
_pdbx_struct_oper_list.vector[3]            0.0000000000 
# 
loop_
_struct_conf.conf_type_id 
_struct_conf.id 
_struct_conf.pdbx_PDB_helix_id 
_struct_conf.beg_label_comp_id 
_struct_conf.beg_label_asym_id 
_struct_conf.beg_label_seq_id 
_struct_conf.pdbx_beg_PDB_ins_code 
_struct_conf.end_label_comp_id 
_struct_conf.end_label_asym_id 
_struct_conf.end_label_seq_id 
_struct_conf.pdbx_end_PDB_ins_code 
_struct_conf.beg_auth_comp_id 
_struct_conf.beg_auth_asym_id 
_struct_conf.beg_auth_seq_id 
_struct_conf.end_auth_comp_id 
_struct_conf.end_auth_asym_id 
_struct_conf.end_auth_seq_id 
_struct_conf.pdbx_PDB_helix_class 
_struct_conf.details 
_struct_conf.pdbx_PDB_helix_length 
HELX_P HELX_P1 AA1 CYS A 31 ? GLY A 35 ? CYS A 31 GLY A 35 1 ? 5 
HELX_P HELX_P2 AA2 CYS B 31 ? GLY B 35 ? CYS B 31 GLY B 35 1 ? 5 
# 
_struct_conf_type.id          HELX_P 
_struct_conf_type.criteria    ? 
_struct_conf_type.reference   ? 
# 
loop_
_struct_conn.id 
_struct_conn.conn_type_id 
_struct_conn.pdbx_leaving_atom_flag 
_struct_conn.pdbx_PDB_id 
_struct_conn.ptnr1_label_asym_id 
_struct_conn.ptnr1_label_comp_id 
_struct_conn.ptnr1_label_seq_id 
_struct_conn.ptnr1_label_atom_id 
_struct_conn.pdbx_ptnr1_label_alt_id 
_struct_conn.pdbx_ptnr1_PDB_ins_code 
_struct_conn.pdbx_ptnr1_standard_comp_id 
_struct_conn.ptnr1_symmetry 
_struct_conn.ptnr2_label_asym_id 
_struct_conn.ptnr2_label_comp_id 
_struct_conn.ptnr2_label_seq_id 
_struct_conn.ptnr2_label_atom_id 
_struct_conn.pdbx_ptnr2_label_alt_id 
_struct_conn.pdbx_ptnr2_PDB_ins_code 
_struct_conn.ptnr1_auth_asym_id 
_struct_conn.ptnr1_auth_comp_id 
_struct_conn.ptnr1_auth_seq_id 
_struct_conn.ptnr2_auth_asym_id 
_struct_conn.ptnr2_auth_comp_id 
_struct_conn.ptnr2_auth_seq_id 
_struct_conn.ptnr2_symmetry 
_struct_conn.pdbx_ptnr3_label_atom_id 
_struct_conn.pdbx_ptnr3_label_seq_id 
_struct_conn.pdbx_ptnr3_label_comp_id 
_struct_conn.pdbx_ptnr3_label_asym_id 
_struct_conn.pdbx_ptnr3_label_alt_id 
_struct_conn.pdbx_ptnr3_PDB_ins_code 
_struct_conn.details 
_struct_conn.pdbx_dist_value 
_struct_conn.pdbx_value_order 
_struct_conn.pdbx_role 
covale1  covale both ? C THR 3  C   ? ? ? 1_555 C MLY 4 N  ? ? T THR 3  T MLY 4   1_555 ? ? ? ? ? ? ? 1.325 ? ? 
covale2  covale both ? C MLY 4  C   ? ? ? 1_555 C GLN 5 N  ? ? T MLY 4  T GLN 5   1_555 ? ? ? ? ? ? ? 1.325 ? ? 
covale3  covale both ? D THR 3  C   ? ? ? 1_555 D MLY 4 N  ? ? P THR 3  P MLY 4   1_555 ? ? ? ? ? ? ? 1.327 ? ? 
covale4  covale both ? D MLY 4  C   ? ? ? 1_555 D GLN 5 N  ? ? P MLY 4  P GLN 5   1_555 ? ? ? ? ? ? ? 1.325 ? ? 
metalc1  metalc ?    ? A CYS 8  SG  ? ? ? 1_555 F ZN  . ZN ? ? A CYS 8  A ZN  102 1_555 ? ? ? ? ? ? ? 2.319 ? ? 
metalc2  metalc ?    ? A CYS 10 SG  ? ? ? 1_555 F ZN  . ZN ? ? A CYS 10 A ZN  102 1_555 ? ? ? ? ? ? ? 2.300 ? ? 
metalc3  metalc ?    ? A CYS 22 SG  ? ? ? 1_555 E ZN  . ZN ? ? A CYS 22 A ZN  101 1_555 ? ? ? ? ? ? ? 2.316 ? ? 
metalc4  metalc ?    ? A CYS 25 SG  ? ? ? 1_555 E ZN  . ZN ? ? A CYS 25 A ZN  101 1_555 ? ? ? ? ? ? ? 2.301 ? ? 
metalc5  metalc ?    ? A HIS 30 ND1 ? ? ? 1_555 F ZN  . ZN ? ? A HIS 30 A ZN  102 1_555 ? ? ? ? ? ? ? 2.005 ? ? 
metalc6  metalc ?    ? A CYS 33 SG  ? ? ? 1_555 F ZN  . ZN ? ? A CYS 33 A ZN  102 1_555 ? ? ? ? ? ? ? 2.327 ? ? 
metalc7  metalc ?    ? A CYS 45 SG  ? ? ? 1_555 E ZN  . ZN ? ? A CYS 45 A ZN  101 1_555 ? ? ? ? ? ? ? 2.328 ? ? 
metalc8  metalc ?    ? A CYS 48 SG  ? ? ? 1_555 E ZN  . ZN ? ? A CYS 48 A ZN  101 1_555 ? ? ? ? ? ? ? 2.322 ? ? 
metalc9  metalc ?    ? B CYS 8  SG  ? ? ? 1_555 G ZN  . ZN ? ? B CYS 8  B ZN  101 1_555 ? ? ? ? ? ? ? 2.317 ? ? 
metalc10 metalc ?    ? B CYS 10 SG  ? ? ? 1_555 G ZN  . ZN ? ? B CYS 10 B ZN  101 1_555 ? ? ? ? ? ? ? 2.300 ? ? 
metalc11 metalc ?    ? B CYS 22 SG  ? ? ? 1_555 H ZN  . ZN ? ? B CYS 22 B ZN  102 1_555 ? ? ? ? ? ? ? 2.312 ? ? 
metalc12 metalc ?    ? B CYS 25 SG  ? ? ? 1_555 H ZN  . ZN ? ? B CYS 25 B ZN  102 1_555 ? ? ? ? ? ? ? 2.302 ? ? 
metalc13 metalc ?    ? B HIS 30 ND1 ? ? ? 1_555 G ZN  . ZN ? ? B HIS 30 B ZN  101 1_555 ? ? ? ? ? ? ? 2.033 ? ? 
metalc14 metalc ?    ? B CYS 33 SG  ? ? ? 1_555 G ZN  . ZN ? ? B CYS 33 B ZN  101 1_555 ? ? ? ? ? ? ? 2.316 ? ? 
metalc15 metalc ?    ? B CYS 45 SG  ? ? ? 1_555 H ZN  . ZN ? ? B CYS 45 B ZN  102 1_555 ? ? ? ? ? ? ? 2.317 ? ? 
metalc16 metalc ?    ? B CYS 48 SG  ? ? ? 1_555 H ZN  . ZN ? ? B CYS 48 B ZN  102 1_555 ? ? ? ? ? ? ? 2.315 ? ? 
# 
loop_
_struct_conn_type.id 
_struct_conn_type.criteria 
_struct_conn_type.reference 
covale ? ? 
metalc ? ? 
# 
loop_
_pdbx_struct_conn_angle.id 
_pdbx_struct_conn_angle.ptnr1_label_atom_id 
_pdbx_struct_conn_angle.ptnr1_label_alt_id 
_pdbx_struct_conn_angle.ptnr1_label_asym_id 
_pdbx_struct_conn_angle.ptnr1_label_comp_id 
_pdbx_struct_conn_angle.ptnr1_label_seq_id 
_pdbx_struct_conn_angle.ptnr1_auth_atom_id 
_pdbx_struct_conn_angle.ptnr1_auth_asym_id 
_pdbx_struct_conn_angle.ptnr1_auth_comp_id 
_pdbx_struct_conn_angle.ptnr1_auth_seq_id 
_pdbx_struct_conn_angle.ptnr1_PDB_ins_code 
_pdbx_struct_conn_angle.ptnr1_symmetry 
_pdbx_struct_conn_angle.ptnr2_label_atom_id 
_pdbx_struct_conn_angle.ptnr2_label_alt_id 
_pdbx_struct_conn_angle.ptnr2_label_asym_id 
_pdbx_struct_conn_angle.ptnr2_label_comp_id 
_pdbx_struct_conn_angle.ptnr2_label_seq_id 
_pdbx_struct_conn_angle.ptnr2_auth_atom_id 
_pdbx_struct_conn_angle.ptnr2_auth_asym_id 
_pdbx_struct_conn_angle.ptnr2_auth_comp_id 
_pdbx_struct_conn_angle.ptnr2_auth_seq_id 
_pdbx_struct_conn_angle.ptnr2_PDB_ins_code 
_pdbx_struct_conn_angle.ptnr2_symmetry 
_pdbx_struct_conn_angle.ptnr3_label_atom_id 
_pdbx_struct_conn_angle.ptnr3_label_alt_id 
_pdbx_struct_conn_angle.ptnr3_label_asym_id 
_pdbx_struct_conn_angle.ptnr3_label_comp_id 
_pdbx_struct_conn_angle.ptnr3_label_seq_id 
_pdbx_struct_conn_angle.ptnr3_auth_atom_id 
_pdbx_struct_conn_angle.ptnr3_auth_asym_id 
_pdbx_struct_conn_angle.ptnr3_auth_comp_id 
_pdbx_struct_conn_angle.ptnr3_auth_seq_id 
_pdbx_struct_conn_angle.ptnr3_PDB_ins_code 
_pdbx_struct_conn_angle.ptnr3_symmetry 
_pdbx_struct_conn_angle.value 
_pdbx_struct_conn_angle.value_esd 
1  SG  ? A CYS 8  ? A CYS 8  ? 1_555 ZN ? F ZN . ? A ZN 102 ? 1_555 SG  ? A CYS 10 ? A CYS 10 ? 1_555 116.6 ? 
2  SG  ? A CYS 8  ? A CYS 8  ? 1_555 ZN ? F ZN . ? A ZN 102 ? 1_555 ND1 ? A HIS 30 ? A HIS 30 ? 1_555 102.1 ? 
3  SG  ? A CYS 10 ? A CYS 10 ? 1_555 ZN ? F ZN . ? A ZN 102 ? 1_555 ND1 ? A HIS 30 ? A HIS 30 ? 1_555 102.2 ? 
4  SG  ? A CYS 8  ? A CYS 8  ? 1_555 ZN ? F ZN . ? A ZN 102 ? 1_555 SG  ? A CYS 33 ? A CYS 33 ? 1_555 111.8 ? 
5  SG  ? A CYS 10 ? A CYS 10 ? 1_555 ZN ? F ZN . ? A ZN 102 ? 1_555 SG  ? A CYS 33 ? A CYS 33 ? 1_555 113.1 ? 
6  ND1 ? A HIS 30 ? A HIS 30 ? 1_555 ZN ? F ZN . ? A ZN 102 ? 1_555 SG  ? A CYS 33 ? A CYS 33 ? 1_555 109.9 ? 
7  SG  ? A CYS 22 ? A CYS 22 ? 1_555 ZN ? E ZN . ? A ZN 101 ? 1_555 SG  ? A CYS 25 ? A CYS 25 ? 1_555 110.1 ? 
8  SG  ? A CYS 22 ? A CYS 22 ? 1_555 ZN ? E ZN . ? A ZN 101 ? 1_555 SG  ? A CYS 45 ? A CYS 45 ? 1_555 113.2 ? 
9  SG  ? A CYS 25 ? A CYS 25 ? 1_555 ZN ? E ZN . ? A ZN 101 ? 1_555 SG  ? A CYS 45 ? A CYS 45 ? 1_555 107.5 ? 
10 SG  ? A CYS 22 ? A CYS 22 ? 1_555 ZN ? E ZN . ? A ZN 101 ? 1_555 SG  ? A CYS 48 ? A CYS 48 ? 1_555 105.8 ? 
11 SG  ? A CYS 25 ? A CYS 25 ? 1_555 ZN ? E ZN . ? A ZN 101 ? 1_555 SG  ? A CYS 48 ? A CYS 48 ? 1_555 115.3 ? 
12 SG  ? A CYS 45 ? A CYS 45 ? 1_555 ZN ? E ZN . ? A ZN 101 ? 1_555 SG  ? A CYS 48 ? A CYS 48 ? 1_555 105.0 ? 
13 SG  ? B CYS 8  ? B CYS 8  ? 1_555 ZN ? G ZN . ? B ZN 101 ? 1_555 SG  ? B CYS 10 ? B CYS 10 ? 1_555 115.9 ? 
14 SG  ? B CYS 8  ? B CYS 8  ? 1_555 ZN ? G ZN . ? B ZN 101 ? 1_555 ND1 ? B HIS 30 ? B HIS 30 ? 1_555 102.3 ? 
15 SG  ? B CYS 10 ? B CYS 10 ? 1_555 ZN ? G ZN . ? B ZN 101 ? 1_555 ND1 ? B HIS 30 ? B HIS 30 ? 1_555 102.5 ? 
16 SG  ? B CYS 8  ? B CYS 8  ? 1_555 ZN ? G ZN . ? B ZN 101 ? 1_555 SG  ? B CYS 33 ? B CYS 33 ? 1_555 112.6 ? 
17 SG  ? B CYS 10 ? B CYS 10 ? 1_555 ZN ? G ZN . ? B ZN 101 ? 1_555 SG  ? B CYS 33 ? B CYS 33 ? 1_555 112.2 ? 
18 ND1 ? B HIS 30 ? B HIS 30 ? 1_555 ZN ? G ZN . ? B ZN 101 ? 1_555 SG  ? B CYS 33 ? B CYS 33 ? 1_555 110.2 ? 
19 SG  ? B CYS 22 ? B CYS 22 ? 1_555 ZN ? H ZN . ? B ZN 102 ? 1_555 SG  ? B CYS 25 ? B CYS 25 ? 1_555 108.9 ? 
20 SG  ? B CYS 22 ? B CYS 22 ? 1_555 ZN ? H ZN . ? B ZN 102 ? 1_555 SG  ? B CYS 45 ? B CYS 45 ? 1_555 113.3 ? 
21 SG  ? B CYS 25 ? B CYS 25 ? 1_555 ZN ? H ZN . ? B ZN 102 ? 1_555 SG  ? B CYS 45 ? B CYS 45 ? 1_555 106.2 ? 
22 SG  ? B CYS 22 ? B CYS 22 ? 1_555 ZN ? H ZN . ? B ZN 102 ? 1_555 SG  ? B CYS 48 ? B CYS 48 ? 1_555 106.5 ? 
23 SG  ? B CYS 25 ? B CYS 25 ? 1_555 ZN ? H ZN . ? B ZN 102 ? 1_555 SG  ? B CYS 48 ? B CYS 48 ? 1_555 114.8 ? 
24 SG  ? B CYS 45 ? B CYS 45 ? 1_555 ZN ? H ZN . ? B ZN 102 ? 1_555 SG  ? B CYS 48 ? B CYS 48 ? 1_555 107.3 ? 
# 
loop_
_pdbx_modification_feature.ordinal 
_pdbx_modification_feature.label_comp_id 
_pdbx_modification_feature.label_asym_id 
_pdbx_modification_feature.label_seq_id 
_pdbx_modification_feature.label_alt_id 
_pdbx_modification_feature.modified_residue_label_comp_id 
_pdbx_modification_feature.modified_residue_label_asym_id 
_pdbx_modification_feature.modified_residue_label_seq_id 
_pdbx_modification_feature.modified_residue_label_alt_id 
_pdbx_modification_feature.auth_comp_id 
_pdbx_modification_feature.auth_asym_id 
_pdbx_modification_feature.auth_seq_id 
_pdbx_modification_feature.PDB_ins_code 
_pdbx_modification_feature.symmetry 
_pdbx_modification_feature.modified_residue_auth_comp_id 
_pdbx_modification_feature.modified_residue_auth_asym_id 
_pdbx_modification_feature.modified_residue_auth_seq_id 
_pdbx_modification_feature.modified_residue_PDB_ins_code 
_pdbx_modification_feature.modified_residue_symmetry 
_pdbx_modification_feature.comp_id_linking_atom 
_pdbx_modification_feature.modified_residue_id_linking_atom 
_pdbx_modification_feature.modified_residue_id 
_pdbx_modification_feature.ref_pcm_id 
_pdbx_modification_feature.ref_comp_id 
_pdbx_modification_feature.type 
_pdbx_modification_feature.category 
1 MLY C 4 ? . . . . MLY T 4 ? 1_555 . . . . . . . LYS 1 MLY Methylation 'Named protein modification' 
2 MLY D 4 ? . . . . MLY P 4 ? 1_555 . . . . . . . LYS 1 MLY Methylation 'Named protein modification' 
# 
loop_
_struct_sheet.id 
_struct_sheet.type 
_struct_sheet.number_strands 
_struct_sheet.details 
AA1 ? 3 ? 
AA2 ? 3 ? 
# 
loop_
_struct_sheet_order.sheet_id 
_struct_sheet_order.range_id_1 
_struct_sheet_order.range_id_2 
_struct_sheet_order.offset 
_struct_sheet_order.sense 
AA1 1 2 ? anti-parallel 
AA1 2 3 ? anti-parallel 
AA2 1 2 ? anti-parallel 
AA2 2 3 ? anti-parallel 
# 
loop_
_struct_sheet_range.sheet_id 
_struct_sheet_range.id 
_struct_sheet_range.beg_label_comp_id 
_struct_sheet_range.beg_label_asym_id 
_struct_sheet_range.beg_label_seq_id 
_struct_sheet_range.pdbx_beg_PDB_ins_code 
_struct_sheet_range.end_label_comp_id 
_struct_sheet_range.end_label_asym_id 
_struct_sheet_range.end_label_seq_id 
_struct_sheet_range.pdbx_end_PDB_ins_code 
_struct_sheet_range.beg_auth_comp_id 
_struct_sheet_range.beg_auth_asym_id 
_struct_sheet_range.beg_auth_seq_id 
_struct_sheet_range.end_auth_comp_id 
_struct_sheet_range.end_auth_asym_id 
_struct_sheet_range.end_auth_seq_id 
AA1 1 TRP A 28 ? HIS A 30 ? TRP A 28 HIS A 30 
AA1 2 LEU A 18 ? GLN A 21 ? LEU A 18 GLN A 21 
AA1 3 THR C 3  ? GLN C 5  ? THR T 3  GLN T 5  
AA2 1 TRP B 28 ? HIS B 30 ? TRP B 28 HIS B 30 
AA2 2 LEU B 18 ? GLN B 21 ? LEU B 18 GLN B 21 
AA2 3 THR D 3  ? GLN D 5  ? THR P 3  GLN P 5  
# 
loop_
_pdbx_struct_sheet_hbond.sheet_id 
_pdbx_struct_sheet_hbond.range_id_1 
_pdbx_struct_sheet_hbond.range_id_2 
_pdbx_struct_sheet_hbond.range_1_label_atom_id 
_pdbx_struct_sheet_hbond.range_1_label_comp_id 
_pdbx_struct_sheet_hbond.range_1_label_asym_id 
_pdbx_struct_sheet_hbond.range_1_label_seq_id 
_pdbx_struct_sheet_hbond.range_1_PDB_ins_code 
_pdbx_struct_sheet_hbond.range_1_auth_atom_id 
_pdbx_struct_sheet_hbond.range_1_auth_comp_id 
_pdbx_struct_sheet_hbond.range_1_auth_asym_id 
_pdbx_struct_sheet_hbond.range_1_auth_seq_id 
_pdbx_struct_sheet_hbond.range_2_label_atom_id 
_pdbx_struct_sheet_hbond.range_2_label_comp_id 
_pdbx_struct_sheet_hbond.range_2_label_asym_id 
_pdbx_struct_sheet_hbond.range_2_label_seq_id 
_pdbx_struct_sheet_hbond.range_2_PDB_ins_code 
_pdbx_struct_sheet_hbond.range_2_auth_atom_id 
_pdbx_struct_sheet_hbond.range_2_auth_comp_id 
_pdbx_struct_sheet_hbond.range_2_auth_asym_id 
_pdbx_struct_sheet_hbond.range_2_auth_seq_id 
AA1 1 2 O GLN A 29 ? O GLN A 29 N ILE A 20 ? N ILE A 20 
AA1 2 3 N MET A 19 ? N MET A 19 O MLY C 4  ? O MLY T 4  
AA2 1 2 O GLN B 29 ? O GLN B 29 N ILE B 20 ? N ILE B 20 
AA2 2 3 N MET B 19 ? N MET B 19 O MLY D 4  ? O MLY P 4  
# 
_pdbx_entry_details.entry_id                   8VLD 
_pdbx_entry_details.nonpolymer_details         ? 
_pdbx_entry_details.sequence_details           ? 
_pdbx_entry_details.compound_details           ? 
_pdbx_entry_details.source_details             ? 
_pdbx_entry_details.has_ligand_of_interest     Y 
_pdbx_entry_details.has_protein_modification   Y 
# 
_pdbx_validate_torsion.id              1 
_pdbx_validate_torsion.PDB_model_num   1 
_pdbx_validate_torsion.auth_comp_id    LYS 
_pdbx_validate_torsion.auth_asym_id    A 
_pdbx_validate_torsion.auth_seq_id     24 
_pdbx_validate_torsion.PDB_ins_code    ? 
_pdbx_validate_torsion.label_alt_id    ? 
_pdbx_validate_torsion.phi             -76.80 
_pdbx_validate_torsion.psi             -71.16 
# 
_pdbx_validate_main_chain_plane.id                       1 
_pdbx_validate_main_chain_plane.PDB_model_num            1 
_pdbx_validate_main_chain_plane.auth_comp_id             LEU 
_pdbx_validate_main_chain_plane.auth_asym_id             B 
_pdbx_validate_main_chain_plane.auth_seq_id              3 
_pdbx_validate_main_chain_plane.PDB_ins_code             ? 
_pdbx_validate_main_chain_plane.label_alt_id             A 
_pdbx_validate_main_chain_plane.improper_torsion_angle   -14.79 
# 
loop_
_pdbx_struct_mod_residue.id 
_pdbx_struct_mod_residue.label_asym_id 
_pdbx_struct_mod_residue.label_comp_id 
_pdbx_struct_mod_residue.label_seq_id 
_pdbx_struct_mod_residue.auth_asym_id 
_pdbx_struct_mod_residue.auth_comp_id 
_pdbx_struct_mod_residue.auth_seq_id 
_pdbx_struct_mod_residue.PDB_ins_code 
_pdbx_struct_mod_residue.parent_comp_id 
_pdbx_struct_mod_residue.details 
1 C MLY 4 T MLY 4 ? LYS 'modified residue' 
2 D MLY 4 P MLY 4 ? LYS 'modified residue' 
# 
loop_
_space_group_symop.id 
_space_group_symop.operation_xyz 
1 x,y,z       
2 -y,x,z+3/4  
3 y,-x,z+1/4  
4 -x,-y,z+1/2 
# 
loop_
_pdbx_unobs_or_zero_occ_residues.id 
_pdbx_unobs_or_zero_occ_residues.PDB_model_num 
_pdbx_unobs_or_zero_occ_residues.polymer_flag 
_pdbx_unobs_or_zero_occ_residues.occupancy_flag 
_pdbx_unobs_or_zero_occ_residues.auth_asym_id 
_pdbx_unobs_or_zero_occ_residues.auth_comp_id 
_pdbx_unobs_or_zero_occ_residues.auth_seq_id 
_pdbx_unobs_or_zero_occ_residues.PDB_ins_code 
_pdbx_unobs_or_zero_occ_residues.label_asym_id 
_pdbx_unobs_or_zero_occ_residues.label_comp_id 
_pdbx_unobs_or_zero_occ_residues.label_seq_id 
1  1 Y 1 A ASP 54 ? A ASP 54 
2  1 Y 1 A ARG 55 ? A ARG 55 
3  1 Y 1 A GLU 56 ? A GLU 56 
4  1 Y 1 B ASP 54 ? B ASP 54 
5  1 Y 1 B ARG 55 ? B ARG 55 
6  1 Y 1 B GLU 56 ? B GLU 56 
7  1 Y 1 T ALA 7  ? C ALA 7  
8  1 Y 1 T ARG 8  ? C ARG 8  
9  1 Y 1 T LYS 9  ? C LYS 9  
10 1 Y 1 T SER 10 ? C SER 10 
11 1 Y 1 T THR 11 ? C THR 11 
12 1 Y 1 P ALA 7  ? D ALA 7  
13 1 Y 1 P ARG 8  ? D ARG 8  
14 1 Y 1 P LYS 9  ? D LYS 9  
15 1 Y 1 P SER 10 ? D SER 10 
16 1 Y 1 P THR 11 ? D THR 11 
# 
loop_
_chem_comp_atom.comp_id 
_chem_comp_atom.atom_id 
_chem_comp_atom.type_symbol 
_chem_comp_atom.pdbx_aromatic_flag 
_chem_comp_atom.pdbx_stereo_config 
_chem_comp_atom.pdbx_ordinal 
ALA N    N  N N 1   
ALA CA   C  N S 2   
ALA C    C  N N 3   
ALA O    O  N N 4   
ALA CB   C  N N 5   
ALA OXT  O  N N 6   
ALA H    H  N N 7   
ALA H2   H  N N 8   
ALA HA   H  N N 9   
ALA HB1  H  N N 10  
ALA HB2  H  N N 11  
ALA HB3  H  N N 12  
ALA HXT  H  N N 13  
ARG N    N  N N 14  
ARG CA   C  N S 15  
ARG C    C  N N 16  
ARG O    O  N N 17  
ARG CB   C  N N 18  
ARG CG   C  N N 19  
ARG CD   C  N N 20  
ARG NE   N  N N 21  
ARG CZ   C  N N 22  
ARG NH1  N  N N 23  
ARG NH2  N  N N 24  
ARG OXT  O  N N 25  
ARG H    H  N N 26  
ARG H2   H  N N 27  
ARG HA   H  N N 28  
ARG HB2  H  N N 29  
ARG HB3  H  N N 30  
ARG HG2  H  N N 31  
ARG HG3  H  N N 32  
ARG HD2  H  N N 33  
ARG HD3  H  N N 34  
ARG HE   H  N N 35  
ARG HH11 H  N N 36  
ARG HH12 H  N N 37  
ARG HH21 H  N N 38  
ARG HH22 H  N N 39  
ARG HXT  H  N N 40  
ASN N    N  N N 41  
ASN CA   C  N S 42  
ASN C    C  N N 43  
ASN O    O  N N 44  
ASN CB   C  N N 45  
ASN CG   C  N N 46  
ASN OD1  O  N N 47  
ASN ND2  N  N N 48  
ASN OXT  O  N N 49  
ASN H    H  N N 50  
ASN H2   H  N N 51  
ASN HA   H  N N 52  
ASN HB2  H  N N 53  
ASN HB3  H  N N 54  
ASN HD21 H  N N 55  
ASN HD22 H  N N 56  
ASN HXT  H  N N 57  
ASP N    N  N N 58  
ASP CA   C  N S 59  
ASP C    C  N N 60  
ASP O    O  N N 61  
ASP CB   C  N N 62  
ASP CG   C  N N 63  
ASP OD1  O  N N 64  
ASP OD2  O  N N 65  
ASP OXT  O  N N 66  
ASP H    H  N N 67  
ASP H2   H  N N 68  
ASP HA   H  N N 69  
ASP HB2  H  N N 70  
ASP HB3  H  N N 71  
ASP HD2  H  N N 72  
ASP HXT  H  N N 73  
CYS N    N  N N 74  
CYS CA   C  N R 75  
CYS C    C  N N 76  
CYS O    O  N N 77  
CYS CB   C  N N 78  
CYS SG   S  N N 79  
CYS OXT  O  N N 80  
CYS H    H  N N 81  
CYS H2   H  N N 82  
CYS HA   H  N N 83  
CYS HB2  H  N N 84  
CYS HB3  H  N N 85  
CYS HG   H  N N 86  
CYS HXT  H  N N 87  
GLN N    N  N N 88  
GLN CA   C  N S 89  
GLN C    C  N N 90  
GLN O    O  N N 91  
GLN CB   C  N N 92  
GLN CG   C  N N 93  
GLN CD   C  N N 94  
GLN OE1  O  N N 95  
GLN NE2  N  N N 96  
GLN OXT  O  N N 97  
GLN H    H  N N 98  
GLN H2   H  N N 99  
GLN HA   H  N N 100 
GLN HB2  H  N N 101 
GLN HB3  H  N N 102 
GLN HG2  H  N N 103 
GLN HG3  H  N N 104 
GLN HE21 H  N N 105 
GLN HE22 H  N N 106 
GLN HXT  H  N N 107 
GLU N    N  N N 108 
GLU CA   C  N S 109 
GLU C    C  N N 110 
GLU O    O  N N 111 
GLU CB   C  N N 112 
GLU CG   C  N N 113 
GLU CD   C  N N 114 
GLU OE1  O  N N 115 
GLU OE2  O  N N 116 
GLU OXT  O  N N 117 
GLU H    H  N N 118 
GLU H2   H  N N 119 
GLU HA   H  N N 120 
GLU HB2  H  N N 121 
GLU HB3  H  N N 122 
GLU HG2  H  N N 123 
GLU HG3  H  N N 124 
GLU HE2  H  N N 125 
GLU HXT  H  N N 126 
GLY N    N  N N 127 
GLY CA   C  N N 128 
GLY C    C  N N 129 
GLY O    O  N N 130 
GLY OXT  O  N N 131 
GLY H    H  N N 132 
GLY H2   H  N N 133 
GLY HA2  H  N N 134 
GLY HA3  H  N N 135 
GLY HXT  H  N N 136 
HIS N    N  N N 137 
HIS CA   C  N S 138 
HIS C    C  N N 139 
HIS O    O  N N 140 
HIS CB   C  N N 141 
HIS CG   C  Y N 142 
HIS ND1  N  Y N 143 
HIS CD2  C  Y N 144 
HIS CE1  C  Y N 145 
HIS NE2  N  Y N 146 
HIS OXT  O  N N 147 
HIS H    H  N N 148 
HIS H2   H  N N 149 
HIS HA   H  N N 150 
HIS HB2  H  N N 151 
HIS HB3  H  N N 152 
HIS HD1  H  N N 153 
HIS HD2  H  N N 154 
HIS HE1  H  N N 155 
HIS HE2  H  N N 156 
HIS HXT  H  N N 157 
HOH O    O  N N 158 
HOH H1   H  N N 159 
HOH H2   H  N N 160 
ILE N    N  N N 161 
ILE CA   C  N S 162 
ILE C    C  N N 163 
ILE O    O  N N 164 
ILE CB   C  N S 165 
ILE CG1  C  N N 166 
ILE CG2  C  N N 167 
ILE CD1  C  N N 168 
ILE OXT  O  N N 169 
ILE H    H  N N 170 
ILE H2   H  N N 171 
ILE HA   H  N N 172 
ILE HB   H  N N 173 
ILE HG12 H  N N 174 
ILE HG13 H  N N 175 
ILE HG21 H  N N 176 
ILE HG22 H  N N 177 
ILE HG23 H  N N 178 
ILE HD11 H  N N 179 
ILE HD12 H  N N 180 
ILE HD13 H  N N 181 
ILE HXT  H  N N 182 
LEU N    N  N N 183 
LEU CA   C  N S 184 
LEU C    C  N N 185 
LEU O    O  N N 186 
LEU CB   C  N N 187 
LEU CG   C  N N 188 
LEU CD1  C  N N 189 
LEU CD2  C  N N 190 
LEU OXT  O  N N 191 
LEU H    H  N N 192 
LEU H2   H  N N 193 
LEU HA   H  N N 194 
LEU HB2  H  N N 195 
LEU HB3  H  N N 196 
LEU HG   H  N N 197 
LEU HD11 H  N N 198 
LEU HD12 H  N N 199 
LEU HD13 H  N N 200 
LEU HD21 H  N N 201 
LEU HD22 H  N N 202 
LEU HD23 H  N N 203 
LEU HXT  H  N N 204 
LYS N    N  N N 205 
LYS CA   C  N S 206 
LYS C    C  N N 207 
LYS O    O  N N 208 
LYS CB   C  N N 209 
LYS CG   C  N N 210 
LYS CD   C  N N 211 
LYS CE   C  N N 212 
LYS NZ   N  N N 213 
LYS OXT  O  N N 214 
LYS H    H  N N 215 
LYS H2   H  N N 216 
LYS HA   H  N N 217 
LYS HB2  H  N N 218 
LYS HB3  H  N N 219 
LYS HG2  H  N N 220 
LYS HG3  H  N N 221 
LYS HD2  H  N N 222 
LYS HD3  H  N N 223 
LYS HE2  H  N N 224 
LYS HE3  H  N N 225 
LYS HZ1  H  N N 226 
LYS HZ2  H  N N 227 
LYS HZ3  H  N N 228 
LYS HXT  H  N N 229 
MET N    N  N N 230 
MET CA   C  N S 231 
MET C    C  N N 232 
MET O    O  N N 233 
MET CB   C  N N 234 
MET CG   C  N N 235 
MET SD   S  N N 236 
MET CE   C  N N 237 
MET OXT  O  N N 238 
MET H    H  N N 239 
MET H2   H  N N 240 
MET HA   H  N N 241 
MET HB2  H  N N 242 
MET HB3  H  N N 243 
MET HG2  H  N N 244 
MET HG3  H  N N 245 
MET HE1  H  N N 246 
MET HE2  H  N N 247 
MET HE3  H  N N 248 
MET HXT  H  N N 249 
MLY N    N  N N 250 
MLY CA   C  N S 251 
MLY CB   C  N N 252 
MLY CG   C  N N 253 
MLY CD   C  N N 254 
MLY CE   C  N N 255 
MLY NZ   N  N N 256 
MLY CH1  C  N N 257 
MLY CH2  C  N N 258 
MLY C    C  N N 259 
MLY O    O  N N 260 
MLY OXT  O  N N 261 
MLY H    H  N N 262 
MLY H2   H  N N 263 
MLY HA   H  N N 264 
MLY HB2  H  N N 265 
MLY HB3  H  N N 266 
MLY HG2  H  N N 267 
MLY HG3  H  N N 268 
MLY HD2  H  N N 269 
MLY HD3  H  N N 270 
MLY HE2  H  N N 271 
MLY HE3  H  N N 272 
MLY HH11 H  N N 273 
MLY HH12 H  N N 274 
MLY HH13 H  N N 275 
MLY HH21 H  N N 276 
MLY HH22 H  N N 277 
MLY HH23 H  N N 278 
MLY HXT  H  N N 279 
PRO N    N  N N 280 
PRO CA   C  N S 281 
PRO C    C  N N 282 
PRO O    O  N N 283 
PRO CB   C  N N 284 
PRO CG   C  N N 285 
PRO CD   C  N N 286 
PRO OXT  O  N N 287 
PRO H    H  N N 288 
PRO HA   H  N N 289 
PRO HB2  H  N N 290 
PRO HB3  H  N N 291 
PRO HG2  H  N N 292 
PRO HG3  H  N N 293 
PRO HD2  H  N N 294 
PRO HD3  H  N N 295 
PRO HXT  H  N N 296 
SER N    N  N N 297 
SER CA   C  N S 298 
SER C    C  N N 299 
SER O    O  N N 300 
SER CB   C  N N 301 
SER OG   O  N N 302 
SER OXT  O  N N 303 
SER H    H  N N 304 
SER H2   H  N N 305 
SER HA   H  N N 306 
SER HB2  H  N N 307 
SER HB3  H  N N 308 
SER HG   H  N N 309 
SER HXT  H  N N 310 
THR N    N  N N 311 
THR CA   C  N S 312 
THR C    C  N N 313 
THR O    O  N N 314 
THR CB   C  N R 315 
THR OG1  O  N N 316 
THR CG2  C  N N 317 
THR OXT  O  N N 318 
THR H    H  N N 319 
THR H2   H  N N 320 
THR HA   H  N N 321 
THR HB   H  N N 322 
THR HG1  H  N N 323 
THR HG21 H  N N 324 
THR HG22 H  N N 325 
THR HG23 H  N N 326 
THR HXT  H  N N 327 
TRP N    N  N N 328 
TRP CA   C  N S 329 
TRP C    C  N N 330 
TRP O    O  N N 331 
TRP CB   C  N N 332 
TRP CG   C  Y N 333 
TRP CD1  C  Y N 334 
TRP CD2  C  Y N 335 
TRP NE1  N  Y N 336 
TRP CE2  C  Y N 337 
TRP CE3  C  Y N 338 
TRP CZ2  C  Y N 339 
TRP CZ3  C  Y N 340 
TRP CH2  C  Y N 341 
TRP OXT  O  N N 342 
TRP H    H  N N 343 
TRP H2   H  N N 344 
TRP HA   H  N N 345 
TRP HB2  H  N N 346 
TRP HB3  H  N N 347 
TRP HD1  H  N N 348 
TRP HE1  H  N N 349 
TRP HE3  H  N N 350 
TRP HZ2  H  N N 351 
TRP HZ3  H  N N 352 
TRP HH2  H  N N 353 
TRP HXT  H  N N 354 
TYR N    N  N N 355 
TYR CA   C  N S 356 
TYR C    C  N N 357 
TYR O    O  N N 358 
TYR CB   C  N N 359 
TYR CG   C  Y N 360 
TYR CD1  C  Y N 361 
TYR CD2  C  Y N 362 
TYR CE1  C  Y N 363 
TYR CE2  C  Y N 364 
TYR CZ   C  Y N 365 
TYR OH   O  N N 366 
TYR OXT  O  N N 367 
TYR H    H  N N 368 
TYR H2   H  N N 369 
TYR HA   H  N N 370 
TYR HB2  H  N N 371 
TYR HB3  H  N N 372 
TYR HD1  H  N N 373 
TYR HD2  H  N N 374 
TYR HE1  H  N N 375 
TYR HE2  H  N N 376 
TYR HH   H  N N 377 
TYR HXT  H  N N 378 
VAL N    N  N N 379 
VAL CA   C  N S 380 
VAL C    C  N N 381 
VAL O    O  N N 382 
VAL CB   C  N N 383 
VAL CG1  C  N N 384 
VAL CG2  C  N N 385 
VAL OXT  O  N N 386 
VAL H    H  N N 387 
VAL H2   H  N N 388 
VAL HA   H  N N 389 
VAL HB   H  N N 390 
VAL HG11 H  N N 391 
VAL HG12 H  N N 392 
VAL HG13 H  N N 393 
VAL HG21 H  N N 394 
VAL HG22 H  N N 395 
VAL HG23 H  N N 396 
VAL HXT  H  N N 397 
ZN  ZN   ZN N N 398 
# 
loop_
_chem_comp_bond.comp_id 
_chem_comp_bond.atom_id_1 
_chem_comp_bond.atom_id_2 
_chem_comp_bond.value_order 
_chem_comp_bond.pdbx_aromatic_flag 
_chem_comp_bond.pdbx_stereo_config 
_chem_comp_bond.pdbx_ordinal 
ALA N   CA   sing N N 1   
ALA N   H    sing N N 2   
ALA N   H2   sing N N 3   
ALA CA  C    sing N N 4   
ALA CA  CB   sing N N 5   
ALA CA  HA   sing N N 6   
ALA C   O    doub N N 7   
ALA C   OXT  sing N N 8   
ALA CB  HB1  sing N N 9   
ALA CB  HB2  sing N N 10  
ALA CB  HB3  sing N N 11  
ALA OXT HXT  sing N N 12  
ARG N   CA   sing N N 13  
ARG N   H    sing N N 14  
ARG N   H2   sing N N 15  
ARG CA  C    sing N N 16  
ARG CA  CB   sing N N 17  
ARG CA  HA   sing N N 18  
ARG C   O    doub N N 19  
ARG C   OXT  sing N N 20  
ARG CB  CG   sing N N 21  
ARG CB  HB2  sing N N 22  
ARG CB  HB3  sing N N 23  
ARG CG  CD   sing N N 24  
ARG CG  HG2  sing N N 25  
ARG CG  HG3  sing N N 26  
ARG CD  NE   sing N N 27  
ARG CD  HD2  sing N N 28  
ARG CD  HD3  sing N N 29  
ARG NE  CZ   sing N N 30  
ARG NE  HE   sing N N 31  
ARG CZ  NH1  sing N N 32  
ARG CZ  NH2  doub N N 33  
ARG NH1 HH11 sing N N 34  
ARG NH1 HH12 sing N N 35  
ARG NH2 HH21 sing N N 36  
ARG NH2 HH22 sing N N 37  
ARG OXT HXT  sing N N 38  
ASN N   CA   sing N N 39  
ASN N   H    sing N N 40  
ASN N   H2   sing N N 41  
ASN CA  C    sing N N 42  
ASN CA  CB   sing N N 43  
ASN CA  HA   sing N N 44  
ASN C   O    doub N N 45  
ASN C   OXT  sing N N 46  
ASN CB  CG   sing N N 47  
ASN CB  HB2  sing N N 48  
ASN CB  HB3  sing N N 49  
ASN CG  OD1  doub N N 50  
ASN CG  ND2  sing N N 51  
ASN ND2 HD21 sing N N 52  
ASN ND2 HD22 sing N N 53  
ASN OXT HXT  sing N N 54  
ASP N   CA   sing N N 55  
ASP N   H    sing N N 56  
ASP N   H2   sing N N 57  
ASP CA  C    sing N N 58  
ASP CA  CB   sing N N 59  
ASP CA  HA   sing N N 60  
ASP C   O    doub N N 61  
ASP C   OXT  sing N N 62  
ASP CB  CG   sing N N 63  
ASP CB  HB2  sing N N 64  
ASP CB  HB3  sing N N 65  
ASP CG  OD1  doub N N 66  
ASP CG  OD2  sing N N 67  
ASP OD2 HD2  sing N N 68  
ASP OXT HXT  sing N N 69  
CYS N   CA   sing N N 70  
CYS N   H    sing N N 71  
CYS N   H2   sing N N 72  
CYS CA  C    sing N N 73  
CYS CA  CB   sing N N 74  
CYS CA  HA   sing N N 75  
CYS C   O    doub N N 76  
CYS C   OXT  sing N N 77  
CYS CB  SG   sing N N 78  
CYS CB  HB2  sing N N 79  
CYS CB  HB3  sing N N 80  
CYS SG  HG   sing N N 81  
CYS OXT HXT  sing N N 82  
GLN N   CA   sing N N 83  
GLN N   H    sing N N 84  
GLN N   H2   sing N N 85  
GLN CA  C    sing N N 86  
GLN CA  CB   sing N N 87  
GLN CA  HA   sing N N 88  
GLN C   O    doub N N 89  
GLN C   OXT  sing N N 90  
GLN CB  CG   sing N N 91  
GLN CB  HB2  sing N N 92  
GLN CB  HB3  sing N N 93  
GLN CG  CD   sing N N 94  
GLN CG  HG2  sing N N 95  
GLN CG  HG3  sing N N 96  
GLN CD  OE1  doub N N 97  
GLN CD  NE2  sing N N 98  
GLN NE2 HE21 sing N N 99  
GLN NE2 HE22 sing N N 100 
GLN OXT HXT  sing N N 101 
GLU N   CA   sing N N 102 
GLU N   H    sing N N 103 
GLU N   H2   sing N N 104 
GLU CA  C    sing N N 105 
GLU CA  CB   sing N N 106 
GLU CA  HA   sing N N 107 
GLU C   O    doub N N 108 
GLU C   OXT  sing N N 109 
GLU CB  CG   sing N N 110 
GLU CB  HB2  sing N N 111 
GLU CB  HB3  sing N N 112 
GLU CG  CD   sing N N 113 
GLU CG  HG2  sing N N 114 
GLU CG  HG3  sing N N 115 
GLU CD  OE1  doub N N 116 
GLU CD  OE2  sing N N 117 
GLU OE2 HE2  sing N N 118 
GLU OXT HXT  sing N N 119 
GLY N   CA   sing N N 120 
GLY N   H    sing N N 121 
GLY N   H2   sing N N 122 
GLY CA  C    sing N N 123 
GLY CA  HA2  sing N N 124 
GLY CA  HA3  sing N N 125 
GLY C   O    doub N N 126 
GLY C   OXT  sing N N 127 
GLY OXT HXT  sing N N 128 
HIS N   CA   sing N N 129 
HIS N   H    sing N N 130 
HIS N   H2   sing N N 131 
HIS CA  C    sing N N 132 
HIS CA  CB   sing N N 133 
HIS CA  HA   sing N N 134 
HIS C   O    doub N N 135 
HIS C   OXT  sing N N 136 
HIS CB  CG   sing N N 137 
HIS CB  HB2  sing N N 138 
HIS CB  HB3  sing N N 139 
HIS CG  ND1  sing Y N 140 
HIS CG  CD2  doub Y N 141 
HIS ND1 CE1  doub Y N 142 
HIS ND1 HD1  sing N N 143 
HIS CD2 NE2  sing Y N 144 
HIS CD2 HD2  sing N N 145 
HIS CE1 NE2  sing Y N 146 
HIS CE1 HE1  sing N N 147 
HIS NE2 HE2  sing N N 148 
HIS OXT HXT  sing N N 149 
HOH O   H1   sing N N 150 
HOH O   H2   sing N N 151 
ILE N   CA   sing N N 152 
ILE N   H    sing N N 153 
ILE N   H2   sing N N 154 
ILE CA  C    sing N N 155 
ILE CA  CB   sing N N 156 
ILE CA  HA   sing N N 157 
ILE C   O    doub N N 158 
ILE C   OXT  sing N N 159 
ILE CB  CG1  sing N N 160 
ILE CB  CG2  sing N N 161 
ILE CB  HB   sing N N 162 
ILE CG1 CD1  sing N N 163 
ILE CG1 HG12 sing N N 164 
ILE CG1 HG13 sing N N 165 
ILE CG2 HG21 sing N N 166 
ILE CG2 HG22 sing N N 167 
ILE CG2 HG23 sing N N 168 
ILE CD1 HD11 sing N N 169 
ILE CD1 HD12 sing N N 170 
ILE CD1 HD13 sing N N 171 
ILE OXT HXT  sing N N 172 
LEU N   CA   sing N N 173 
LEU N   H    sing N N 174 
LEU N   H2   sing N N 175 
LEU CA  C    sing N N 176 
LEU CA  CB   sing N N 177 
LEU CA  HA   sing N N 178 
LEU C   O    doub N N 179 
LEU C   OXT  sing N N 180 
LEU CB  CG   sing N N 181 
LEU CB  HB2  sing N N 182 
LEU CB  HB3  sing N N 183 
LEU CG  CD1  sing N N 184 
LEU CG  CD2  sing N N 185 
LEU CG  HG   sing N N 186 
LEU CD1 HD11 sing N N 187 
LEU CD1 HD12 sing N N 188 
LEU CD1 HD13 sing N N 189 
LEU CD2 HD21 sing N N 190 
LEU CD2 HD22 sing N N 191 
LEU CD2 HD23 sing N N 192 
LEU OXT HXT  sing N N 193 
LYS N   CA   sing N N 194 
LYS N   H    sing N N 195 
LYS N   H2   sing N N 196 
LYS CA  C    sing N N 197 
LYS CA  CB   sing N N 198 
LYS CA  HA   sing N N 199 
LYS C   O    doub N N 200 
LYS C   OXT  sing N N 201 
LYS CB  CG   sing N N 202 
LYS CB  HB2  sing N N 203 
LYS CB  HB3  sing N N 204 
LYS CG  CD   sing N N 205 
LYS CG  HG2  sing N N 206 
LYS CG  HG3  sing N N 207 
LYS CD  CE   sing N N 208 
LYS CD  HD2  sing N N 209 
LYS CD  HD3  sing N N 210 
LYS CE  NZ   sing N N 211 
LYS CE  HE2  sing N N 212 
LYS CE  HE3  sing N N 213 
LYS NZ  HZ1  sing N N 214 
LYS NZ  HZ2  sing N N 215 
LYS NZ  HZ3  sing N N 216 
LYS OXT HXT  sing N N 217 
MET N   CA   sing N N 218 
MET N   H    sing N N 219 
MET N   H2   sing N N 220 
MET CA  C    sing N N 221 
MET CA  CB   sing N N 222 
MET CA  HA   sing N N 223 
MET C   O    doub N N 224 
MET C   OXT  sing N N 225 
MET CB  CG   sing N N 226 
MET CB  HB2  sing N N 227 
MET CB  HB3  sing N N 228 
MET CG  SD   sing N N 229 
MET CG  HG2  sing N N 230 
MET CG  HG3  sing N N 231 
MET SD  CE   sing N N 232 
MET CE  HE1  sing N N 233 
MET CE  HE2  sing N N 234 
MET CE  HE3  sing N N 235 
MET OXT HXT  sing N N 236 
MLY N   CA   sing N N 237 
MLY N   H    sing N N 238 
MLY N   H2   sing N N 239 
MLY CA  CB   sing N N 240 
MLY CA  C    sing N N 241 
MLY CA  HA   sing N N 242 
MLY CB  CG   sing N N 243 
MLY CB  HB2  sing N N 244 
MLY CB  HB3  sing N N 245 
MLY CG  CD   sing N N 246 
MLY CG  HG2  sing N N 247 
MLY CG  HG3  sing N N 248 
MLY CD  CE   sing N N 249 
MLY CD  HD2  sing N N 250 
MLY CD  HD3  sing N N 251 
MLY CE  NZ   sing N N 252 
MLY CE  HE2  sing N N 253 
MLY CE  HE3  sing N N 254 
MLY NZ  CH1  sing N N 255 
MLY NZ  CH2  sing N N 256 
MLY CH1 HH11 sing N N 257 
MLY CH1 HH12 sing N N 258 
MLY CH1 HH13 sing N N 259 
MLY CH2 HH21 sing N N 260 
MLY CH2 HH22 sing N N 261 
MLY CH2 HH23 sing N N 262 
MLY C   O    doub N N 263 
MLY C   OXT  sing N N 264 
MLY OXT HXT  sing N N 265 
PRO N   CA   sing N N 266 
PRO N   CD   sing N N 267 
PRO N   H    sing N N 268 
PRO CA  C    sing N N 269 
PRO CA  CB   sing N N 270 
PRO CA  HA   sing N N 271 
PRO C   O    doub N N 272 
PRO C   OXT  sing N N 273 
PRO CB  CG   sing N N 274 
PRO CB  HB2  sing N N 275 
PRO CB  HB3  sing N N 276 
PRO CG  CD   sing N N 277 
PRO CG  HG2  sing N N 278 
PRO CG  HG3  sing N N 279 
PRO CD  HD2  sing N N 280 
PRO CD  HD3  sing N N 281 
PRO OXT HXT  sing N N 282 
SER N   CA   sing N N 283 
SER N   H    sing N N 284 
SER N   H2   sing N N 285 
SER CA  C    sing N N 286 
SER CA  CB   sing N N 287 
SER CA  HA   sing N N 288 
SER C   O    doub N N 289 
SER C   OXT  sing N N 290 
SER CB  OG   sing N N 291 
SER CB  HB2  sing N N 292 
SER CB  HB3  sing N N 293 
SER OG  HG   sing N N 294 
SER OXT HXT  sing N N 295 
THR N   CA   sing N N 296 
THR N   H    sing N N 297 
THR N   H2   sing N N 298 
THR CA  C    sing N N 299 
THR CA  CB   sing N N 300 
THR CA  HA   sing N N 301 
THR C   O    doub N N 302 
THR C   OXT  sing N N 303 
THR CB  OG1  sing N N 304 
THR CB  CG2  sing N N 305 
THR CB  HB   sing N N 306 
THR OG1 HG1  sing N N 307 
THR CG2 HG21 sing N N 308 
THR CG2 HG22 sing N N 309 
THR CG2 HG23 sing N N 310 
THR OXT HXT  sing N N 311 
TRP N   CA   sing N N 312 
TRP N   H    sing N N 313 
TRP N   H2   sing N N 314 
TRP CA  C    sing N N 315 
TRP CA  CB   sing N N 316 
TRP CA  HA   sing N N 317 
TRP C   O    doub N N 318 
TRP C   OXT  sing N N 319 
TRP CB  CG   sing N N 320 
TRP CB  HB2  sing N N 321 
TRP CB  HB3  sing N N 322 
TRP CG  CD1  doub Y N 323 
TRP CG  CD2  sing Y N 324 
TRP CD1 NE1  sing Y N 325 
TRP CD1 HD1  sing N N 326 
TRP CD2 CE2  doub Y N 327 
TRP CD2 CE3  sing Y N 328 
TRP NE1 CE2  sing Y N 329 
TRP NE1 HE1  sing N N 330 
TRP CE2 CZ2  sing Y N 331 
TRP CE3 CZ3  doub Y N 332 
TRP CE3 HE3  sing N N 333 
TRP CZ2 CH2  doub Y N 334 
TRP CZ2 HZ2  sing N N 335 
TRP CZ3 CH2  sing Y N 336 
TRP CZ3 HZ3  sing N N 337 
TRP CH2 HH2  sing N N 338 
TRP OXT HXT  sing N N 339 
TYR N   CA   sing N N 340 
TYR N   H    sing N N 341 
TYR N   H2   sing N N 342 
TYR CA  C    sing N N 343 
TYR CA  CB   sing N N 344 
TYR CA  HA   sing N N 345 
TYR C   O    doub N N 346 
TYR C   OXT  sing N N 347 
TYR CB  CG   sing N N 348 
TYR CB  HB2  sing N N 349 
TYR CB  HB3  sing N N 350 
TYR CG  CD1  doub Y N 351 
TYR CG  CD2  sing Y N 352 
TYR CD1 CE1  sing Y N 353 
TYR CD1 HD1  sing N N 354 
TYR CD2 CE2  doub Y N 355 
TYR CD2 HD2  sing N N 356 
TYR CE1 CZ   doub Y N 357 
TYR CE1 HE1  sing N N 358 
TYR CE2 CZ   sing Y N 359 
TYR CE2 HE2  sing N N 360 
TYR CZ  OH   sing N N 361 
TYR OH  HH   sing N N 362 
TYR OXT HXT  sing N N 363 
VAL N   CA   sing N N 364 
VAL N   H    sing N N 365 
VAL N   H2   sing N N 366 
VAL CA  C    sing N N 367 
VAL CA  CB   sing N N 368 
VAL CA  HA   sing N N 369 
VAL C   O    doub N N 370 
VAL C   OXT  sing N N 371 
VAL CB  CG1  sing N N 372 
VAL CB  CG2  sing N N 373 
VAL CB  HB   sing N N 374 
VAL CG1 HG11 sing N N 375 
VAL CG1 HG12 sing N N 376 
VAL CG1 HG13 sing N N 377 
VAL CG2 HG21 sing N N 378 
VAL CG2 HG22 sing N N 379 
VAL CG2 HG23 sing N N 380 
VAL OXT HXT  sing N N 381 
# 
_pdbx_audit_support.funding_organization   'National Institutes of Health/National Cancer Institute (NIH/NCI)' 
_pdbx_audit_support.country                'United States' 
_pdbx_audit_support.grant_number           ? 
_pdbx_audit_support.ordinal                1 
# 
_space_group.name_H-M_alt     'P 43' 
_space_group.name_Hall        'P 4cw' 
_space_group.IT_number        78 
_space_group.crystal_system   tetragonal 
_space_group.id               1 
# 
_atom_sites.entry_id                    8VLD 
_atom_sites.Cartn_transf_matrix[1][1]   ? 
_atom_sites.Cartn_transf_matrix[1][2]   ? 
_atom_sites.Cartn_transf_matrix[1][3]   ? 
_atom_sites.Cartn_transf_matrix[2][1]   ? 
_atom_sites.Cartn_transf_matrix[2][2]   ? 
_atom_sites.Cartn_transf_matrix[2][3]   ? 
_atom_sites.Cartn_transf_matrix[3][1]   ? 
_atom_sites.Cartn_transf_matrix[3][2]   ? 
_atom_sites.Cartn_transf_matrix[3][3]   ? 
_atom_sites.Cartn_transf_vector[1]      ? 
_atom_sites.Cartn_transf_vector[2]      ? 
_atom_sites.Cartn_transf_vector[3]      ? 
_atom_sites.Cartn_transform_axes        ? 
_atom_sites.fract_transf_matrix[1][1]   0.01301742 
_atom_sites.fract_transf_matrix[1][2]   -0.01449919 
_atom_sites.fract_transf_matrix[1][3]   0.00457826 
_atom_sites.fract_transf_matrix[2][1]   -0.01510826 
_atom_sites.fract_transf_matrix[2][2]   -0.01301265 
_atom_sites.fract_transf_matrix[2][3]   0.00174688 
_atom_sites.fract_transf_matrix[3][1]   0.00185630 
_atom_sites.fract_transf_matrix[3][2]   -0.00498178 
_atom_sites.fract_transf_matrix[3][3]   -0.02105518 
_atom_sites.fract_transf_vector[1]      0.305637 
_atom_sites.fract_transf_vector[2]      0.807210 
_atom_sites.fract_transf_vector[3]      0.425848 
_atom_sites.solution_primary            ? 
_atom_sites.solution_secondary          ? 
_atom_sites.solution_hydrogens          ? 
_atom_sites.special_details             ? 
# 
loop_
_atom_type.symbol 
_atom_type.scat_dispersion_real 
_atom_type.scat_dispersion_imag 
_atom_type.scat_Cromer_Mann_a1 
_atom_type.scat_Cromer_Mann_a2 
_atom_type.scat_Cromer_Mann_a3 
_atom_type.scat_Cromer_Mann_a4 
_atom_type.scat_Cromer_Mann_b1 
_atom_type.scat_Cromer_Mann_b2 
_atom_type.scat_Cromer_Mann_b3 
_atom_type.scat_Cromer_Mann_b4 
_atom_type.scat_Cromer_Mann_c 
_atom_type.scat_source 
_atom_type.scat_dispersion_source 
C  ? ? 3.54356  2.42580 ? ? 25.62398 1.50364  ? ? 0.0 
;2-Gaussian fit: Grosse-Kunstleve RW, Sauter NK, Adams PD: Newsletter of the IUCr Commission on Crystallographic Computing 2004, 3, 22-31.
;
? 
N  ? ? 4.01032  2.96436 ? ? 19.97189 1.75589  ? ? 0.0 
;2-Gaussian fit: Grosse-Kunstleve RW, Sauter NK, Adams PD: Newsletter of the IUCr Commission on Crystallographic Computing 2004, 3, 22-31.
;
? 
O  ? ? 4.49882  3.47563 ? ? 15.80542 1.70748  ? ? 0.0 
;2-Gaussian fit: Grosse-Kunstleve RW, Sauter NK, Adams PD: Newsletter of the IUCr Commission on Crystallographic Computing 2004, 3, 22-31.
;
? 
S  ? ? 9.55732  6.39887 ? ? 1.23737  29.19336 ? ? 0.0 
;2-Gaussian fit: Grosse-Kunstleve RW, Sauter NK, Adams PD: Newsletter of the IUCr Commission on Crystallographic Computing 2004, 3, 22-31.
;
? 
ZN ? ? 24.64596 5.25405 ? ? 2.14387  29.76375 ? ? 0.0 
;2-Gaussian fit: Grosse-Kunstleve RW, Sauter NK, Adams PD: Newsletter of the IUCr Commission on Crystallographic Computing 2004, 3, 22-31.
;
? 
# 
loop_
_atom_site.group_PDB 
_atom_site.id 
_atom_site.type_symbol 
_atom_site.label_atom_id 
_atom_site.label_alt_id 
_atom_site.label_comp_id 
_atom_site.label_asym_id 
_atom_site.label_entity_id 
_atom_site.label_seq_id 
_atom_site.pdbx_PDB_ins_code 
_atom_site.Cartn_x 
_atom_site.Cartn_y 
_atom_site.Cartn_z 
_atom_site.occupancy 
_atom_site.B_iso_or_equiv 
_atom_site.pdbx_formal_charge 
_atom_site.auth_seq_id 
_atom_site.auth_comp_id 
_atom_site.auth_asym_id 
_atom_site.auth_atom_id 
_atom_site.pdbx_PDB_model_num 
ATOM   1    N  N   . GLY A 1 1  ? 11.19142  -4.68653  4.39034   0.440 27.05416 ? 1   GLY A N   1 
ATOM   2    C  CA  . GLY A 1 1  ? 11.68950  -5.46152  3.26812   0.550 33.05332 ? 1   GLY A CA  1 
ATOM   3    C  C   . GLY A 1 1  ? 10.80241  -5.38543  2.04278   0.620 31.46187 ? 1   GLY A C   1 
ATOM   4    O  O   . GLY A 1 1  ? 9.71372   -4.81409  2.10438   0.620 25.07701 ? 1   GLY A O   1 
ATOM   5    N  N   . PRO A 1 2  ? 11.27068  -5.95370  0.92733   0.620 30.86382 ? 2   PRO A N   1 
ATOM   6    C  CA  . PRO A 1 2  ? 10.47976  -5.91326  -0.31478  0.760 34.84124 ? 2   PRO A CA  1 
ATOM   7    C  C   . PRO A 1 2  ? 9.08205   -6.48179  -0.17095  0.790 32.69209 ? 2   PRO A C   1 
ATOM   8    O  O   . PRO A 1 2  ? 8.17358   -6.07771  -0.90869  0.410 30.82179 ? 2   PRO A O   1 
ATOM   9    C  CB  . PRO A 1 2  ? 11.32609  -6.75320  -1.27973  0.460 30.10997 ? 2   PRO A CB  1 
ATOM   10   C  CG  . PRO A 1 2  ? 12.72338  -6.56053  -0.78843  0.820 27.00649 ? 2   PRO A CG  1 
ATOM   11   C  CD  . PRO A 1 2  ? 12.62467  -6.48962  0.70561   0.640 25.60348 ? 2   PRO A CD  1 
ATOM   12   N  N   . LEU A 1 3  ? 8.88543   -7.41214  0.75951   0.460 31.02779 ? 3   LEU A N   1 
ATOM   13   C  CA  . LEU A 1 3  ? 7.59038   -8.03394  0.98476   1.000 36.17619 ? 3   LEU A CA  1 
ATOM   14   C  C   . LEU A 1 3  ? 6.70865   -7.21307  1.91980   0.100 28.68035 ? 3   LEU A C   1 
ATOM   15   O  O   . LEU A 1 3  ? 5.51911   -7.52024  2.05549   0.690 25.79565 ? 3   LEU A O   1 
ATOM   16   C  CB  . LEU A 1 3  ? 7.78967   -9.43998  1.57102   0.410 33.36177 ? 3   LEU A CB  1 
ATOM   17   C  CG  . LEU A 1 3  ? 8.07364   -10.62472 0.63680   0.080 30.86661 ? 3   LEU A CG  1 
ATOM   18   C  CD1 . LEU A 1 3  ? 8.63790   -11.80330 1.43647   0.710 39.59077 ? 3   LEU A CD1 1 
ATOM   19   C  CD2 . LEU A 1 3  ? 6.86051   -11.05333 -0.17505  0.830 42.95096 ? 3   LEU A CD2 1 
ATOM   20   N  N   . ASP A 1 4  ? 7.26376   -6.18324  2.56008   0.650 25.27353 ? 4   ASP A N   1 
ATOM   21   C  CA  . ASP A 1 4  ? 6.55557   -5.36568  3.53971   0.850 25.00461 ? 4   ASP A CA  1 
ATOM   22   C  C   . ASP A 1 4  ? 6.05103   -4.09192  2.87230   0.860 27.05537 ? 4   ASP A C   1 
ATOM   23   O  O   . ASP A 1 4  ? 6.84962   -3.24128  2.46372   0.450 25.04121 ? 4   ASP A O   1 
ATOM   24   C  CB  . ASP A 1 4  ? 7.46854   -5.01105  4.71238   1.000 26.39673 ? 4   ASP A CB  1 
ATOM   25   C  CG  . ASP A 1 4  ? 7.89906   -6.22024  5.50499   0.410 25.10564 ? 4   ASP A CG  1 
ATOM   26   O  OD1 . ASP A 1 4  ? 7.06111   -7.11907  5.72449   0.550 26.68806 ? 4   ASP A OD1 1 
ATOM   27   O  OD2 . ASP A 1 4  ? 9.07626   -6.26080  5.91641   0.640 29.60332 ? 4   ASP A OD2 1 
ATOM   28   N  N   . VAL A 1 5  ? 4.73540   -3.95499  2.78006   0.830 22.86534 ? 5   VAL A N   1 
ATOM   29   C  CA  . VAL A 1 5  ? 4.11663   -2.85577  2.04797   0.740 20.61004 ? 5   VAL A CA  1 
ATOM   30   C  C   . VAL A 1 5  ? 4.02908   -1.64039  2.96197   0.700 18.34931 ? 5   VAL A C   1 
ATOM   31   O  O   . VAL A 1 5  ? 3.41760   -1.70424  4.03241   0.850 18.39031 ? 5   VAL A O   1 
ATOM   32   C  CB  . VAL A 1 5  ? 2.72693   -3.25203  1.53264   0.750 21.36854 ? 5   VAL A CB  1 
ATOM   33   C  CG1 . VAL A 1 5  ? 2.04641   -2.06232  0.88603   1.000 21.99174 ? 5   VAL A CG1 1 
ATOM   34   C  CG2 . VAL A 1 5  ? 2.83448   -4.42315  0.56160   1.000 21.70029 ? 5   VAL A CG2 1 
ATOM   35   N  N   . ILE A 1 6  ? 4.63162   -0.53295  2.53999   0.770 18.05873 ? 6   ILE A N   1 
ATOM   36   C  CA  . ILE A 1 6  ? 4.49510   0.74818   3.22619   0.650 18.01548 ? 6   ILE A CA  1 
ATOM   37   C  C   . ILE A 1 6  ? 3.40854   1.53990   2.50883   0.580 18.65631 ? 6   ILE A C   1 
ATOM   38   O  O   . ILE A 1 6  ? 3.50882   1.78432   1.30266   0.720 17.49947 ? 6   ILE A O   1 
ATOM   39   C  CB  . ILE A 1 6  ? 5.82215   1.52509   3.24115   0.720 18.19944 ? 6   ILE A CB  1 
ATOM   40   C  CG1 . ILE A 1 6  ? 6.89681   0.76732   4.02559   0.590 18.77523 ? 6   ILE A CG1 1 
ATOM   41   C  CG2 . ILE A 1 6  ? 5.62097   2.90883   3.84074   0.680 18.84507 ? 6   ILE A CG2 1 
ATOM   42   C  CD1 . ILE A 1 6  ? 8.29347   1.32577   3.81473   0.740 20.45166 ? 6   ILE A CD1 1 
ATOM   43   N  N   . ARG A 1 7  ? 2.36253   1.94117   3.23401   0.640 18.12651 ? 7   ARG A N   1 
ATOM   44   C  CA  . ARG A 1 7  ? 1.33234   2.81670   2.66210   0.770 17.59789 ? 7   ARG A CA  1 
ATOM   45   C  C   . ARG A 1 7  ? 0.88131   3.77662   3.75742   0.660 17.85694 ? 7   ARG A C   1 
ATOM   46   O  O   . ARG A 1 7  ? -0.09824  3.51372   4.45892   0.680 17.74522 ? 7   ARG A O   1 
ATOM   47   C  CB  . ARG A 1 7  ? 0.14840   2.04593   2.09715   0.640 17.89212 ? 7   ARG A CB  1 
ATOM   48   C  CG  . ARG A 1 7  ? -0.76794  2.94812   1.27696   0.760 18.93373 ? 7   ARG A CG  1 
ATOM   49   C  CD  . ARG A 1 7  ? -2.17887  2.40182   1.15955   1.000 23.06474 ? 7   ARG A CD  1 
ATOM   50   N  NE  . ARG A 1 7  ? -2.82104  2.23498   2.46295   0.740 19.59897 ? 7   ARG A NE  1 
ATOM   51   C  CZ  . ARG A 1 7  ? -3.30582  3.23633   3.19452   0.470 19.02639 ? 7   ARG A CZ  1 
ATOM   52   N  NH1 . ARG A 1 7  ? -3.21652  4.48757   2.76079   0.920 22.93966 ? 7   ARG A NH1 1 
ATOM   53   N  NH2 . ARG A 1 7  ? -3.87722  2.98867   4.36758   0.710 19.87977 ? 7   ARG A NH2 1 
ATOM   54   N  N   . CYS A 1 8  ? 1.59227   4.88707   3.88744   0.710 18.88957 ? 8   CYS A N   1 
ATOM   55   C  CA  . CYS A 1 8  ? 1.29114   5.88471   4.89846   0.950 18.71551 ? 8   CYS A CA  1 
ATOM   56   C  C   . CYS A 1 8  ? 0.54626   7.05079   4.25755   0.770 19.08006 ? 8   CYS A C   1 
ATOM   57   O  O   . CYS A 1 8  ? 0.56558   7.23189   3.03646   0.640 20.89333 ? 8   CYS A O   1 
ATOM   58   C  CB  . CYS A 1 8  ? 2.57863   6.36639   5.57368   1.000 20.51555 ? 8   CYS A CB  1 
ATOM   59   S  SG  . CYS A 1 8  ? 2.30941   7.34723   7.06217   0.710 19.94577 ? 8   CYS A SG  1 
ATOM   60   N  N   . ILE A 1 9  ? -0.11584  7.85199   5.09827   0.760 24.13795 ? 9   ILE A N   1 
ATOM   61   C  CA  . ILE A 1 9  ? -0.85311  8.99412   4.56425   0.950 22.85461 ? 9   ILE A CA  1 
ATOM   62   C  C   . ILE A 1 9  ? 0.09695   9.98876   3.91562   0.540 23.09239 ? 9   ILE A C   1 
ATOM   63   O  O   . ILE A 1 9  ? -0.30338  10.75154  3.02862   0.550 20.52782 ? 9   ILE A O   1 
ATOM   64   C  CB  . ILE A 1 9  ? -1.68500  9.68316   5.65873   0.810 22.07575 ? 9   ILE A CB  1 
ATOM   65   C  CG1 . ILE A 1 9  ? -0.82610  9.95254   6.88793   0.630 21.40672 ? 9   ILE A CG1 1 
ATOM   66   C  CG2 . ILE A 1 9  ? -2.88221  8.82674   6.03403   0.330 21.43168 ? 9   ILE A CG2 1 
ATOM   67   C  CD1 . ILE A 1 9  ? -1.52691  10.79091  7.92390   0.530 27.62057 ? 9   ILE A CD1 1 
ATOM   68   N  N   . CYS A 1 10 ? 1.36179   10.01288  4.34754   0.590 21.57858 ? 10  CYS A N   1 
ATOM   69   C  CA  . CYS A 1 10 ? 2.32408   10.91928  3.73141   0.700 26.17437 ? 10  CYS A CA  1 
ATOM   70   C  C   . CYS A 1 10 ? 2.65452   10.51406  2.30435   0.730 24.41344 ? 10  CYS A C   1 
ATOM   71   O  O   . CYS A 1 10 ? 3.15369   11.34340  1.53617   0.640 25.11246 ? 10  CYS A O   1 
ATOM   72   C  CB  . CYS A 1 10 ? 3.61366   10.98410  4.55109   0.740 24.18178 ? 10  CYS A CB  1 
ATOM   73   S  SG  . CYS A 1 10 ? 4.54801   9.44452   4.60365   0.820 27.49861 ? 10  CYS A SG  1 
ATOM   74   N  N   . GLY A 1 11 ? 2.39834   9.26152   1.93743   0.700 20.02482 ? 11  GLY A N   1 
ATOM   75   C  CA  . GLY A 1 11 ? 2.64567   8.81358   0.58498   0.760 24.57970 ? 11  GLY A CA  1 
ATOM   76   C  C   . GLY A 1 11 ? 4.09738   8.61733   0.22402   0.700 24.90918 ? 11  GLY A C   1 
ATOM   77   O  O   . GLY A 1 11 ? 4.40045   8.38482   -0.94834  0.800 25.03923 ? 11  GLY A O   1 
ATOM   78   N  N   . LEU A 1 12 ? 5.00878   8.70291   1.18671   0.810 24.80523 ? 12  LEU A N   1 
ATOM   79   C  CA  . LEU A 1 12 ? 6.42072   8.44106   0.94240   1.000 26.42062 ? 12  LEU A CA  1 
ATOM   80   C  C   . LEU A 1 12 ? 6.73349   6.98762   1.25463   0.820 26.89017 ? 12  LEU A C   1 
ATOM   81   O  O   . LEU A 1 12 ? 6.44104   6.50366   2.35255   0.800 20.31085 ? 12  LEU A O   1 
ATOM   82   C  CB  . LEU A 1 12 ? 7.31542   9.35252   1.78164   1.000 28.27000 ? 12  LEU A CB  1 
ATOM   83   C  CG  . LEU A 1 12 ? 7.32213   10.84163  1.45595   1.000 45.91653 ? 12  LEU A CG  1 
ATOM   84   C  CD1 . LEU A 1 12 ? 8.25996   11.56243  2.42602   1.000 43.06455 ? 12  LEU A CD1 1 
ATOM   85   C  CD2 . LEU A 1 12 ? 7.77287   11.05077  0.00655   1.000 39.56085 ? 12  LEU A CD2 1 
ATOM   86   N  N   . TYR A 1 13 ? 7.34804   6.30536   0.29321   0.730 22.01065 ? 13  TYR A N   1 
ATOM   87   C  CA  . TYR A 1 13 ? 7.69992   4.89830   0.44951   1.000 26.49564 ? 13  TYR A CA  1 
ATOM   88   C  C   . TYR A 1 13 ? 9.08749   4.78277   1.07301   0.810 26.58719 ? 13  TYR A C   1 
ATOM   89   O  O   . TYR A 1 13 ? 10.07025  4.40628   0.43256   0.430 24.48647 ? 13  TYR A O   1 
ATOM   90   C  CB  . TYR A 1 13 ? 7.62519   4.18142   -0.89131  1.000 25.91358 ? 13  TYR A CB  1 
ATOM   91   C  CG  . TYR A 1 13 ? 7.35785   2.71336   -0.73453  0.700 23.08985 ? 13  TYR A CG  1 
ATOM   92   C  CD1 . TYR A 1 13 ? 8.36436   1.84171   -0.34417  0.670 26.88290 ? 13  TYR A CD1 1 
ATOM   93   C  CD2 . TYR A 1 13 ? 6.08577   2.20425   -0.92741  0.650 22.78710 ? 13  TYR A CD2 1 
ATOM   94   C  CE1 . TYR A 1 13 ? 8.11573   0.49431   -0.18801  0.700 27.99337 ? 13  TYR A CE1 1 
ATOM   95   C  CE2 . TYR A 1 13 ? 5.82765   0.86762   -0.77109  0.760 22.80260 ? 13  TYR A CE2 1 
ATOM   96   C  CZ  . TYR A 1 13 ? 6.84198   0.01374   -0.40480  0.650 24.07955 ? 13  TYR A CZ  1 
ATOM   97   O  OH  . TYR A 1 13 ? 6.57025   -1.32466  -0.24933  0.910 27.34881 ? 13  TYR A OH  1 
ATOM   98   N  N   . LYS A 1 14 ? 9.15838   5.10779   2.36195   0.750 24.56760 ? 14  LYS A N   1 
ATOM   99   C  CA  . LYS A 1 14 ? 10.45551  5.05142   3.00837   0.530 26.51913 ? 14  LYS A CA  1 
ATOM   100  C  C   . LYS A 1 14 ? 10.33765  4.50049   4.41917   0.320 26.09930 ? 14  LYS A C   1 
ATOM   101  O  O   . LYS A 1 14 ? 9.38424   4.78658   5.15346   0.830 26.76653 ? 14  LYS A O   1 
ATOM   102  C  CB  . LYS A 1 14 ? 11.14509  6.42310   2.96421   0.560 32.06365 ? 14  LYS A CB  1 
ATOM   103  C  CG  . LYS A 1 14 ? 10.57273  7.55622   3.77979   0.870 34.73132 ? 14  LYS A CG  1 
ATOM   104  C  CD  . LYS A 1 14 ? 11.71078  8.55725   3.95114   0.680 33.34109 ? 14  LYS A CD  1 
ATOM   105  C  CE  . LYS A 1 14 ? 11.44791  9.67086   4.93100   0.570 33.28009 ? 14  LYS A CE  1 
ATOM   106  N  NZ  . LYS A 1 14 ? 12.76028  10.14349  5.48255   0.640 36.03821 ? 14  LYS A NZ  1 
ATOM   107  N  N   . ASP A 1 15 ? 11.31588  3.66873   4.75744   0.720 27.38139 ? 15  ASP A N   1 
ATOM   108  C  CA  . ASP A 1 15 ? 11.37595  2.93442   6.01543   0.820 30.95754 ? 15  ASP A CA  1 
ATOM   109  C  C   . ASP A 1 15 ? 12.28920  3.70670   6.95954   0.610 38.28040 ? 15  ASP A C   1 
ATOM   110  O  O   . ASP A 1 15 ? 13.48475  3.43078   7.06269   0.450 36.15701 ? 15  ASP A O   1 
ATOM   111  C  CB  . ASP A 1 15 ? 11.87605  1.51811   5.74236   0.790 30.58036 ? 15  ASP A CB  1 
ATOM   112  C  CG  . ASP A 1 15 ? 11.98820  0.66834   6.98806   0.540 31.69859 ? 15  ASP A CG  1 
ATOM   113  O  OD1 . ASP A 1 15 ? 11.29001  0.94492   7.98563   0.560 26.92932 ? 15  ASP A OD1 1 
ATOM   114  O  OD2 . ASP A 1 15 ? 12.77748  -0.29927  6.95367   0.450 29.82681 ? 15  ASP A OD2 1 
ATOM   115  N  N   . GLU A 1 16 ? 11.73260  4.71396   7.64206   0.850 36.01897 ? 16  GLU A N   1 
ATOM   116  C  CA  . GLU A 1 16 ? 12.45629  5.37726   8.71498   0.680 32.70288 ? 16  GLU A CA  1 
ATOM   117  C  C   . GLU A 1 16 ? 11.58359  5.44446   9.95609   0.550 31.97224 ? 16  GLU A C   1 
ATOM   118  O  O   . GLU A 1 16 ? 10.35135  5.45607   9.87145   0.630 25.98340 ? 16  GLU A O   1 
ATOM   119  C  CB  . GLU A 1 16 ? 12.85710  6.83115   8.44891   0.470 37.76468 ? 16  GLU A CB  1 
ATOM   120  C  CG  . GLU A 1 16 ? 11.67305  7.78411   8.39103   0.390 37.69214 ? 16  GLU A CG  1 
ATOM   121  C  CD  . GLU A 1 16 ? 12.09318  9.20340   8.12685   0.330 39.12711 ? 16  GLU A CD  1 
ATOM   122  O  OE1 . GLU A 1 16 ? 13.30910  9.44132   7.95573   0.290 39.40299 ? 16  GLU A OE1 1 
ATOM   123  O  OE2 . GLU A 1 16 ? 11.21829  10.09574  8.12228   0.510 44.49671 ? 16  GLU A OE2 1 
ATOM   124  N  N   . GLY A 1 17 ? 12.24687  5.56022   11.09819  0.750 27.78140 ? 17  GLY A N   1 
ATOM   125  C  CA  . GLY A 1 17 ? 11.56605  5.84952   12.33258  0.820 29.33820 ? 17  GLY A CA  1 
ATOM   126  C  C   . GLY A 1 17 ? 10.68563  4.70580   12.79753  1.000 28.26237 ? 17  GLY A C   1 
ATOM   127  O  O   . GLY A 1 17 ? 10.76115  3.57048   12.32868  0.530 27.38680 ? 17  GLY A O   1 
ATOM   128  N  N   . LEU A 1 18 ? 9.82620   5.03808   13.74854  0.550 27.19415 ? 18  LEU A N   1 
ATOM   129  C  CA  . LEU A 1 18 ? 8.92144   4.05496   14.31724  0.820 27.99741 ? 18  LEU A CA  1 
ATOM   130  C  C   . LEU A 1 18 ? 7.71587   3.91926   13.39640  1.000 28.04231 ? 18  LEU A C   1 
ATOM   131  O  O   . LEU A 1 18 ? 7.02648   4.90555   13.11142  0.710 25.34588 ? 18  LEU A O   1 
ATOM   132  C  CB  . LEU A 1 18 ? 8.50646   4.47966   15.72283  0.600 33.85661 ? 18  LEU A CB  1 
ATOM   133  C  CG  . LEU A 1 18 ? 8.03285   3.39382   16.68697  0.770 30.99839 ? 18  LEU A CG  1 
ATOM   134  C  CD1 . LEU A 1 18 ? 8.98014   2.20753   16.64028  0.560 33.01662 ? 18  LEU A CD1 1 
ATOM   135  C  CD2 . LEU A 1 18 ? 7.96515   3.96084   18.08928  0.200 34.60645 ? 18  LEU A CD2 1 
ATOM   136  N  N   . MET A 1 19 ? 7.47880   2.71299   12.90185  0.730 24.31301 ? 19  MET A N   1 
ATOM   137  C  CA  . MET A 1 19 ? 6.30878   2.45348   12.08587  0.570 22.53053 ? 19  MET A CA  1 
ATOM   138  C  C   . MET A 1 19 ? 5.46871   1.34465   12.70039  0.600 21.09760 ? 19  MET A C   1 
ATOM   139  O  O   . MET A 1 19 ? 5.94277   0.54594   13.51163  0.570 23.36721 ? 19  MET A O   1 
ATOM   140  C  CB  . MET A 1 19 ? 6.68278   2.10984   10.63684  1.000 24.88727 ? 19  MET A CB  1 
ATOM   141  C  CG  . MET A 1 19 ? 7.72456   3.04120   10.02479  0.740 21.42951 ? 19  MET A CG  1 
ATOM   142  S  SD  . MET A 1 19 ? 8.31269   2.48148   8.41541   0.510 19.14946 ? 19  MET A SD  1 
ATOM   143  C  CE  . MET A 1 19 ? 6.77657   2.46995   7.50895   0.650 23.67641 ? 19  MET A CE  1 
ATOM   144  N  N   . ILE A 1 20 ? 4.20184   1.32023   12.30031  0.700 20.50201 ? 20  ILE A N   1 
ATOM   145  C  CA  . ILE A 1 20 ? 3.19595   0.45323   12.89456  0.560 22.33255 ? 20  ILE A CA  1 
ATOM   146  C  C   . ILE A 1 20 ? 2.39580   -0.19820  11.77399  0.520 20.27594 ? 20  ILE A C   1 
ATOM   147  O  O   . ILE A 1 20 ? 2.19491   0.38904   10.70644  0.730 20.97568 ? 20  ILE A O   1 
ATOM   148  C  CB  . ILE A 1 20 ? 2.28482   1.25735   13.84799  0.950 23.25917 ? 20  ILE A CB  1 
ATOM   149  C  CG1 . ILE A 1 20 ? 1.31846   0.34251   14.59274  0.890 22.28590 ? 20  ILE A CG1 1 
ATOM   150  C  CG2 . ILE A 1 20 ? 1.52611   2.32022   13.06940  1.000 23.08117 ? 20  ILE A CG2 1 
ATOM   151  C  CD1 . ILE A 1 20 ? 0.73290   0.98475   15.83962  0.870 20.74720 ? 20  ILE A CD1 1 
ATOM   152  N  N   . GLN A 1 21 ? 1.93887   -1.42073  12.02083  0.650 21.18752 ? 21  GLN A N   1 
ATOM   153  C  CA  . GLN A 1 21 ? 1.26371   -2.22148  11.00951  0.900 24.84011 ? 21  GLN A CA  1 
ATOM   154  C  C   . GLN A 1 21 ? -0.23465  -2.28292  11.26994  1.000 26.71833 ? 21  GLN A C   1 
ATOM   155  O  O   . GLN A 1 21 ? -0.66884  -2.48391  12.40998  0.610 24.71503 ? 21  GLN A O   1 
ATOM   156  C  CB  . GLN A 1 21 ? 1.83928   -3.63428  10.96993  0.800 25.62105 ? 21  GLN A CB  1 
ATOM   157  C  CG  . GLN A 1 21 ? 1.19733   -4.50589  9.91706   1.000 25.06411 ? 21  GLN A CG  1 
ATOM   158  C  CD  . GLN A 1 21 ? 1.92142   -5.81469  9.73817   0.470 30.34000 ? 21  GLN A CD  1 
ATOM   159  O  OE1 . GLN A 1 21 ? 2.27312   -6.48182  10.71146  0.770 28.31142 ? 21  GLN A OE1 1 
ATOM   160  N  NE2 . GLN A 1 21 ? 2.14623   -6.19538  8.49126   1.000 28.63055 ? 21  GLN A NE2 1 
ATOM   161  N  N   . CYS A 1 22 ? -1.01660  -2.10391  10.20793  1.000 20.39917 ? 22  CYS A N   1 
ATOM   162  C  CA  . CYS A 1 22 ? -2.45411  -2.31631  10.28590  0.680 28.42485 ? 22  CYS A CA  1 
ATOM   163  C  C   . CYS A 1 22 ? -2.76567  -3.78698  10.53528  0.590 29.94251 ? 22  CYS A C   1 
ATOM   164  O  O   . CYS A 1 22 ? -2.25667  -4.66842  9.83265   0.600 27.52291 ? 22  CYS A O   1 
ATOM   165  C  CB  . CYS A 1 22 ? -3.12299  -1.85049  8.99593   1.000 23.75101 ? 22  CYS A CB  1 
ATOM   166  S  SG  . CYS A 1 22 ? -4.90818  -2.02518  8.97263   0.670 21.02885 ? 22  CYS A SG  1 
ATOM   167  N  N   . ASP A 1 23 ? -3.62429  -4.04680  11.52898  0.840 23.73975 ? 23  ASP A N   1 
ATOM   168  C  CA  . ASP A 1 23 ? -3.95080  -5.42461  11.88251  0.760 26.72215 ? 23  ASP A CA  1 
ATOM   169  C  C   . ASP A 1 23 ? -4.67594  -6.14543  10.74808  0.670 27.31594 ? 23  ASP A C   1 
ATOM   170  O  O   . ASP A 1 23 ? -4.47285  -7.34668  10.53947  0.570 28.28615 ? 23  ASP A O   1 
ATOM   171  C  CB  . ASP A 1 23 ? -4.79429  -5.46263  13.16041  0.720 31.87460 ? 23  ASP A CB  1 
ATOM   172  C  CG  . ASP A 1 23 ? -4.06969  -4.87989  14.36453  0.720 34.56193 ? 23  ASP A CG  1 
ATOM   173  O  OD1 . ASP A 1 23 ? -2.88761  -5.24859  14.55681  0.720 30.41912 ? 23  ASP A OD1 1 
ATOM   174  O  OD2 . ASP A 1 23 ? -4.68566  -4.14333  15.17561  0.840 35.37093 ? 23  ASP A OD2 1 
ATOM   175  N  N   . LYS A 1 24 ? -5.54098  -5.43656  10.01507  0.490 30.04988 ? 24  LYS A N   1 
ATOM   176  C  CA  . LYS A 1 24 ? -6.25225  -6.00186  8.85490   1.000 26.28563 ? 24  LYS A CA  1 
ATOM   177  C  C   . LYS A 1 24 ? -5.40337  -6.12893  7.59443   0.710 26.47062 ? 24  LYS A C   1 
ATOM   178  O  O   . LYS A 1 24 ? -5.05819  -7.23637  7.18296   0.550 22.02613 ? 24  LYS A O   1 
ATOM   179  C  CB  . LYS A 1 24 ? -7.51074  -5.17325  8.57191   0.580 25.36694 ? 24  LYS A CB  1 
ATOM   180  C  CG  . LYS A 1 24 ? -8.54144  -5.17020  9.67135   0.240 29.46042 ? 24  LYS A CG  1 
ATOM   181  C  CD  . LYS A 1 24 ? -9.26467  -6.53836  9.72369   0.700 31.37246 ? 24  LYS A CD  1 
ATOM   182  C  CE  . LYS A 1 24 ? -8.73977  -7.56701  10.65015  0.520 28.11093 ? 24  LYS A CE  1 
ATOM   183  N  NZ  . LYS A 1 24 ? -9.65762  -8.73576  10.59080  0.410 37.00271 ? 24  LYS A NZ  1 
ATOM   184  N  N   . CYS A 1 25 ? -5.07025  -5.01134  6.96055   0.610 25.91306 ? 25  CYS A N   1 
ATOM   185  C  CA  . CYS A 1 25 ? -4.51870  -5.05168  5.61416   1.000 27.15846 ? 25  CYS A CA  1 
ATOM   186  C  C   . CYS A 1 25 ? -3.00188  -5.15712  5.57872   0.630 24.35743 ? 25  CYS A C   1 
ATOM   187  O  O   . CYS A 1 25 ? -2.43309  -5.23649  4.48554   0.600 20.91919 ? 25  CYS A O   1 
ATOM   188  C  CB  . CYS A 1 25 ? -4.97865  -3.82825  4.81269   0.590 25.17682 ? 25  CYS A CB  1 
ATOM   189  S  SG  . CYS A 1 25 ? -4.20634  -2.27728  5.26187   0.760 24.55075 ? 25  CYS A SG  1 
ATOM   190  N  N   . MET A 1 26 ? -2.33634  -5.17429  6.73338   0.680 23.33553 ? 26  MET A N   1 
ATOM   191  C  CA  . MET A 1 26 ? -0.90322  -5.42588  6.89417   1.000 24.42323 ? 26  MET A CA  1 
ATOM   192  C  C   . MET A 1 26 ? 0.01582   -4.32945  6.36077   0.740 20.17472 ? 26  MET A C   1 
ATOM   193  O  O   . MET A 1 26 ? 1.23760   -4.49609  6.44554   0.920 21.68232 ? 26  MET A O   1 
ATOM   194  C  CB  . MET A 1 26 ? -0.45236  -6.75338  6.25842   0.610 27.55999 ? 26  MET A CB  1 
ATOM   195  C  CG  . MET A 1 26 ? -1.36867  -7.93685  6.50701   0.380 29.91836 ? 26  MET A CG  1 
ATOM   196  S  SD  . MET A 1 26 ? -1.87073  -8.01073  8.23031   0.440 29.57527 ? 26  MET A SD  1 
ATOM   197  C  CE  . MET A 1 26 ? -0.46514  -8.87748  8.91392   1.000 35.77632 ? 26  MET A CE  1 
ATOM   198  N  N   . VAL A 1 27 ? -0.50332  -3.21965  5.82985   0.770 18.93176 ? 27  VAL A N   1 
ATOM   199  C  CA  . VAL A 1 27 ? 0.40574   -2.14861  5.41470   1.000 19.91396 ? 27  VAL A CA  1 
ATOM   200  C  C   . VAL A 1 27 ? 1.04681   -1.50016  6.63894   0.900 22.67125 ? 27  VAL A C   1 
ATOM   201  O  O   . VAL A 1 27 ? 0.51287   -1.53126  7.75530   0.790 21.91415 ? 27  VAL A O   1 
ATOM   202  C  CB  . VAL A 1 27 ? -0.29901  -1.09285  4.54802   0.900 22.51184 ? 27  VAL A CB  1 
ATOM   203  C  CG1 . VAL A 1 27 ? -0.96835  -1.74245  3.36182   0.650 18.67155 ? 27  VAL A CG1 1 
ATOM   204  C  CG2 . VAL A 1 27 ? -1.29501  -0.29156  5.36857   0.890 25.08858 ? 27  VAL A CG2 1 
ATOM   205  N  N   . TRP A 1 28 ? 2.20837   -0.89072  6.41361   0.830 18.49084 ? 28  TRP A N   1 
ATOM   206  C  CA  . TRP A 1 28 ? 2.96367   -0.18909  7.44075   1.000 22.67216 ? 28  TRP A CA  1 
ATOM   207  C  C   . TRP A 1 28 ? 2.84879   1.31465   7.23478   0.750 19.64829 ? 28  TRP A C   1 
ATOM   208  O  O   . TRP A 1 28 ? 2.80051   1.80260   6.10213   0.700 18.72314 ? 28  TRP A O   1 
ATOM   209  C  CB  . TRP A 1 28 ? 4.44106   -0.59163  7.41497   0.790 19.22257 ? 28  TRP A CB  1 
ATOM   210  C  CG  . TRP A 1 28 ? 4.68323   -1.99612  7.81782   0.750 25.28549 ? 28  TRP A CG  1 
ATOM   211  C  CD1 . TRP A 1 28 ? 4.64817   -3.10070  7.01257   0.630 25.11557 ? 28  TRP A CD1 1 
ATOM   212  C  CD2 . TRP A 1 28 ? 5.02126   -2.46306  9.12702   0.650 21.92934 ? 28  TRP A CD2 1 
ATOM   213  N  NE1 . TRP A 1 28 ? 4.93178   -4.22880  7.74794   0.670 23.70917 ? 28  TRP A NE1 1 
ATOM   214  C  CE2 . TRP A 1 28 ? 5.16442   -3.86271  9.04855   0.590 26.35765 ? 28  TRP A CE2 1 
ATOM   215  C  CE3 . TRP A 1 28 ? 5.20537   -1.83418  10.36198  0.730 23.29055 ? 28  TRP A CE3 1 
ATOM   216  C  CZ2 . TRP A 1 28 ? 5.48949   -4.64211  10.15754  0.780 25.53011 ? 28  TRP A CZ2 1 
ATOM   217  C  CZ3 . TRP A 1 28 ? 5.52912   -2.60930  11.45815  0.590 21.03502 ? 28  TRP A CZ3 1 
ATOM   218  C  CH2 . TRP A 1 28 ? 5.66692   -3.99673  11.34964  0.510 24.24913 ? 28  TRP A CH2 1 
ATOM   219  N  N   . GLN A 1 29 ? 2.81939   2.04641   8.34441   0.700 23.14055 ? 29  GLN A N   1 
ATOM   220  C  CA  . GLN A 1 29 ? 2.63833   3.49137   8.33568   0.760 18.63748 ? 29  GLN A CA  1 
ATOM   221  C  C   . GLN A 1 29 ? 3.54333   4.09893   9.39766   0.630 23.27227 ? 29  GLN A C   1 
ATOM   222  O  O   . GLN A 1 29 ? 3.86563   3.44735   10.39092  0.750 20.13747 ? 29  GLN A O   1 
ATOM   223  C  CB  . GLN A 1 29 ? 1.17463   3.86532   8.61694   0.820 19.30946 ? 29  GLN A CB  1 
ATOM   224  C  CG  . GLN A 1 29 ? 0.15030   3.06641   7.80164   0.770 18.27581 ? 29  GLN A CG  1 
ATOM   225  C  CD  . GLN A 1 29 ? -1.20732  3.73050   7.74950   0.630 18.41618 ? 29  GLN A CD  1 
ATOM   226  O  OE1 . GLN A 1 29 ? -1.89177  3.85478   8.76968   0.670 18.48728 ? 29  GLN A OE1 1 
ATOM   227  N  NE2 . GLN A 1 29 ? -1.61447  4.14902   6.55729   0.750 18.25975 ? 29  GLN A NE2 1 
ATOM   228  N  N   . HIS A 1 30 ? 3.94780   5.35189   9.19077   0.740 22.68792 ? 30  HIS A N   1 
ATOM   229  C  CA  . HIS A 1 30 ? 4.76636   6.04175   10.18016  1.000 21.00098 ? 30  HIS A CA  1 
ATOM   230  C  C   . HIS A 1 30 ? 3.90454   6.50297   11.35321  1.000 21.03170 ? 30  HIS A C   1 
ATOM   231  O  O   . HIS A 1 30 ? 2.89844   7.19369   11.16344  0.510 20.05985 ? 30  HIS A O   1 
ATOM   232  C  CB  . HIS A 1 30 ? 5.49351   7.23474   9.55714   1.000 22.43446 ? 30  HIS A CB  1 
ATOM   233  C  CG  . HIS A 1 30 ? 6.14265   6.93656   8.24141   0.790 20.52359 ? 30  HIS A CG  1 
ATOM   234  N  ND1 . HIS A 1 30 ? 5.67570   7.44318   7.04833   0.850 18.99466 ? 30  HIS A ND1 1 
ATOM   235  C  CD2 . HIS A 1 30 ? 7.22571   6.18527   7.93180   0.680 18.91732 ? 30  HIS A CD2 1 
ATOM   236  C  CE1 . HIS A 1 30 ? 6.44372   7.02159   6.06061   0.650 19.01376 ? 30  HIS A CE1 1 
ATOM   237  N  NE2 . HIS A 1 30 ? 7.39087   6.25400   6.56948   0.820 21.23466 ? 30  HIS A NE2 1 
ATOM   238  N  N   . CYS A 1 31 ? 4.31051   6.12231   12.56782  0.830 24.75771 ? 31  CYS A N   1 
ATOM   239  C  CA  . CYS A 1 31 ? 3.55839   6.50808   13.75846  0.880 27.13861 ? 31  CYS A CA  1 
ATOM   240  C  C   . CYS A 1 31 ? 3.41221   8.02278   13.85696  0.400 22.65544 ? 31  CYS A C   1 
ATOM   241  O  O   . CYS A 1 31 ? 2.33444   8.53011   14.18690  0.640 26.71275 ? 31  CYS A O   1 
ATOM   242  C  CB  . CYS A 1 31 ? 4.24003   5.95750   15.01154  0.760 30.81572 ? 31  CYS A CB  1 
ATOM   243  S  SG  . CYS A 1 31 ? 4.26265   4.15690   15.15076  0.590 30.05677 ? 31  CYS A SG  1 
ATOM   244  N  N   . ASP A 1 32 ? 4.48380   8.76301   13.56640  0.700 22.98201 ? 32  ASP A N   1 
ATOM   245  C  CA  . ASP A 1 32 ? 4.41164   10.22124  13.63260  0.460 25.51927 ? 32  ASP A CA  1 
ATOM   246  C  C   . ASP A 1 32 ? 3.38077   10.77707  12.65815  0.770 29.16218 ? 32  ASP A C   1 
ATOM   247  O  O   . ASP A 1 32 ? 2.62469   11.69471  13.00173  0.690 25.76639 ? 32  ASP A O   1 
ATOM   248  C  CB  . ASP A 1 32 ? 5.78139   10.82779  13.34938  1.000 27.49124 ? 32  ASP A CB  1 
ATOM   249  C  CG  . ASP A 1 32 ? 6.74043   10.67135  14.50988  0.260 28.34025 ? 32  ASP A CG  1 
ATOM   250  O  OD1 . ASP A 1 32 ? 6.26839   10.54656  15.66036  0.480 24.35015 ? 32  ASP A OD1 1 
ATOM   251  O  OD2 . ASP A 1 32 ? 7.96636   10.67310  14.27074  0.430 22.09653 ? 32  ASP A OD2 1 
ATOM   252  N  N   . CYS A 1 33 ? 3.35012   10.25068  11.42970  0.820 24.22429 ? 33  CYS A N   1 
ATOM   253  C  CA  . CYS A 1 33 ? 2.36486   10.70601  10.45248  0.770 26.41467 ? 33  CYS A CA  1 
ATOM   254  C  C   . CYS A 1 33 ? 0.94448   10.38433  10.89781  0.820 22.42146 ? 33  CYS A C   1 
ATOM   255  O  O   . CYS A 1 33 ? 0.01722   11.15299  10.62120  0.650 27.54738 ? 33  CYS A O   1 
ATOM   256  C  CB  . CYS A 1 33 ? 2.63273   10.07019  9.08467   0.750 24.98578 ? 33  CYS A CB  1 
ATOM   257  S  SG  . CYS A 1 33 ? 4.23668   10.42850  8.32269   0.650 21.25437 ? 33  CYS A SG  1 
ATOM   258  N  N   . MET A 1 34 ? 0.75684   9.26761   11.59045  0.860 21.90317 ? 34  MET A N   1 
ATOM   259  C  CA  . MET A 1 34 ? -0.56829  8.78362   11.94773  0.880 24.18176 ? 34  MET A CA  1 
ATOM   260  C  C   . MET A 1 34 ? -1.02270  9.26343   13.32379  0.650 29.60329 ? 34  MET A C   1 
ATOM   261  O  O   . MET A 1 34 ? -2.15540  8.97322   13.72201  0.570 29.31365 ? 34  MET A O   1 
ATOM   262  C  CB  . MET A 1 34 ? -0.58778  7.25180   11.90612  0.830 22.70942 ? 34  MET A CB  1 
ATOM   263  C  CG  . MET A 1 34 ? -0.42177  6.63928   10.51175  1.000 22.29859 ? 34  MET A CG  1 
ATOM   264  S  SD  . MET A 1 34 ? -1.29803  7.46188   9.17598   0.530 19.53664 ? 34  MET A SD  1 
ATOM   265  C  CE  . MET A 1 34 ? -2.97900  6.93004   9.47111   0.590 20.71866 ? 34  MET A CE  1 
ATOM   266  N  N   . GLY A 1 35 ? -0.17001  9.97383   14.05845  0.840 27.83165 ? 35  GLY A N   1 
ATOM   267  C  CA  . GLY A 1 35 ? -0.55541  10.49417  15.36148  0.800 33.68437 ? 35  GLY A CA  1 
ATOM   268  C  C   . GLY A 1 35 ? -0.64451  9.45869   16.45984  0.560 30.83411 ? 35  GLY A C   1 
ATOM   269  O  O   . GLY A 1 35 ? -1.42813  9.62844   17.40015  0.410 34.40356 ? 35  GLY A O   1 
ATOM   270  N  N   . VAL A 1 36 ? 0.14413   8.38702   16.37219  0.730 28.83747 ? 36  VAL A N   1 
ATOM   271  C  CA  . VAL A 1 36 ? 0.13368   7.30841   17.35159  1.000 36.87629 ? 36  VAL A CA  1 
ATOM   272  C  C   . VAL A 1 36 ? 1.57348   7.01415   17.74791  1.000 36.87661 ? 36  VAL A C   1 
ATOM   273  O  O   . VAL A 1 36 ? 2.52084   7.53350   17.15883  0.130 33.98518 ? 36  VAL A O   1 
ATOM   274  C  CB  . VAL A 1 36 ? -0.53952  6.03118   16.80828  0.390 33.27158 ? 36  VAL A CB  1 
ATOM   275  C  CG1 . VAL A 1 36 ? -2.03028  6.25133   16.60396  0.590 30.26376 ? 36  VAL A CG1 1 
ATOM   276  C  CG2 . VAL A 1 36 ? 0.12891   5.60105   15.51433  0.820 30.90309 ? 36  VAL A CG2 1 
ATOM   277  N  N   . ASN A 1 37 ? 1.73192   6.17318   18.76947  0.710 45.06147 ? 37  ASN A N   1 
ATOM   278  C  CA  . ASN A 1 37 ? 3.05305   5.71475   19.17369  0.400 43.30468 ? 37  ASN A CA  1 
ATOM   279  C  C   . ASN A 1 37 ? 2.99000   4.21945   19.45528  1.000 45.13569 ? 37  ASN A C   1 
ATOM   280  O  O   . ASN A 1 37 ? 1.95782   3.56917   19.26290  0.480 42.76042 ? 37  ASN A O   1 
ATOM   281  C  CB  . ASN A 1 37 ? 3.60051   6.52939   20.35967  0.500 39.68432 ? 37  ASN A CB  1 
ATOM   282  C  CG  . ASN A 1 37 ? 2.76044   6.40378   21.62253  0.490 43.78695 ? 37  ASN A CG  1 
ATOM   283  O  OD1 . ASN A 1 37 ? 2.32567   5.31842   22.01022  0.530 41.68336 ? 37  ASN A OD1 1 
ATOM   284  N  ND2 . ASN A 1 37 ? 2.53221   7.53627   22.27575  0.210 36.92308 ? 37  ASN A ND2 1 
ATOM   285  N  N   . SER A 1 38 ? 4.11864   3.67363   19.91408  1.000 63.08507 ? 38  SER A N   1 
ATOM   286  C  CA  . SER A 1 38 ? 4.34606   2.23082   19.96090  1.000 53.77287 ? 38  SER A CA  1 
ATOM   287  C  C   . SER A 1 38 ? 3.61186   1.52150   21.09663  1.000 64.83125 ? 38  SER A C   1 
ATOM   288  O  O   . SER A 1 38 ? 3.80186   0.30579   21.25589  1.000 70.84173 ? 38  SER A O   1 
ATOM   289  C  CB  . SER A 1 38 ? 5.84876   1.95192   20.07906  1.000 64.24510 ? 38  SER A CB  1 
ATOM   290  O  OG  . SER A 1 38 ? 6.35484   2.37203   21.34181  1.000 71.37228 ? 38  SER A OG  1 
ATOM   291  N  N   . ASP A 1 39 ? 2.79254   2.21544   21.88673  0.670 48.13006 ? 39  ASP A N   1 
ATOM   292  C  CA  . ASP A 1 39 ? 2.15534   1.60492   23.04368  0.490 38.95059 ? 39  ASP A CA  1 
ATOM   293  C  C   . ASP A 1 39 ? 0.67766   1.29237   22.83110  0.510 33.18268 ? 39  ASP A C   1 
ATOM   294  O  O   . ASP A 1 39 ? 0.00093   0.90691   23.78725  0.490 34.34160 ? 39  ASP A O   1 
ATOM   295  C  CB  . ASP A 1 39 ? 2.32786   2.49977   24.27379  0.450 39.85568 ? 39  ASP A CB  1 
ATOM   296  C  CG  . ASP A 1 39 ? 3.76205   2.53793   24.77213  0.450 45.18905 ? 39  ASP A CG  1 
ATOM   297  O  OD1 . ASP A 1 39 ? 4.63604   1.91295   24.13230  0.450 42.03028 ? 39  ASP A OD1 1 
ATOM   298  O  OD2 . ASP A 1 39 ? 4.01239   3.18314   25.81266  0.590 44.37032 ? 39  ASP A OD2 1 
ATOM   299  N  N   . VAL A 1 40 ? 0.15565   1.43674   21.61302  1.000 32.63896 ? 40  VAL A N   1 
ATOM   300  C  CA  . VAL A 1 40 ? -1.24347  1.09116   21.37952  1.000 27.58664 ? 40  VAL A CA  1 
ATOM   301  C  C   . VAL A 1 40 ? -1.36578  -0.42168  21.26181  0.420 27.96053 ? 40  VAL A C   1 
ATOM   302  O  O   . VAL A 1 40 ? -0.41408  -1.12037  20.89739  0.520 30.86096 ? 40  VAL A O   1 
ATOM   303  C  CB  . VAL A 1 40 ? -1.80931  1.80115   20.13180  0.580 30.84838 ? 40  VAL A CB  1 
ATOM   304  C  CG1 . VAL A 1 40 ? -1.61203  3.30863   20.23571  0.550 34.22952 ? 40  VAL A CG1 1 
ATOM   305  C  CG2 . VAL A 1 40 ? -1.18720  1.24331   18.86293  0.770 24.78069 ? 40  VAL A CG2 1 
ATOM   306  N  N   . GLU A 1 41 ? -2.54972  -0.93836  21.58285  0.790 28.89875 ? 41  GLU A N   1 
ATOM   307  C  CA  . GLU A 1 41 ? -2.76097  -2.38105  21.57704  0.630 25.01224 ? 41  GLU A CA  1 
ATOM   308  C  C   . GLU A 1 41 ? -3.18675  -2.91078  20.21122  0.500 26.18557 ? 41  GLU A C   1 
ATOM   309  O  O   . GLU A 1 41 ? -2.68960  -3.95245  19.76816  0.760 30.66138 ? 41  GLU A O   1 
ATOM   310  C  CB  . GLU A 1 41 ? -3.79619  -2.75576  22.63899  0.570 34.43819 ? 41  GLU A CB  1 
ATOM   311  C  CG  . GLU A 1 41 ? -3.71516  -4.19794  23.09274  0.810 39.76010 ? 41  GLU A CG  1 
ATOM   312  C  CD  . GLU A 1 41 ? -4.81945  -4.56372  24.06661  0.800 55.17922 ? 41  GLU A CD  1 
ATOM   313  O  OE1 . GLU A 1 41 ? -4.93006  -5.76704  24.39084  0.850 58.05391 ? 41  GLU A OE1 1 
ATOM   314  O  OE2 . GLU A 1 41 ? -5.55271  -3.65338  24.52424  0.450 31.60166 ? 41  GLU A OE2 1 
ATOM   315  N  N   . HIS A 1 42 ? -4.09667  -2.21769  19.53587  0.630 27.87704 ? 42  HIS A N   1 
ATOM   316  C  CA  . HIS A 1 42 ? -4.55987  -2.60058  18.21202  0.590 30.44372 ? 42  HIS A CA  1 
ATOM   317  C  C   . HIS A 1 42 ? -4.45160  -1.39917  17.28663  0.400 25.21886 ? 42  HIS A C   1 
ATOM   318  O  O   . HIS A 1 42 ? -4.64856  -0.25682  17.70966  0.550 25.69683 ? 42  HIS A O   1 
ATOM   319  C  CB  . HIS A 1 42 ? -6.00884  -3.10181  18.24982  0.600 32.32718 ? 42  HIS A CB  1 
ATOM   320  C  CG  . HIS A 1 42 ? -6.16136  -4.46309  18.85323  0.120 33.03619 ? 42  HIS A CG  1 
ATOM   321  N  ND1 . HIS A 1 42 ? -5.77928  -5.61449  18.19879  0.460 38.11943 ? 42  HIS A ND1 1 
ATOM   322  C  CD2 . HIS A 1 42 ? -6.64088  -4.85589  20.05735  0.610 31.78450 ? 42  HIS A CD2 1 
ATOM   323  C  CE1 . HIS A 1 42 ? -6.02581  -6.65866  18.96975  0.380 32.93653 ? 42  HIS A CE1 1 
ATOM   324  N  NE2 . HIS A 1 42 ? -6.54739  -6.22576  20.10393  0.390 35.78034 ? 42  HIS A NE2 1 
ATOM   325  N  N   . TYR A 1 43 ? -4.13698  -1.65632  16.01786  0.580 23.17778 ? 43  TYR A N   1 
ATOM   326  C  CA  . TYR A 1 43 ? -4.02003  -0.56889  15.05490  0.520 22.88857 ? 43  TYR A CA  1 
ATOM   327  C  C   . TYR A 1 43 ? -4.72865  -0.92793  13.76025  1.000 21.08705 ? 43  TYR A C   1 
ATOM   328  O  O   . TYR A 1 43 ? -4.59678  -2.05112  13.26921  0.570 21.08639 ? 43  TYR A O   1 
ATOM   329  C  CB  . TYR A 1 43 ? -2.55864  -0.22813  14.73921  0.570 21.33605 ? 43  TYR A CB  1 
ATOM   330  C  CG  . TYR A 1 43 ? -2.46982  0.98036   13.84065  0.380 20.91151 ? 43  TYR A CG  1 
ATOM   331  C  CD1 . TYR A 1 43 ? -2.77189  2.24024   14.33414  0.860 22.80881 ? 43  TYR A CD1 1 
ATOM   332  C  CD2 . TYR A 1 43 ? -2.14575  0.86109   12.48835  1.000 24.34038 ? 43  TYR A CD2 1 
ATOM   333  C  CE1 . TYR A 1 43 ? -2.72299  3.34990   13.53419  0.530 20.78366 ? 43  TYR A CE1 1 
ATOM   334  C  CE2 . TYR A 1 43 ? -2.09182  1.97554   11.67650  0.480 20.20867 ? 43  TYR A CE2 1 
ATOM   335  C  CZ  . TYR A 1 43 ? -2.38396  3.21674   12.21001  0.660 20.04966 ? 43  TYR A CZ  1 
ATOM   336  O  OH  . TYR A 1 43 ? -2.34499  4.34057   11.42926  0.510 19.56891 ? 43  TYR A OH  1 
ATOM   337  N  N   . LEU A 1 44 ? -5.46590  0.03463   13.21291  0.610 20.77182 ? 44  LEU A N   1 
ATOM   338  C  CA  . LEU A 1 44 ? -6.00548  -0.04223  11.86390  0.300 21.31776 ? 44  LEU A CA  1 
ATOM   339  C  C   . LEU A 1 44 ? -5.65655  1.24203   11.13034  0.720 23.78143 ? 44  LEU A C   1 
ATOM   340  O  O   . LEU A 1 44 ? -5.66877  2.32553   11.72251  0.690 21.72367 ? 44  LEU A O   1 
ATOM   341  C  CB  . LEU A 1 44 ? -7.52445  -0.24545  11.86567  0.740 23.30020 ? 44  LEU A CB  1 
ATOM   342  C  CG  . LEU A 1 44 ? -8.01325  -1.43935  12.68395  0.570 26.42712 ? 44  LEU A CG  1 
ATOM   343  C  CD1 . LEU A 1 44 ? -9.50932  -1.34762  12.95082  0.510 24.01344 ? 44  LEU A CD1 1 
ATOM   344  C  CD2 . LEU A 1 44 ? -7.65682  -2.73022  11.97787  0.480 29.07408 ? 44  LEU A CD2 1 
ATOM   345  N  N   . CYS A 1 45 ? -5.34201  1.11323   9.84212   1.000 25.20666 ? 45  CYS A N   1 
ATOM   346  C  CA  . CYS A 1 45 ? -4.97467  2.26119   9.02988   0.710 21.44198 ? 45  CYS A CA  1 
ATOM   347  C  C   . CYS A 1 45 ? -6.20369  3.11813   8.73238   0.800 22.52885 ? 45  CYS A C   1 
ATOM   348  O  O   . CYS A 1 45 ? -7.33959  2.77058   9.06315   0.820 26.19436 ? 45  CYS A O   1 
ATOM   349  C  CB  . CYS A 1 45 ? -4.30068  1.79974   7.73977   0.600 19.62481 ? 45  CYS A CB  1 
ATOM   350  S  SG  . CYS A 1 45 ? -5.42748  0.99040   6.59287   0.720 23.32246 ? 45  CYS A SG  1 
ATOM   351  N  N   . GLU A 1 46 ? -5.96634  4.25704   8.08183   0.520 21.12140 ? 46  GLU A N   1 
ATOM   352  C  CA  . GLU A 1 46 ? -7.00792  5.24019   7.81649   0.890 26.30783 ? 46  GLU A CA  1 
ATOM   353  C  C   . GLU A 1 46 ? -7.93965  4.83646   6.68051   1.000 26.41548 ? 46  GLU A C   1 
ATOM   354  O  O   . GLU A 1 46 ? -8.91588  5.54731   6.42044   0.610 25.75632 ? 46  GLU A O   1 
ATOM   355  C  CB  . GLU A 1 46 ? -6.37371  6.60042   7.50916   0.440 27.65206 ? 46  GLU A CB  1 
ATOM   356  C  CG  . GLU A 1 46 ? -6.09029  6.86818   6.03239   0.820 21.35426 ? 46  GLU A CG  1 
ATOM   357  C  CD  . GLU A 1 46 ? -4.99186  5.99322   5.44763   0.820 20.84220 ? 46  GLU A CD  1 
ATOM   358  O  OE1 . GLU A 1 46 ? -4.40432  5.17648   6.18223   0.630 20.24605 ? 46  GLU A OE1 1 
ATOM   359  O  OE2 . GLU A 1 46 ? -4.72146  6.12659   4.23157   0.550 23.69239 ? 46  GLU A OE2 1 
ATOM   360  N  N   . GLN A 1 47 ? -7.66682  3.72351   6.00275   0.670 20.61398 ? 47  GLN A N   1 
ATOM   361  C  CA  . GLN A 1 47 ? -8.58660  3.17737   5.01450   0.640 22.21928 ? 47  GLN A CA  1 
ATOM   362  C  C   . GLN A 1 47 ? -9.45626  2.06833   5.58350   0.630 24.17706 ? 47  GLN A C   1 
ATOM   363  O  O   . GLN A 1 47 ? -10.61772 1.93424   5.18285   0.350 25.52029 ? 47  GLN A O   1 
ATOM   364  C  CB  . GLN A 1 47 ? -7.80919  2.64888   3.80075   0.900 26.04684 ? 47  GLN A CB  1 
ATOM   365  C  CG  . GLN A 1 47 ? -7.13394  3.73689   2.97055   1.000 24.37445 ? 47  GLN A CG  1 
ATOM   366  C  CD  . GLN A 1 47 ? -8.10984  4.76664   2.40411   0.580 25.68709 ? 47  GLN A CD  1 
ATOM   367  O  OE1 . GLN A 1 47 ? -9.24116  4.44047   2.05609   0.480 22.58394 ? 47  GLN A OE1 1 
ATOM   368  N  NE2 . GLN A 1 47 ? -7.66245  6.01696   2.30181   0.730 26.60254 ? 47  GLN A NE2 1 
ATOM   369  N  N   . CYS A 1 48 ? -8.91572  1.27314   6.50714   1.000 25.27991 ? 48  CYS A N   1 
ATOM   370  C  CA  . CYS A 1 48 ? -9.69646  0.26029   7.20235   1.000 25.09328 ? 48  CYS A CA  1 
ATOM   371  C  C   . CYS A 1 48 ? -10.59332 0.87047   8.27014   0.350 26.06715 ? 48  CYS A C   1 
ATOM   372  O  O   . CYS A 1 48 ? -11.60234 0.26109   8.63994   0.380 26.39780 ? 48  CYS A O   1 
ATOM   373  C  CB  . CYS A 1 48 ? -8.76650  -0.77445  7.84190   1.000 23.06066 ? 48  CYS A CB  1 
ATOM   374  S  SG  . CYS A 1 48 ? -7.81252  -1.82199  6.69075   0.590 19.43842 ? 48  CYS A SG  1 
ATOM   375  N  N   . ASP A 1 49 ? -10.24379 2.05885   8.76080   0.660 28.00866 ? 49  ASP A N   1 
ATOM   376  C  CA  . ASP A 1 49 ? -10.99039 2.74772   9.81394   1.000 35.65154 ? 49  ASP A CA  1 
ATOM   377  C  C   . ASP A 1 49 ? -10.94454 4.23774   9.50358   0.640 28.38479 ? 49  ASP A C   1 
ATOM   378  O  O   . ASP A 1 49 ? -10.17141 4.99114   10.10905  0.850 29.13431 ? 49  ASP A O   1 
ATOM   379  C  CB  . ASP A 1 49 ? -10.39404 2.43446   11.18909  1.000 29.86868 ? 49  ASP A CB  1 
ATOM   380  C  CG  . ASP A 1 49 ? -11.20275 3.01206   12.33736  0.580 33.67790 ? 49  ASP A CG  1 
ATOM   381  O  OD1 . ASP A 1 49 ? -12.37276 3.39469   12.13284  0.510 33.19963 ? 49  ASP A OD1 1 
ATOM   382  O  OD2 . ASP A 1 49 ? -10.65671 3.07204   13.45802  0.780 33.04658 ? 49  ASP A OD2 1 
ATOM   383  N  N   . PRO A 1 50 ? -11.74460 4.69526   8.53401   0.750 26.63308 ? 50  PRO A N   1 
ATOM   384  C  CA  . PRO A 1 50 ? -11.63252 6.08882   8.07925   0.840 26.77844 ? 50  PRO A CA  1 
ATOM   385  C  C   . PRO A 1 50 ? -11.84697 7.06796   9.21921   0.280 33.32970 ? 50  PRO A C   1 
ATOM   386  O  O   . PRO A 1 50 ? -12.69819 6.86494   10.08716  0.610 32.34644 ? 50  PRO A O   1 
ATOM   387  C  CB  . PRO A 1 50 ? -12.73255 6.22067   7.01902   0.600 34.26267 ? 50  PRO A CB  1 
ATOM   388  C  CG  . PRO A 1 50 ? -13.16097 4.85181   6.67772   0.420 31.16301 ? 50  PRO A CG  1 
ATOM   389  C  CD  . PRO A 1 50 ? -12.57765 3.87078   7.64321   0.790 30.56981 ? 50  PRO A CD  1 
ATOM   390  N  N   . ARG A 1 51 ? -11.06508 8.14281   9.19777   0.680 36.59975 ? 51  ARG A N   1 
ATOM   391  C  CA  . ARG A 1 51 ? -10.98536 9.07470   10.31050  0.690 36.99456 ? 51  ARG A CA  1 
ATOM   392  C  C   . ARG A 1 51 ? -10.05796 10.23026  9.95665   0.450 34.77076 ? 51  ARG A C   1 
ATOM   393  O  O   . ARG A 1 51 ? -9.20577  10.09246  9.06801   0.360 35.55919 ? 51  ARG A O   1 
ATOM   394  C  CB  . ARG A 1 51 ? -10.49423 8.34511   11.56237  1.000 33.74643 ? 51  ARG A CB  1 
ATOM   395  C  CG  . ARG A 1 51 ? -9.03064  7.92653   11.51465  1.000 37.83209 ? 51  ARG A CG  1 
ATOM   396  C  CD  . ARG A 1 51 ? -8.68508  7.01418   12.68526  0.900 31.34830 ? 51  ARG A CD  1 
ATOM   397  N  NE  . ARG A 1 51 ? -7.26015  6.69341   12.75254  0.570 27.26750 ? 51  ARG A NE  1 
ATOM   398  C  CZ  . ARG A 1 51 ? -6.70244  5.62080   12.19934  0.280 25.86286 ? 51  ARG A CZ  1 
ATOM   399  N  NH1 . ARG A 1 51 ? -7.44786  4.74966   11.53367  1.000 28.43934 ? 51  ARG A NH1 1 
ATOM   400  N  NH2 . ARG A 1 51 ? -5.39693  5.41537   12.31752  0.750 24.07649 ? 51  ARG A NH2 1 
ATOM   401  N  N   . PRO A 1 52 ? -10.20407 11.38433  10.60061  0.420 30.68481 ? 52  PRO A N   1 
ATOM   402  C  CA  . PRO A 1 52 ? -9.20095  12.43934  10.45062  0.710 32.34865 ? 52  PRO A CA  1 
ATOM   403  C  C   . PRO A 1 52 ? -7.96584  12.10476  11.26882  0.600 36.96172 ? 52  PRO A C   1 
ATOM   404  O  O   . PRO A 1 52 ? -8.04513  11.50978  12.34598  0.320 39.31798 ? 52  PRO A O   1 
ATOM   405  C  CB  . PRO A 1 52 ? -9.90893  13.68987  10.99552  0.550 32.91982 ? 52  PRO A CB  1 
ATOM   406  C  CG  . PRO A 1 52 ? -11.36267 13.29468  11.16704  0.370 35.40326 ? 52  PRO A CG  1 
ATOM   407  C  CD  . PRO A 1 52 ? -11.33288 11.82565  11.43464  0.380 35.18981 ? 52  PRO A CD  1 
ATOM   408  N  N   . VAL A 1 53 ? -6.81124  12.49543  10.74439  0.670 40.94697 ? 53  VAL A N   1 
ATOM   409  C  CA  . VAL A 1 53 ? -5.55834  12.10857  11.37414  0.300 37.42316 ? 53  VAL A CA  1 
ATOM   410  C  C   . VAL A 1 53 ? -4.88090  13.29860  12.05071  1.000 50.68973 ? 53  VAL A C   1 
ATOM   411  O  O   . VAL A 1 53 ? -5.14480  14.45741  11.71877  0.910 52.04130 ? 53  VAL A O   1 
ATOM   412  C  CB  . VAL A 1 53 ? -4.61879  11.45602  10.35317  0.440 38.70821 ? 53  VAL A CB  1 
ATOM   413  C  CG1 . VAL A 1 53 ? -3.25748  11.19731  10.98386  0.660 36.20070 ? 53  VAL A CG1 1 
ATOM   414  C  CG2 . VAL A 1 53 ? -5.23528  10.16960  9.81866   0.770 35.21261 ? 53  VAL A CG2 1 
ATOM   415  N  N   . GLY B 1 1  ? -11.74184 -4.34527  -2.24414  0.580 30.94169 ? 1   GLY B N   1 
ATOM   416  C  CA  . GLY B 1 1  ? -12.36390 -4.47359  -0.93809  0.970 39.57008 ? 1   GLY B CA  1 
ATOM   417  C  C   . GLY B 1 1  ? -11.43151 -4.11941  0.20367   0.780 37.96125 ? 1   GLY B C   1 
ATOM   418  O  O   . GLY B 1 1  ? -10.24586 -3.87477  -0.02473  0.760 29.29560 ? 1   GLY B O   1 
ATOM   419  N  N   . PRO B 1 2  ? -11.96211 -4.10747  1.43203   0.680 33.94388 ? 2   PRO B N   1 
ATOM   420  C  CA  . PRO B 1 2  ? -11.18114 -3.60618  2.57611   0.610 37.34272 ? 2   PRO B CA  1 
ATOM   421  C  C   . PRO B 1 2  ? -9.83426  -4.27438  2.76060   0.580 37.00941 ? 2   PRO B C   1 
ATOM   422  O  O   . PRO B 1 2  ? -8.91816  -3.65637  3.31573   0.560 34.84826 ? 2   PRO B O   1 
ATOM   423  C  CB  . PRO B 1 2  ? -12.11054 -3.87832  3.76605   0.840 31.95304 ? 2   PRO B CB  1 
ATOM   424  C  CG  . PRO B 1 2  ? -13.47058 -3.83132  3.17171   0.850 29.99557 ? 2   PRO B CG  1 
ATOM   425  C  CD  . PRO B 1 2  ? -13.34256 -4.44395  1.81359   0.700 31.76978 ? 2   PRO B CD  1 
ATOM   426  N  N   A LEU B 1 3  ? -9.67427  -5.51433  2.31268   0.500 37.80915 ? 3   LEU B N   1 
ATOM   427  N  N   B LEU B 1 3  ? -9.68576  -5.52001  2.30882   0.500 37.76920 ? 3   LEU B N   1 
ATOM   428  C  CA  A LEU B 1 3  ? -8.40095  -6.19810  2.46795   0.500 38.59230 ? 3   LEU B CA  1 
ATOM   429  C  CA  B LEU B 1 3  ? -8.44471  -6.27201  2.43681   0.500 38.61137 ? 3   LEU B CA  1 
ATOM   430  C  C   . LEU B 1 3  ? -7.59405  -6.22726  1.17181   1.000 44.61092 ? 3   LEU B C   1 
ATOM   431  O  O   A LEU B 1 3  ? -6.34439  -6.46901  1.28698   0.500 36.91095 ? 3   LEU B O   1 
ATOM   432  O  O   B LEU B 1 3  ? -6.52178  -6.84396  1.13547   0.500 35.78195 ? 3   LEU B O   1 
ATOM   433  C  CB  A LEU B 1 3  ? -8.64694  -7.67670  2.81151   0.500 40.76337 ? 3   LEU B CB  1 
ATOM   434  C  CB  B LEU B 1 3  ? -8.75236  -7.72906  2.80031   0.500 40.66130 ? 3   LEU B CB  1 
ATOM   435  C  CG  A LEU B 1 3  ? -9.35779  -8.62197  1.83387   0.500 38.67894 ? 3   LEU B CG  1 
ATOM   436  C  CG  B LEU B 1 3  ? -9.30668  -8.02107  4.19974   0.500 39.48745 ? 3   LEU B CG  1 
ATOM   437  C  CD1 A LEU B 1 3  ? -8.39175  -9.16291  0.77644   0.500 42.20713 ? 3   LEU B CD1 1 
ATOM   438  C  CD1 B LEU B 1 3  ? -9.46416  -9.52343  4.40376   0.500 39.50125 ? 3   LEU B CD1 1 
ATOM   439  C  CD2 A LEU B 1 3  ? -10.07932 -9.75033  2.56735   0.500 41.41165 ? 3   LEU B CD2 1 
ATOM   440  C  CD2 B LEU B 1 3  ? -8.43011  -7.41561  5.29256   0.500 35.13850 ? 3   LEU B CD2 1 
ATOM   441  N  N   . ASP B 1 4  ? -8.04478  -5.52173  0.13927   0.730 31.59916 ? 4   ASP B N   1 
ATOM   442  C  CA  . ASP B 1 4  ? -7.27211  -5.31185  -1.07709  0.770 30.71255 ? 4   ASP B CA  1 
ATOM   443  C  C   . ASP B 1 4  ? -6.55063  -3.97764  -0.95320  0.680 29.61657 ? 4   ASP B C   1 
ATOM   444  O  O   . ASP B 1 4  ? -7.19551  -2.92605  -0.89297  0.450 28.49987 ? 4   ASP B O   1 
ATOM   445  C  CB  . ASP B 1 4  ? -8.17747  -5.30075  -2.30887  1.000 24.29567 ? 4   ASP B CB  1 
ATOM   446  C  CG  . ASP B 1 4  ? -8.87717  -6.62047  -2.53495  0.280 28.14800 ? 4   ASP B CG  1 
ATOM   447  O  OD1 . ASP B 1 4  ? -8.21215  -7.67025  -2.42016  0.570 28.46202 ? 4   ASP B OD1 1 
ATOM   448  O  OD2 . ASP B 1 4  ? -10.09180 -6.60270  -2.83210  0.490 27.66698 ? 4   ASP B OD2 1 
ATOM   449  N  N   . VAL B 1 5  ? -5.22558  -4.01466  -0.91770  0.760 23.79393 ? 5   VAL B N   1 
ATOM   450  C  CA  . VAL B 1 5  ? -4.43146  -2.80798  -0.72237  0.690 19.11538 ? 5   VAL B CA  1 
ATOM   451  C  C   . VAL B 1 5  ? -4.19908  -2.13862  -2.06886  0.720 19.90863 ? 5   VAL B C   1 
ATOM   452  O  O   . VAL B 1 5  ? -3.62518  -2.74335  -2.98010  0.780 18.54988 ? 5   VAL B O   1 
ATOM   453  C  CB  . VAL B 1 5  ? -3.09958  -3.12334  -0.03321  0.670 18.72963 ? 5   VAL B CB  1 
ATOM   454  C  CG1 . VAL B 1 5  ? -2.26242  -1.86116  0.07108   1.000 21.18741 ? 5   VAL B CG1 1 
ATOM   455  C  CG2 . VAL B 1 5  ? -3.36293  -3.71324  1.34312   1.000 22.07699 ? 5   VAL B CG2 1 
ATOM   456  N  N   . ILE B 1 6  ? -4.63340  -0.88750  -2.18674  0.860 18.54007 ? 6   ILE B N   1 
ATOM   457  C  CA  . ILE B 1 6  ? -4.35902  -0.06017  -3.35356  0.660 18.56590 ? 6   ILE B CA  1 
ATOM   458  C  C   . ILE B 1 6  ? -3.14622  0.80499   -3.02741  0.810 21.28856 ? 6   ILE B C   1 
ATOM   459  O  O   . ILE B 1 6  ? -3.18616  1.61495   -2.09495  0.850 18.71065 ? 6   ILE B O   1 
ATOM   460  C  CB  . ILE B 1 6  ? -5.57538  0.80266   -3.72586  0.790 18.86545 ? 6   ILE B CB  1 
ATOM   461  C  CG1 . ILE B 1 6  ? -6.74980  -0.07635  -4.16788  0.860 23.54202 ? 6   ILE B CG1 1 
ATOM   462  C  CG2 . ILE B 1 6  ? -5.22452  1.75994   -4.84513  0.800 20.37512 ? 6   ILE B CG2 1 
ATOM   463  C  CD1 . ILE B 1 6  ? -8.06159  0.69356   -4.28395  0.930 25.63467 ? 6   ILE B CD1 1 
ATOM   464  N  N   . ARG B 1 7  ? -2.05506  0.62832   -3.77844  0.740 17.85929 ? 7   ARG B N   1 
ATOM   465  C  CA  . ARG B 1 7  ? -0.88122  1.49619   -3.64362  0.760 17.64319 ? 7   ARG B CA  1 
ATOM   466  C  C   . ARG B 1 7  ? -0.36210  1.79729   -5.04486  0.730 17.69729 ? 7   ARG B C   1 
ATOM   467  O  O   . ARG B 1 7  ? 0.54962   1.13465   -5.54364  0.740 17.40217 ? 7   ARG B O   1 
ATOM   468  C  CB  . ARG B 1 7  ? 0.21476   0.87913   -2.78026  0.790 17.52485 ? 7   ARG B CB  1 
ATOM   469  C  CG  . ARG B 1 7  ? 1.29245   1.89655   -2.42444  0.740 20.38332 ? 7   ARG B CG  1 
ATOM   470  C  CD  . ARG B 1 7  ? 2.60759   1.25861   -1.99407  0.720 19.40417 ? 7   ARG B CD  1 
ATOM   471  N  NE  . ARG B 1 7  ? 3.22801   0.45512   -3.04701  0.790 18.83027 ? 7   ARG B NE  1 
ATOM   472  C  CZ  . ARG B 1 7  ? 3.77991   0.94998   -4.15472  0.380 20.14969 ? 7   ARG B CZ  1 
ATOM   473  N  NH1 . ARG B 1 7  ? 3.79567   2.25977   -4.38244  0.750 21.80713 ? 7   ARG B NH1 1 
ATOM   474  N  NH2 . ARG B 1 7  ? 4.32141   0.12769   -5.04052  0.740 19.36954 ? 7   ARG B NH2 1 
ATOM   475  N  N   . CYS B 1 8  ? -0.94334  2.81269   -5.67125  0.740 18.62431 ? 8   CYS B N   1 
ATOM   476  C  CA  . CYS B 1 8  ? -0.51839  3.24430   -6.99079  0.660 18.29123 ? 8   CYS B CA  1 
ATOM   477  C  C   . CYS B 1 8  ? 0.40285   4.45185   -6.86335  0.750 20.28940 ? 8   CYS B C   1 
ATOM   478  O  O   . CYS B 1 8  ? 0.40397   5.16126   -5.85331  0.680 21.34191 ? 8   CYS B O   1 
ATOM   479  C  CB  . CYS B 1 8  ? -1.72848  3.57546   -7.86985  0.870 20.11670 ? 8   CYS B CB  1 
ATOM   480  S  SG  . CYS B 1 8  ? -1.33091  3.80786   -9.61242  0.730 19.09149 ? 8   CYS B SG  1 
ATOM   481  N  N   . ILE B 1 9  ? 1.20792   4.66910   -7.90525  0.620 22.93470 ? 9   ILE B N   1 
ATOM   482  C  CA  . ILE B 1 9  ? 2.09530   5.82474   -7.92499  0.690 23.45869 ? 9   ILE B CA  1 
ATOM   483  C  C   . ILE B 1 9  ? 1.32819   7.13797   -7.90292  0.580 25.04322 ? 9   ILE B C   1 
ATOM   484  O  O   . ILE B 1 9  ? 1.87181   8.15917   -7.46966  0.590 23.16675 ? 9   ILE B O   1 
ATOM   485  C  CB  . ILE B 1 9  ? 3.04438   5.74027   -9.13907  0.930 26.75877 ? 9   ILE B CB  1 
ATOM   486  C  CG1 . ILE B 1 9  ? 2.29216   6.05035   -10.43613 0.820 25.28030 ? 9   ILE B CG1 1 
ATOM   487  C  CG2 . ILE B 1 9  ? 3.75946   4.39745   -9.16685  0.340 21.66808 ? 9   ILE B CG2 1 
ATOM   488  C  CD1 . ILE B 1 9  ? 3.17954   6.11996   -11.64733 0.550 26.80979 ? 9   ILE B CD1 1 
ATOM   489  N  N   . CYS B 1 10 ? 0.06359   7.13982   -8.33378  0.640 20.51922 ? 10  CYS B N   1 
ATOM   490  C  CA  . CYS B 1 10 ? -0.73192  8.35859   -8.24875  0.560 24.39678 ? 10  CYS B CA  1 
ATOM   491  C  C   . CYS B 1 10 ? -1.08492  8.71146   -6.81064  0.670 24.38292 ? 10  CYS B C   1 
ATOM   492  O  O   . CYS B 1 10 ? -1.47628  9.85219   -6.54097  0.710 24.70002 ? 10  CYS B O   1 
ATOM   493  C  CB  . CYS B 1 10 ? -2.01496  8.22232   -9.06676  0.810 25.13412 ? 10  CYS B CB  1 
ATOM   494  S  SG  . CYS B 1 10 ? -3.18922  7.03053   -8.39541  0.710 24.02298 ? 10  CYS B SG  1 
ATOM   495  N  N   . GLY B 1 11 ? -0.97325  7.76006   -5.88766  0.730 20.81704 ? 11  GLY B N   1 
ATOM   496  C  CA  . GLY B 1 11 ? -1.24109  8.01846   -4.48952  1.000 26.05812 ? 11  GLY B CA  1 
ATOM   497  C  C   . GLY B 1 11 ? -2.70223  8.11303   -4.11459  0.750 25.59390 ? 11  GLY B C   1 
ATOM   498  O  O   . GLY B 1 11 ? -3.00463  8.39585   -2.94967  0.700 23.64779 ? 11  GLY B O   1 
ATOM   499  N  N   . LEU B 1 12 ? -3.61747  7.88917   -5.05354  1.000 26.24405 ? 12  LEU B N   1 
ATOM   500  C  CA  . LEU B 1 12 ? -5.05003  7.94305   -4.78444  1.000 31.01167 ? 12  LEU B CA  1 
ATOM   501  C  C   . LEU B 1 12 ? -5.55991  6.56300   -4.40550  1.000 30.60747 ? 12  LEU B C   1 
ATOM   502  O  O   . LEU B 1 12 ? -5.38028  5.60335   -5.15979  1.000 27.86499 ? 12  LEU B O   1 
ATOM   503  C  CB  . LEU B 1 12 ? -5.82108  8.46409   -5.99947  1.000 32.20513 ? 12  LEU B CB  1 
ATOM   504  C  CG  . LEU B 1 12 ? -5.52430  9.90182   -6.39808  1.000 48.07127 ? 12  LEU B CG  1 
ATOM   505  C  CD1 . LEU B 1 12 ? -6.42884  10.35052  -7.54654  1.000 41.80490 ? 12  LEU B CD1 1 
ATOM   506  C  CD2 . LEU B 1 12 ? -5.80491  10.72825  -5.16206  1.000 43.25508 ? 12  LEU B CD2 1 
ATOM   507  N  N   . TYR B 1 13 ? -6.20902  6.47048   -3.24586  0.770 25.63825 ? 13  TYR B N   1 
ATOM   508  C  CA  . TYR B 1 13 ? -6.77772  5.20407   -2.79289  0.610 25.20077 ? 13  TYR B CA  1 
ATOM   509  C  C   . TYR B 1 13 ? -8.19402  5.07617   -3.34159  0.710 28.14092 ? 13  TYR B C   1 
ATOM   510  O  O   . TYR B 1 13 ? -9.18853  5.26680   -2.63869  0.570 27.89426 ? 13  TYR B O   1 
ATOM   511  C  CB  . TYR B 1 13 ? -6.75766  5.11276   -1.27364  1.000 25.97340 ? 13  TYR B CB  1 
ATOM   512  C  CG  . TYR B 1 13 ? -6.70765  3.68713   -0.79019  0.700 24.07020 ? 13  TYR B CG  1 
ATOM   513  C  CD1 . TYR B 1 13 ? -7.84102  2.88649   -0.81300  0.910 29.28477 ? 13  TYR B CD1 1 
ATOM   514  C  CD2 . TYR B 1 13 ? -5.52121  3.13268   -0.33675  0.820 23.31662 ? 13  TYR B CD2 1 
ATOM   515  C  CE1 . TYR B 1 13 ? -7.79516  1.57491   -0.38511  0.530 27.43218 ? 13  TYR B CE1 1 
ATOM   516  C  CE2 . TYR B 1 13 ? -5.46435  1.83004   0.09435   0.710 21.99597 ? 13  TYR B CE2 1 
ATOM   517  C  CZ  . TYR B 1 13 ? -6.60232  1.05392   0.06974   0.640 24.19200 ? 13  TYR B CZ  1 
ATOM   518  O  OH  . TYR B 1 13 ? -6.53823  -0.24754  0.49912   0.670 25.99391 ? 13  TYR B OH  1 
ATOM   519  N  N   . LYS B 1 14 ? -8.29022  4.74053   -4.62719  0.640 23.96995 ? 14  LYS B N   1 
ATOM   520  C  CA  . LYS B 1 14 ? -9.61367  4.52803   -5.18954  0.350 27.08712 ? 14  LYS B CA  1 
ATOM   521  C  C   . LYS B 1 14 ? -9.60696  3.43810   -6.24858  0.660 25.63852 ? 14  LYS B C   1 
ATOM   522  O  O   . LYS B 1 14 ? -8.64501  3.26676   -7.00446  0.690 23.34639 ? 14  LYS B O   1 
ATOM   523  C  CB  . LYS B 1 14 ? -10.21294 5.83377   -5.73061  0.610 33.79164 ? 14  LYS B CB  1 
ATOM   524  C  CG  . LYS B 1 14 ? -9.54532  6.46151   -6.92207  0.830 31.87386 ? 14  LYS B CG  1 
ATOM   525  C  CD  . LYS B 1 14 ? -10.21057 7.81835   -7.13772  0.300 31.79115 ? 14  LYS B CD  1 
ATOM   526  C  CE  . LYS B 1 14 ? -9.53170  8.66583   -8.19493  0.390 30.26092 ? 14  LYS B CE  1 
ATOM   527  N  NZ  . LYS B 1 14 ? -9.76200  8.19101   -9.56679  0.470 33.82719 ? 14  LYS B NZ  1 
ATOM   528  N  N   . ASP B 1 15 ? -10.70756 2.69476   -6.25467  1.000 29.12721 ? 15  ASP B N   1 
ATOM   529  C  CA  . ASP B 1 15 ? -10.93873 1.51432   -7.07995  0.770 30.19029 ? 15  ASP B CA  1 
ATOM   530  C  C   . ASP B 1 15 ? -11.76742 1.91760   -8.28916  0.430 35.24664 ? 15  ASP B C   1 
ATOM   531  O  O   . ASP B 1 15 ? -12.99988 1.90787   -8.25947  0.370 33.28179 ? 15  ASP B O   1 
ATOM   532  C  CB  . ASP B 1 15 ? -11.61912 0.44191   -6.23796  0.970 33.09902 ? 15  ASP B CB  1 
ATOM   533  C  CG  . ASP B 1 15 ? -11.93520 -0.80597  -7.01649  0.500 32.49881 ? 15  ASP B CG  1 
ATOM   534  O  OD1 . ASP B 1 15 ? -11.03487 -1.38811  -7.65590  0.560 33.09970 ? 15  ASP B OD1 1 
ATOM   535  O  OD2 . ASP B 1 15 ? -13.10843 -1.22509  -6.96264  0.330 37.65557 ? 15  ASP B OD2 1 
ATOM   536  N  N   . GLU B 1 16 ? -11.07796 2.28813   -9.36663  0.800 34.08224 ? 16  GLU B N   1 
ATOM   537  C  CA  . GLU B 1 16 ? -11.72298 2.61888   -10.62614 0.590 31.84424 ? 16  GLU B CA  1 
ATOM   538  C  C   . GLU B 1 16 ? -10.85044 2.13150   -11.77270 0.620 29.77471 ? 16  GLU B C   1 
ATOM   539  O  O   . GLU B 1 16 ? -9.63256  1.98498   -11.62900 0.640 26.06726 ? 16  GLU B O   1 
ATOM   540  C  CB  . GLU B 1 16 ? -11.96257 4.12904   -10.78947 0.430 30.80387 ? 16  GLU B CB  1 
ATOM   541  C  CG  . GLU B 1 16 ? -10.70106 4.90050   -11.13936 0.820 41.43524 ? 16  GLU B CG  1 
ATOM   542  C  CD  . GLU B 1 16 ? -10.96789 6.35236   -11.46450 0.300 36.16829 ? 16  GLU B CD  1 
ATOM   543  O  OE1 . GLU B 1 16 ? -12.13480 6.70798   -11.73854 0.260 35.62076 ? 16  GLU B OE1 1 
ATOM   544  O  OE2 . GLU B 1 16 ? -9.99867  7.13850   -11.46105 0.420 35.96252 ? 16  GLU B OE2 1 
ATOM   545  N  N   . GLY B 1 17 ? -11.48783 1.87775   -12.91600 0.760 25.14608 ? 17  GLY B N   1 
ATOM   546  C  CA  . GLY B 1 17 ? -10.76381 1.51807   -14.12148 0.690 30.04754 ? 17  GLY B CA  1 
ATOM   547  C  C   . GLY B 1 17 ? -10.06459 0.16718   -14.04415 0.850 29.15231 ? 17  GLY B C   1 
ATOM   548  O  O   . GLY B 1 17 ? -10.21315 -0.60280  -13.09672 0.480 27.68849 ? 17  GLY B O   1 
ATOM   549  N  N   . LEU B 1 18 ? -9.28553  -0.10905  -15.08938 0.530 28.57141 ? 18  LEU B N   1 
ATOM   550  C  CA  . LEU B 1 18 ? -8.48558  -1.32691  -15.13097 1.000 30.38192 ? 18  LEU B CA  1 
ATOM   551  C  C   . LEU B 1 18 ? -7.35855  -1.24889  -14.10757 0.560 22.60059 ? 18  LEU B C   1 
ATOM   552  O  O   . LEU B 1 18 ? -6.57248  -0.29684  -14.09874 0.590 21.28392 ? 18  LEU B O   1 
ATOM   553  C  CB  . LEU B 1 18 ? -7.91100  -1.54524  -16.52991 0.630 32.82106 ? 18  LEU B CB  1 
ATOM   554  C  CG  . LEU B 1 18 ? -7.69113  -3.00126  -16.96168 0.620 31.84934 ? 18  LEU B CG  1 
ATOM   555  C  CD1 . LEU B 1 18 ? -8.86912  -3.88831  -16.57181 0.730 35.38070 ? 18  LEU B CD1 1 
ATOM   556  C  CD2 . LEU B 1 18 ? -7.41280  -3.09365  -18.45185 0.440 35.94778 ? 18  LEU B CD2 1 
ATOM   557  N  N   . MET B 1 19 ? -7.27560  -2.25785  -13.25039 0.720 21.84400 ? 19  MET B N   1 
ATOM   558  C  CA  . MET B 1 19 ? -6.30414  -2.27891  -12.17326 0.660 23.67007 ? 19  MET B CA  1 
ATOM   559  C  C   . MET B 1 19 ? -5.54205  -3.59439  -12.22437 0.660 20.64292 ? 19  MET B C   1 
ATOM   560  O  O   . MET B 1 19 ? -6.06157  -4.60873  -12.69582 0.520 23.54243 ? 19  MET B O   1 
ATOM   561  C  CB  . MET B 1 19 ? -7.00541  -2.08603  -10.82358 0.800 23.99572 ? 19  MET B CB  1 
ATOM   562  C  CG  . MET B 1 19 ? -7.29417  -0.61888  -10.53057 0.960 21.73716 ? 19  MET B CG  1 
ATOM   563  S  SD  . MET B 1 19 ? -7.87551  -0.27065  -8.86872  0.560 20.80121 ? 19  MET B SD  1 
ATOM   564  C  CE  . MET B 1 19 ? -6.32525  0.09123   -8.05494  0.620 23.57951 ? 19  MET B CE  1 
ATOM   565  N  N   . ILE B 1 20 ? -4.29751  -3.56783  -11.75533 0.650 20.21450 ? 20  ILE B N   1 
ATOM   566  C  CA  . ILE B 1 20 ? -3.40384  -4.71434  -11.86804 0.510 20.03626 ? 20  ILE B CA  1 
ATOM   567  C  C   . ILE B 1 20 ? -2.69465  -4.92405  -10.53569 0.660 19.38013 ? 20  ILE B C   1 
ATOM   568  O  O   . ILE B 1 20 ? -2.35805  -3.96162  -9.83618  0.630 19.26493 ? 20  ILE B O   1 
ATOM   569  C  CB  . ILE B 1 20 ? -2.39417  -4.52080  -13.01798 0.770 20.54076 ? 20  ILE B CB  1 
ATOM   570  C  CG1 . ILE B 1 20 ? -1.64746  -5.82220  -13.30554 0.630 20.16833 ? 20  ILE B CG1 1 
ATOM   571  C  CG2 . ILE B 1 20 ? -1.42644  -3.38885  -12.69635 0.700 19.40984 ? 20  ILE B CG2 1 
ATOM   572  C  CD1 . ILE B 1 20 ? -0.99378  -5.84714  -14.65289 0.830 20.19523 ? 20  ILE B CD1 1 
ATOM   573  N  N   . GLN B 1 21 ? -2.47305  -6.18571  -10.18516 0.660 21.11212 ? 21  GLN B N   1 
ATOM   574  C  CA  . GLN B 1 21 ? -1.89830  -6.55374  -8.89850  0.750 21.84805 ? 21  GLN B CA  1 
ATOM   575  C  C   . GLN B 1 21 ? -0.43632  -6.94174  -9.06693  0.880 23.52971 ? 21  GLN B C   1 
ATOM   576  O  O   . GLN B 1 21 ? -0.09003  -7.71046  -9.97119  0.670 23.93657 ? 21  GLN B O   1 
ATOM   577  C  CB  . GLN B 1 21 ? -2.68146  -7.70501  -8.26901  0.670 24.40494 ? 21  GLN B CB  1 
ATOM   578  C  CG  . GLN B 1 21 ? -2.14462  -8.14921  -6.92252  1.000 22.05509 ? 21  GLN B CG  1 
ATOM   579  C  CD  . GLN B 1 21 ? -3.04018  -9.16373  -6.25034  0.640 28.09510 ? 21  GLN B CD  1 
ATOM   580  O  OE1 . GLN B 1 21 ? -3.45914  -10.14491 -6.86472  0.480 22.68896 ? 21  GLN B OE1 1 
ATOM   581  N  NE2 . GLN B 1 21 ? -3.34975  -8.92678  -4.98132  0.850 23.69605 ? 21  GLN B NE2 1 
ATOM   582  N  N   . CYS B 1 22 ? 0.41926   -6.39343  -8.20863  0.840 19.70833 ? 22  CYS B N   1 
ATOM   583  C  CA  . CYS B 1 22 ? 1.81643   -6.80100  -8.18511  0.660 25.10267 ? 22  CYS B CA  1 
ATOM   584  C  C   . CYS B 1 22 ? 1.93051   -8.26863  -7.80024  0.400 26.28558 ? 22  CYS B C   1 
ATOM   585  O  O   . CYS B 1 22 ? 1.28169   -8.72398  -6.85259  0.760 25.76840 ? 22  CYS B O   1 
ATOM   586  C  CB  . CYS B 1 22 ? 2.60035   -5.93620  -7.20209  1.000 22.13937 ? 22  CYS B CB  1 
ATOM   587  S  SG  . CYS B 1 22 ? 4.32217   -6.42272  -7.01310  0.700 20.73875 ? 22  CYS B SG  1 
ATOM   588  N  N   . ASP B 1 23 ? 2.77715   -9.00430  -8.52932  0.850 22.54481 ? 23  ASP B N   1 
ATOM   589  C  CA  . ASP B 1 23 ? 2.89132   -10.44606 -8.31481  0.770 27.09958 ? 23  ASP B CA  1 
ATOM   590  C  C   . ASP B 1 23 ? 3.55109   -10.79118 -6.98399  0.740 31.63820 ? 23  ASP B C   1 
ATOM   591  O  O   . ASP B 1 23 ? 3.35849   -11.90005 -6.47454  0.550 26.38368 ? 23  ASP B O   1 
ATOM   592  C  CB  . ASP B 1 23 ? 3.68308   -11.09539 -9.45353  0.640 29.54387 ? 23  ASP B CB  1 
ATOM   593  C  CG  . ASP B 1 23 ? 2.88065   -11.21827 -10.73232 0.570 24.20288 ? 23  ASP B CG  1 
ATOM   594  O  OD1 . ASP B 1 23 ? 1.64746   -11.39063 -10.64815 0.630 27.55701 ? 23  ASP B OD1 1 
ATOM   595  O  OD2 . ASP B 1 23 ? 3.49010   -11.15619 -11.82398 0.530 29.93238 ? 23  ASP B OD2 1 
ATOM   596  N  N   . LYS B 1 24 ? 4.34503   -9.88730  -6.41408  0.820 33.90981 ? 24  LYS B N   1 
ATOM   597  C  CA  . LYS B 1 24 ? 5.04963   -10.20906 -5.17868  1.000 31.04527 ? 24  LYS B CA  1 
ATOM   598  C  C   . LYS B 1 24 ? 4.43246   -9.57942  -3.93261  0.680 27.45278 ? 24  LYS B C   1 
ATOM   599  O  O   . LYS B 1 24 ? 4.19830   -10.28941 -2.95293  0.510 25.36257 ? 24  LYS B O   1 
ATOM   600  C  CB  . LYS B 1 24 ? 6.53530   -9.83535  -5.29699  0.630 27.40777 ? 24  LYS B CB  1 
ATOM   601  C  CG  . LYS B 1 24 ? 7.32846   -10.80251 -6.18718  0.450 29.89212 ? 24  LYS B CG  1 
ATOM   602  C  CD  . LYS B 1 24 ? 7.36400   -12.18469 -5.51599  0.930 34.51727 ? 24  LYS B CD  1 
ATOM   603  C  CE  . LYS B 1 24 ? 8.14829   -13.24761 -6.29058  0.570 35.11601 ? 24  LYS B CE  1 
ATOM   604  N  NZ  . LYS B 1 24 ? 9.31435   -12.73024 -7.05292  0.540 32.99096 ? 24  LYS B NZ  1 
ATOM   605  N  N   . CYS B 1 25 ? 4.14702   -8.27807  -3.93397  0.610 26.21798 ? 25  CYS B N   1 
ATOM   606  C  CA  . CYS B 1 25 ? 3.67839   -7.62768  -2.71369  1.000 24.00206 ? 25  CYS B CA  1 
ATOM   607  C  C   . CYS B 1 25 ? 2.16178   -7.46327  -2.64272  0.620 21.54847 ? 25  CYS B C   1 
ATOM   608  O  O   . CYS B 1 25 ? 1.66309   -6.94991  -1.63614  0.590 19.46003 ? 25  CYS B O   1 
ATOM   609  C  CB  . CYS B 1 25 ? 4.37286   -6.27002  -2.53396  0.470 21.24151 ? 25  CYS B CB  1 
ATOM   610  S  SG  . CYS B 1 25 ? 3.80619   -4.94414  -3.60267  0.650 19.03373 ? 25  CYS B SG  1 
ATOM   611  N  N   . MET B 1 26 ? 1.41860   -7.89988  -3.66389  0.720 21.86362 ? 26  MET B N   1 
ATOM   612  C  CA  . MET B 1 26 ? -0.04711  -7.93962  -3.71462  0.740 21.33410 ? 26  MET B CA  1 
ATOM   613  C  C   . MET B 1 26 ? -0.74181  -6.58627  -3.83858  0.770 20.34143 ? 26  MET B C   1 
ATOM   614  O  O   . MET B 1 26 ? -1.97317  -6.56189  -3.86098  0.710 18.70799 ? 26  MET B O   1 
ATOM   615  C  CB  . MET B 1 26 ? -0.66862  -8.65986  -2.50551  0.420 22.38619 ? 26  MET B CB  1 
ATOM   616  C  CG  . MET B 1 26 ? -0.33755  -10.13692 -2.34860  0.270 27.37160 ? 26  MET B CG  1 
ATOM   617  S  SD  . MET B 1 26 ? -0.51775  -11.07203 -3.88223  0.350 28.22221 ? 26  MET B SD  1 
ATOM   618  C  CE  . MET B 1 26 ? 1.16107   -11.15213 -4.46200  1.000 30.88693 ? 26  MET B CE  1 
ATOM   619  N  N   . VAL B 1 27 ? -0.02084  -5.46814  -3.93567  0.830 22.41972 ? 27  VAL B N   1 
ATOM   620  C  CA  . VAL B 1 27 ? -0.70898  -4.18706  -4.06030  0.880 18.23431 ? 27  VAL B CA  1 
ATOM   621  C  C   . VAL B 1 27 ? -1.31968  -4.04720  -5.45065  0.620 18.44342 ? 27  VAL B C   1 
ATOM   622  O  O   . VAL B 1 27 ? -0.83644  -4.62244  -6.43648  0.690 20.13094 ? 27  VAL B O   1 
ATOM   623  C  CB  . VAL B 1 27 ? 0.22418   -3.00287  -3.75091  0.790 20.20071 ? 27  VAL B CB  1 
ATOM   624  C  CG1 . VAL B 1 27 ? 0.84447   -3.15897  -2.36571  0.700 20.82802 ? 27  VAL B CG1 1 
ATOM   625  C  CG2 . VAL B 1 27 ? 1.29186   -2.86134  -4.81551  0.630 21.12817 ? 27  VAL B CG2 1 
ATOM   626  N  N   . TRP B 1 28 ? -2.39923  -3.27212  -5.52547  0.760 18.27688 ? 28  TRP B N   1 
ATOM   627  C  CA  . TRP B 1 28 ? -3.10944  -2.98662  -6.76357  0.880 19.08448 ? 28  TRP B CA  1 
ATOM   628  C  C   . TRP B 1 28 ? -2.77312  -1.58126  -7.23287  0.540 18.05618 ? 28  TRP B C   1 
ATOM   629  O  O   . TRP B 1 28 ? -2.66469  -0.65577  -6.42402  0.780 18.59696 ? 28  TRP B O   1 
ATOM   630  C  CB  . TRP B 1 28 ? -4.62156  -3.10067  -6.57167  1.000 19.81851 ? 28  TRP B CB  1 
ATOM   631  C  CG  . TRP B 1 28 ? -5.08603  -4.47498  -6.29655  0.620 20.32960 ? 28  TRP B CG  1 
ATOM   632  C  CD1 . TRP B 1 28 ? -5.19884  -5.07294  -5.07497  0.610 22.24490 ? 28  TRP B CD1 1 
ATOM   633  C  CD2 . TRP B 1 28 ? -5.53415  -5.43182  -7.25805  0.610 19.94858 ? 28  TRP B CD2 1 
ATOM   634  N  NE1 . TRP B 1 28 ? -5.67582  -6.35278  -5.21952  0.620 22.93879 ? 28  TRP B NE1 1 
ATOM   635  C  CE2 . TRP B 1 28 ? -5.88844  -6.59730  -6.55264  0.610 22.74894 ? 28  TRP B CE2 1 
ATOM   636  C  CE3 . TRP B 1 28 ? -5.65749  -5.42118  -8.65190  0.520 19.82997 ? 28  TRP B CE3 1 
ATOM   637  C  CZ2 . TRP B 1 28 ? -6.36542  -7.73890  -7.19190  0.690 19.81249 ? 28  TRP B CZ2 1 
ATOM   638  C  CZ3 . TRP B 1 28 ? -6.12914  -6.55287  -9.28236  0.580 20.46245 ? 28  TRP B CZ3 1 
ATOM   639  C  CH2 . TRP B 1 28 ? -6.47715  -7.69668  -8.55496  0.400 23.73415 ? 28  TRP B CH2 1 
ATOM   640  N  N   . GLN B 1 29 ? -2.61553  -1.42494  -8.54266  0.700 20.06267 ? 29  GLN B N   1 
ATOM   641  C  CA  . GLN B 1 29 ? -2.29089  -0.13934  -9.13769  0.740 18.24195 ? 29  GLN B CA  1 
ATOM   642  C  C   . GLN B 1 29 ? -3.17312  0.05535   -10.36076 0.680 21.80608 ? 29  GLN B C   1 
ATOM   643  O  O   . GLN B 1 29 ? -3.69947  -0.90744  -10.91786 0.850 20.60835 ? 29  GLN B O   1 
ATOM   644  C  CB  . GLN B 1 29 ? -0.80646  -0.06946  -9.51778  0.910 20.97496 ? 29  GLN B CB  1 
ATOM   645  C  CG  . GLN B 1 29 ? 0.12788   -0.66748  -8.45686  0.790 18.05934 ? 29  GLN B CG  1 
ATOM   646  C  CD  . GLN B 1 29 ? 1.56407   -0.24521  -8.63387  0.710 17.90828 ? 29  GLN B CD  1 
ATOM   647  O  OE1 . GLN B 1 29 ? 2.23133   -0.64835  -9.59408  0.680 18.35421 ? 29  GLN B OE1 1 
ATOM   648  N  NE2 . GLN B 1 29 ? 2.05792   0.56353   -7.70530  0.780 17.97583 ? 29  GLN B NE2 1 
ATOM   649  N  N   . HIS B 1 30 ? -3.34354  1.31179   -10.76949 0.770 21.55790 ? 30  HIS B N   1 
ATOM   650  C  CA  . HIS B 1 30 ? -4.08211  1.60871   -11.99035 1.000 21.80405 ? 30  HIS B CA  1 
ATOM   651  C  C   . HIS B 1 30 ? -3.19399  1.38414   -13.21317 0.830 19.74978 ? 30  HIS B C   1 
ATOM   652  O  O   . HIS B 1 30 ? -2.08310  1.91792   -13.29354 0.560 19.57140 ? 30  HIS B O   1 
ATOM   653  C  CB  . HIS B 1 30 ? -4.61094  3.04438   -11.97523 1.000 21.42215 ? 30  HIS B CB  1 
ATOM   654  C  CG  . HIS B 1 30 ? -5.25587  3.44630   -10.68480 0.740 21.05239 ? 30  HIS B CG  1 
ATOM   655  N  ND1 . HIS B 1 30 ? -4.67703  4.33812   -9.80638  0.890 22.84113 ? 30  HIS B ND1 1 
ATOM   656  C  CD2 . HIS B 1 30 ? -6.43544  3.08233   -10.12742 0.860 21.28351 ? 30  HIS B CD2 1 
ATOM   657  C  CE1 . HIS B 1 30 ? -5.47145  4.50784   -8.76538  0.550 19.43970 ? 30  HIS B CE1 1 
ATOM   658  N  NE2 . HIS B 1 30 ? -6.54614  3.75911   -8.93567  0.780 21.54422 ? 30  HIS B NE2 1 
ATOM   659  N  N   . CYS B 1 31 ? -3.69132  0.58873   -14.16438 0.680 23.99436 ? 31  CYS B N   1 
ATOM   660  C  CA  . CYS B 1 31 ? -2.93594  0.30886   -15.38322 0.860 26.33114 ? 31  CYS B CA  1 
ATOM   661  C  C   . CYS B 1 31 ? -2.55104  1.59606   -16.10454 0.910 26.85383 ? 31  CYS B C   1 
ATOM   662  O  O   . CYS B 1 31 ? -1.41703  1.74769   -16.57198 0.510 25.16846 ? 31  CYS B O   1 
ATOM   663  C  CB  . CYS B 1 31 ? -3.75696  -0.59173  -16.30805 0.570 25.32005 ? 31  CYS B CB  1 
ATOM   664  S  SG  . CYS B 1 31 ? -4.09325  -2.23984  -15.66304 0.520 25.36327 ? 31  CYS B SG  1 
ATOM   665  N  N   . ASP B 1 32 ? -3.48930  2.53754   -16.20489 0.720 23.43431 ? 32  ASP B N   1 
ATOM   666  C  CA  . ASP B 1 32 ? -3.20069  3.79088   -16.89647 0.620 27.09248 ? 32  ASP B CA  1 
ATOM   667  C  C   . ASP B 1 32 ? -2.09516  4.56747   -16.19662 0.830 29.31812 ? 32  ASP B C   1 
ATOM   668  O  O   . ASP B 1 32 ? -1.21073  5.13184   -16.85409 0.640 26.11133 ? 32  ASP B O   1 
ATOM   669  C  CB  . ASP B 1 32 ? -4.46659  4.63410   -16.99662 0.850 29.20531 ? 32  ASP B CB  1 
ATOM   670  C  CG  . ASP B 1 32 ? -5.48276  4.03880   -17.94905 0.300 27.73793 ? 32  ASP B CG  1 
ATOM   671  O  OD1 . ASP B 1 32 ? -5.10076  3.15033   -18.73890 0.430 23.28988 ? 32  ASP B OD1 1 
ATOM   672  O  OD2 . ASP B 1 32 ? -6.66043  4.45292   -17.90802 0.510 27.16558 ? 32  ASP B OD2 1 
ATOM   673  N  N   . CYS B 1 33 ? -2.12939  4.60765   -14.86207 0.800 23.17374 ? 33  CYS B N   1 
ATOM   674  C  CA  . CYS B 1 33 ? -1.08180  5.29060   -14.11184 0.930 26.41169 ? 33  CYS B CA  1 
ATOM   675  C  C   . CYS B 1 33 ? 0.27267   4.64173   -14.35068 0.730 21.62606 ? 33  CYS B C   1 
ATOM   676  O  O   . CYS B 1 33 ? 1.29680   5.32995   -14.42777 0.540 22.85572 ? 33  CYS B O   1 
ATOM   677  C  CB  . CYS B 1 33 ? -1.41449  5.28326   -12.61864 0.780 25.43527 ? 33  CYS B CB  1 
ATOM   678  S  SG  . CYS B 1 33 ? -2.82289  6.30609   -12.13923 0.690 24.39659 ? 33  CYS B SG  1 
ATOM   679  N  N   . MET B 1 34 ? 0.29574   3.31764   -14.48370 0.690 20.56869 ? 34  MET B N   1 
ATOM   680  C  CA  . MET B 1 34 ? 1.54711   2.58123   -14.57114 0.750 24.06797 ? 34  MET B CA  1 
ATOM   681  C  C   . MET B 1 34 ? 1.99363   2.33884   -16.00806 0.480 22.60601 ? 34  MET B C   1 
ATOM   682  O  O   . MET B 1 34 ? 3.10203   1.83430   -16.21856 0.490 26.08775 ? 34  MET B O   1 
ATOM   683  C  CB  . MET B 1 34 ? 1.41199   1.23782   -13.84965 0.580 20.57194 ? 34  MET B CB  1 
ATOM   684  C  CG  . MET B 1 34 ? 1.08324   1.36784   -12.36789 1.000 19.64587 ? 34  MET B CG  1 
ATOM   685  S  SD  . MET B 1 34 ? 2.21834   2.42788   -11.46908 0.520 19.03186 ? 34  MET B SD  1 
ATOM   686  C  CE  . MET B 1 34 ? 3.71798   1.45647   -11.48418 0.570 20.07217 ? 34  MET B CE  1 
ATOM   687  N  N   . GLY B 1 35 ? 1.15773   2.66368   -16.98937 0.690 26.09979 ? 35  GLY B N   1 
ATOM   688  C  CA  . GLY B 1 35 ? 1.53183   2.51729   -18.38903 0.710 30.62590 ? 35  GLY B CA  1 
ATOM   689  C  C   . GLY B 1 35 ? 1.52444   1.09510   -18.90770 0.710 27.68320 ? 35  GLY B C   1 
ATOM   690  O  O   . GLY B 1 35 ? 2.39810   0.72917   -19.70246 0.370 29.53499 ? 35  GLY B O   1 
ATOM   691  N  N   . VAL B 1 36 ? 0.55744   0.27989   -18.47862 0.530 25.15496 ? 36  VAL B N   1 
ATOM   692  C  CA  . VAL B 1 36 ? 0.45639   -1.12091  -18.87763 0.620 33.28549 ? 36  VAL B CA  1 
ATOM   693  C  C   . VAL B 1 36 ? -1.01095  -1.45375  -19.12528 0.780 30.45103 ? 36  VAL B C   1 
ATOM   694  O  O   . VAL B 1 36 ? -1.90639  -0.65708  -18.84296 0.210 30.82923 ? 36  VAL B O   1 
ATOM   695  C  CB  . VAL B 1 36 ? 1.04512   -2.07170  -17.81282 0.450 30.60824 ? 36  VAL B CB  1 
ATOM   696  C  CG1 . VAL B 1 36 ? 2.55399   -1.90492  -17.71656 0.500 28.08833 ? 36  VAL B CG1 1 
ATOM   697  C  CG2 . VAL B 1 36 ? 0.38790   -1.81340  -16.45957 0.640 28.33249 ? 36  VAL B CG2 1 
ATOM   698  N  N   . ASN B 1 37 ? -1.25349  -2.64703  -19.67081 0.400 36.58903 ? 37  ASN B N   1 
ATOM   699  C  CA  . ASN B 1 37 ? -2.60772  -3.17886  -19.77030 0.820 42.23638 ? 37  ASN B CA  1 
ATOM   700  C  C   . ASN B 1 37 ? -2.59047  -4.66280  -19.43309 0.530 39.83525 ? 37  ASN B C   1 
ATOM   701  O  O   . ASN B 1 37 ? -1.53208  -5.27855  -19.27799 0.450 44.21437 ? 37  ASN B O   1 
ATOM   702  C  CB  . ASN B 1 37 ? -3.24360  -2.92747  -21.15336 0.520 41.26356 ? 37  ASN B CB  1 
ATOM   703  C  CG  . ASN B 1 37 ? -2.36149  -3.35951  -22.30982 0.430 41.91846 ? 37  ASN B CG  1 
ATOM   704  O  OD1 . ASN B 1 37 ? -1.84065  -4.47645  -22.34009 0.680 43.93570 ? 37  ASN B OD1 1 
ATOM   705  N  ND2 . ASN B 1 37 ? -2.20404  -2.47056  -23.28526 0.470 38.50670 ? 37  ASN B ND2 1 
ATOM   706  N  N   . SER B 1 38 ? -3.79301  -5.23271  -19.31271 0.710 45.48990 ? 38  SER B N   1 
ATOM   707  C  CA  . SER B 1 38 ? -4.00395  -6.59252  -18.81963 1.000 46.43086 ? 38  SER B CA  1 
ATOM   708  C  C   . SER B 1 38 ? -3.42098  -7.67169  -19.71794 0.700 53.88030 ? 38  SER B C   1 
ATOM   709  O  O   . SER B 1 38 ? -3.49612  -8.85344  -19.35653 0.680 57.13690 ? 38  SER B O   1 
ATOM   710  C  CB  . SER B 1 38 ? -5.50060  -6.85111  -18.63605 0.600 49.16110 ? 38  SER B CB  1 
ATOM   711  O  OG  . SER B 1 38 ? -5.72702  -8.17377  -18.17855 0.580 53.07569 ? 38  SER B OG  1 
ATOM   712  N  N   . ASP B 1 39 ? -2.85850  -7.31825  -20.86879 1.000 50.38898 ? 39  ASP B N   1 
ATOM   713  C  CA  . ASP B 1 39 ? -2.26488  -8.31580  -21.74554 1.000 47.74819 ? 39  ASP B CA  1 
ATOM   714  C  C   . ASP B 1 39 ? -0.88367  -8.75613  -21.28369 0.770 37.77047 ? 39  ASP B C   1 
ATOM   715  O  O   . ASP B 1 39 ? -0.27395  -9.60777  -21.93870 0.520 36.68964 ? 39  ASP B O   1 
ATOM   716  C  CB  . ASP B 1 39 ? -2.20281  -7.77203  -23.17454 0.490 38.83405 ? 39  ASP B CB  1 
ATOM   717  C  CG  . ASP B 1 39 ? -3.57266  -7.69469  -23.82265 0.260 38.36401 ? 39  ASP B CG  1 
ATOM   718  O  OD1 . ASP B 1 39 ? -4.58192  -7.75319  -23.08919 0.410 38.36287 ? 39  ASP B OD1 1 
ATOM   719  O  OD2 . ASP B 1 39 ? -3.64355  -7.56591  -25.06129 0.520 44.78406 ? 39  ASP B OD2 1 
ATOM   720  N  N   . VAL B 1 40 ? -0.37850  -8.20884  -20.17436 1.000 37.76353 ? 40  VAL B N   1 
ATOM   721  C  CA  . VAL B 1 40 ? 0.90604   -8.64222  -19.64102 1.000 32.44683 ? 40  VAL B CA  1 
ATOM   722  C  C   . VAL B 1 40 ? 0.70533   -9.94563  -18.88360 0.590 35.96111 ? 40  VAL B C   1 
ATOM   723  O  O   . VAL B 1 40 ? -0.33514  -10.17970 -18.25598 0.710 40.77474 ? 40  VAL B O   1 
ATOM   724  C  CB  . VAL B 1 40 ? 1.54088   -7.56429  -18.73561 1.000 42.27609 ? 40  VAL B CB  1 
ATOM   725  C  CG1 . VAL B 1 40 ? 1.79920   -6.27927  -19.51411 0.910 40.69249 ? 40  VAL B CG1 1 
ATOM   726  C  CG2 . VAL B 1 40 ? 0.66443   -7.30426  -17.50747 0.940 35.61608 ? 40  VAL B CG2 1 
ATOM   727  N  N   . GLU B 1 41 ? 1.71164   -10.80784 -18.94253 0.770 31.95031 ? 41  GLU B N   1 
ATOM   728  C  CA  . GLU B 1 41 ? 1.64786   -12.06982 -18.22370 0.620 26.29269 ? 41  GLU B CA  1 
ATOM   729  C  C   . GLU B 1 41 ? 2.06743   -11.93656 -16.76864 0.530 30.17818 ? 41  GLU B C   1 
ATOM   730  O  O   . GLU B 1 41 ? 1.54566   -12.65959 -15.91237 0.660 31.61119 ? 41  GLU B O   1 
ATOM   731  C  CB  . GLU B 1 41 ? 2.52406   -13.11061 -18.92098 0.550 33.01240 ? 41  GLU B CB  1 
ATOM   732  C  CG  . GLU B 1 41 ? 2.34006   -14.51574 -18.40035 1.000 41.19069 ? 41  GLU B CG  1 
ATOM   733  C  CD  . GLU B 1 41 ? 2.83109   -15.56767 -19.37454 0.600 41.90406 ? 41  GLU B CD  1 
ATOM   734  O  OE1 . GLU B 1 41 ? 2.54564   -16.76104 -19.13859 0.570 41.72485 ? 41  GLU B OE1 1 
ATOM   735  O  OE2 . GLU B 1 41 ? 3.47758   -15.20015 -20.38490 0.600 43.22699 ? 41  GLU B OE2 1 
ATOM   736  N  N   . HIS B 1 42 ? 2.98307   -11.02179 -16.46567 0.800 32.10364 ? 42  HIS B N   1 
ATOM   737  C  CA  . HIS B 1 42 ? 3.55629   -10.90674 -15.13365 0.360 32.09516 ? 42  HIS B CA  1 
ATOM   738  C  C   . HIS B 1 42 ? 3.76265   -9.43523  -14.81544 0.470 31.43786 ? 42  HIS B C   1 
ATOM   739  O  O   . HIS B 1 42 ? 4.16737   -8.66362  -15.68969 0.640 28.57255 ? 42  HIS B O   1 
ATOM   740  C  CB  . HIS B 1 42 ? 4.88497   -11.66129 -15.06126 1.000 33.15398 ? 42  HIS B CB  1 
ATOM   741  C  CG  . HIS B 1 42 ? 4.72990   -13.15135 -15.09202 0.600 45.51871 ? 42  HIS B CG  1 
ATOM   742  N  ND1 . HIS B 1 42 ? 3.53711   -13.78064 -14.80292 0.540 41.08370 ? 42  HIS B ND1 1 
ATOM   743  C  CD2 . HIS B 1 42 ? 5.60121   -14.13322 -15.42734 0.600 39.25882 ? 42  HIS B CD2 1 
ATOM   744  C  CE1 . HIS B 1 42 ? 3.68977   -15.08707 -14.92850 0.200 36.68736 ? 42  HIS B CE1 1 
ATOM   745  N  NE2 . HIS B 1 42 ? 4.93182   -15.32744 -15.30985 0.720 40.59913 ? 42  HIS B NE2 1 
ATOM   746  N  N   . TYR B 1 43 ? 3.48890   -9.04320  -13.56929 0.740 26.66094 ? 43  TYR B N   1 
ATOM   747  C  CA  . TYR B 1 43 ? 3.58102   -7.63793  -13.20031 0.660 24.50209 ? 43  TYR B CA  1 
ATOM   748  C  C   . TYR B 1 43 ? 4.23883   -7.48477  -11.83714 1.000 21.59058 ? 43  TYR B C   1 
ATOM   749  O  O   . TYR B 1 43 ? 3.96521   -8.26082  -10.91964 0.680 20.58778 ? 43  TYR B O   1 
ATOM   750  C  CB  . TYR B 1 43 ? 2.20167   -6.96591  -13.15874 0.650 26.32056 ? 43  TYR B CB  1 
ATOM   751  C  CG  . TYR B 1 43 ? 2.29928   -5.49144  -12.85918 0.510 21.82403 ? 43  TYR B CG  1 
ATOM   752  C  CD1 . TYR B 1 43 ? 2.76299   -4.61145  -13.82230 0.830 23.03524 ? 43  TYR B CD1 1 
ATOM   753  C  CD2 . TYR B 1 43 ? 1.97153   -4.98282  -11.60441 1.000 23.57704 ? 43  TYR B CD2 1 
ATOM   754  C  CE1 . TYR B 1 43 ? 2.87742   -3.26589  -13.56471 0.650 22.47692 ? 43  TYR B CE1 1 
ATOM   755  C  CE2 . TYR B 1 43 ? 2.08063   -3.63596  -11.33777 0.580 22.60686 ? 43  TYR B CE2 1 
ATOM   756  C  CZ  . TYR B 1 43 ? 2.53785   -2.78251  -12.32284 0.660 21.14050 ? 43  TYR B CZ  1 
ATOM   757  O  OH  . TYR B 1 43 ? 2.65835   -1.43747  -12.08014 0.630 19.16506 ? 43  TYR B OH  1 
ATOM   758  N  N   . LEU B 1 44 ? 5.10264   -6.47502  -11.71724 0.910 22.52115 ? 44  LEU B N   1 
ATOM   759  C  CA  . LEU B 1 44 ? 5.63631   -6.01577  -10.44317 0.430 24.53614 ? 44  LEU B CA  1 
ATOM   760  C  C   . LEU B 1 44 ? 5.49802   -4.50450  -10.35820 0.620 25.95054 ? 44  LEU B C   1 
ATOM   761  O  O   . LEU B 1 44 ? 5.64306   -3.79982  -11.36282 0.650 22.96125 ? 44  LEU B O   1 
ATOM   762  C  CB  . LEU B 1 44 ? 7.11038   -6.40830  -10.24980 1.000 25.21253 ? 44  LEU B CB  1 
ATOM   763  C  CG  . LEU B 1 44 ? 7.49631   -7.86716  -10.47678 0.700 33.14761 ? 44  LEU B CG  1 
ATOM   764  C  CD1 . LEU B 1 44 ? 8.98348   -7.98654  -10.75078 0.470 31.59793 ? 44  LEU B CD1 1 
ATOM   765  C  CD2 . LEU B 1 44 ? 7.11001   -8.68757  -9.25079  0.800 31.62688 ? 44  LEU B CD2 1 
ATOM   766  N  N   . CYS B 1 45 ? 5.21537   -4.01445  -9.15243  1.000 25.17495 ? 45  CYS B N   1 
ATOM   767  C  CA  . CYS B 1 45 ? 5.06521   -2.58646  -8.93539  0.520 22.43685 ? 45  CYS B CA  1 
ATOM   768  C  C   . CYS B 1 45 ? 6.42391   -1.89192  -8.98309  0.890 23.56044 ? 45  CYS B C   1 
ATOM   769  O  O   . CYS B 1 45 ? 7.47916   -2.52361  -9.06854  0.790 23.82437 ? 45  CYS B O   1 
ATOM   770  C  CB  . CYS B 1 45 ? 4.37607   -2.31818  -7.59868  0.670 20.98364 ? 45  CYS B CB  1 
ATOM   771  S  SG  . CYS B 1 45 ? 5.36907   -2.79658  -6.17155  0.600 20.31546 ? 45  CYS B SG  1 
ATOM   772  N  N   . GLU B 1 46 ? 6.38550   -0.56234  -8.91127  0.720 24.40649 ? 46  GLU B N   1 
ATOM   773  C  CA  . GLU B 1 46 ? 7.57998   0.25831   -9.04781  0.800 26.78616 ? 46  GLU B CA  1 
ATOM   774  C  C   . GLU B 1 46 ? 8.47702   0.23205   -7.81611  0.870 28.39813 ? 46  GLU B C   1 
ATOM   775  O  O   . GLU B 1 46 ? 9.56533   0.81645   -7.85370  0.570 27.99496 ? 46  GLU B O   1 
ATOM   776  C  CB  . GLU B 1 46 ? 7.18690   1.70229   -9.37633  0.550 31.52815 ? 46  GLU B CB  1 
ATOM   777  C  CG  . GLU B 1 46 ? 6.94318   2.60789   -8.17450  0.780 25.19111 ? 46  GLU B CG  1 
ATOM   778  C  CD  . GLU B 1 46 ? 5.71935   2.22259   -7.35375  0.750 22.33127 ? 46  GLU B CD  1 
ATOM   779  O  OE1 . GLU B 1 46 ? 5.01183   1.26170   -7.71955  0.590 19.57716 ? 46  GLU B OE1 1 
ATOM   780  O  OE2 . GLU B 1 46 ? 5.45696   2.90479   -6.33777  0.740 23.72647 ? 46  GLU B OE2 1 
ATOM   781  N  N   . GLN B 1 47 ? 8.06201   -0.42720  -6.73735  0.670 23.09475 ? 47  GLN B N   1 
ATOM   782  C  CA  . GLN B 1 47 ? 8.92010   -0.62677  -5.57402  0.950 25.39613 ? 47  GLN B CA  1 
ATOM   783  C  C   . GLN B 1 47 ? 9.59476   -1.98969  -5.58447  0.590 28.04072 ? 47  GLN B C   1 
ATOM   784  O  O   . GLN B 1 47 ? 10.74622  -2.10852  -5.16026  0.530 27.60795 ? 47  GLN B O   1 
ATOM   785  C  CB  . GLN B 1 47 ? 8.11449   -0.46205  -4.27620  0.920 28.18799 ? 47  GLN B CB  1 
ATOM   786  C  CG  . GLN B 1 47 ? 7.61537   0.95170   -3.99365  1.000 24.66857 ? 47  GLN B CG  1 
ATOM   787  C  CD  . GLN B 1 47 ? 8.72597   1.98428   -3.88493  0.710 24.90058 ? 47  GLN B CD  1 
ATOM   788  O  OE1 . GLN B 1 47 ? 9.82615   1.68522   -3.42546  0.640 25.29439 ? 47  GLN B OE1 1 
ATOM   789  N  NE2 . GLN B 1 47 ? 8.42972   3.21639   -4.28793  0.570 23.19753 ? 47  GLN B NE2 1 
ATOM   790  N  N   . CYS B 1 48 ? 8.89560   -3.02252  -6.06174  1.000 27.47062 ? 48  CYS B N   1 
ATOM   791  C  CA  . CYS B 1 48 ? 9.50518   -4.33303  -6.23484  1.000 26.94741 ? 48  CYS B CA  1 
ATOM   792  C  C   . CYS B 1 48 ? 10.45212  -4.36131  -7.42621  0.240 26.63224 ? 48  CYS B C   1 
ATOM   793  O  O   . CYS B 1 48 ? 11.33565  -5.22203  -7.48444  0.550 25.33476 ? 48  CYS B O   1 
ATOM   794  C  CB  . CYS B 1 48 ? 8.42210   -5.39990  -6.41968  1.000 25.01657 ? 48  CYS B CB  1 
ATOM   795  S  SG  . CYS B 1 48 ? 7.35353   -5.72689  -4.99373  0.570 19.64317 ? 48  CYS B SG  1 
ATOM   796  N  N   . ASP B 1 49 ? 10.28368  -3.43674  -8.37016  0.700 27.38188 ? 49  ASP B N   1 
ATOM   797  C  CA  . ASP B 1 49 ? 11.06338  -3.42080  -9.60985  0.770 33.18420 ? 49  ASP B CA  1 
ATOM   798  C  C   . ASP B 1 49 ? 11.26541  -1.96971  -10.02276 0.700 28.67238 ? 49  ASP B C   1 
ATOM   799  O  O   . ASP B 1 49 ? 10.58905  -1.46252  -10.92772 0.800 31.29258 ? 49  ASP B O   1 
ATOM   800  C  CB  . ASP B 1 49 ? 10.34898  -4.20911  -10.70946 1.000 30.50947 ? 49  ASP B CB  1 
ATOM   801  C  CG  . ASP B 1 49 ? 11.13995  -4.27261  -12.00459 0.550 32.36253 ? 49  ASP B CG  1 
ATOM   802  O  OD1 . ASP B 1 49 ? 12.36695  -4.04209  -11.97903 0.640 31.83572 ? 49  ASP B OD1 1 
ATOM   803  O  OD2 . ASP B 1 49 ? 10.52703  -4.55812  -13.05068 0.550 28.47461 ? 49  ASP B OD2 1 
ATOM   804  N  N   . PRO B 1 50 ? 12.18267  -1.25803  -9.35945  0.720 25.95734 ? 50  PRO B N   1 
ATOM   805  C  CA  . PRO B 1 50 ? 12.30620  0.18813   -9.59067  0.790 30.66813 ? 50  PRO B CA  1 
ATOM   806  C  C   . PRO B 1 50 ? 12.56714  0.49337   -11.05376 0.600 39.79610 ? 50  PRO B C   1 
ATOM   807  O  O   . PRO B 1 50 ? 13.34493  -0.19491  -11.71833 0.770 37.59798 ? 50  PRO B O   1 
ATOM   808  C  CB  . PRO B 1 50 ? 13.50114  0.59623   -8.71816  0.620 38.29963 ? 50  PRO B CB  1 
ATOM   809  C  CG  . PRO B 1 50 ? 13.74088  -0.51921  -7.77965  0.400 34.33277 ? 50  PRO B CG  1 
ATOM   810  C  CD  . PRO B 1 50 ? 12.93230  -1.70935  -8.17289  0.600 31.14943 ? 50  PRO B CD  1 
ATOM   811  N  N   . ARG B 1 51 ? 11.90794  1.53318   -11.55149 0.730 39.63358 ? 51  ARG B N   1 
ATOM   812  C  CA  . ARG B 1 51 ? 11.97684  1.88826   -12.96204 0.810 37.08820 ? 51  ARG B CA  1 
ATOM   813  C  C   . ARG B 1 51 ? 11.25465  3.21674   -13.16235 0.060 32.66137 ? 51  ARG B C   1 
ATOM   814  O  O   . ARG B 1 51 ? 10.39747  3.58504   -12.35284 0.540 35.10333 ? 51  ARG B O   1 
ATOM   815  C  CB  . ARG B 1 51 ? 11.35068  0.79646   -13.84243 1.000 35.21304 ? 51  ARG B CB  1 
ATOM   816  C  CG  . ARG B 1 51 ? 9.83662   0.71761   -13.75916 0.780 34.73102 ? 51  ARG B CG  1 
ATOM   817  C  CD  . ARG B 1 51 ? 9.32647   -0.58238  -14.36109 1.000 34.55223 ? 51  ARG B CD  1 
ATOM   818  N  NE  . ARG B 1 51 ? 7.86791   -0.67455  -14.31841 0.510 29.90284 ? 51  ARG B NE  1 
ATOM   819  C  CZ  . ARG B 1 51 ? 7.18304   -1.23561  -13.32897 0.540 31.95455 ? 51  ARG B CZ  1 
ATOM   820  N  NH1 . ARG B 1 51 ? 7.82312   -1.74902  -12.28569 1.000 27.82800 ? 51  ARG B NH1 1 
ATOM   821  N  NH2 . ARG B 1 51 ? 5.85544   -1.27550  -13.37358 0.610 23.75030 ? 51  ARG B NH2 1 
ATOM   822  N  N   . PRO B 1 52 ? 11.59651  3.95352   -14.21782 0.420 31.10598 ? 52  PRO B N   1 
ATOM   823  C  CA  . PRO B 1 52 ? 10.81704  5.14839   -14.55641 0.420 30.35568 ? 52  PRO B CA  1 
ATOM   824  C  C   . PRO B 1 52 ? 9.45495   4.75759   -15.10618 0.810 34.24054 ? 52  PRO B C   1 
ATOM   825  O  O   . PRO B 1 52 ? 9.31395   3.75074   -15.80441 0.360 35.59559 ? 52  PRO B O   1 
ATOM   826  C  CB  . PRO B 1 52 ? 11.67568  5.84293   -15.62271 0.480 32.60686 ? 52  PRO B CB  1 
ATOM   827  C  CG  . PRO B 1 52 ? 13.05596  5.27274   -15.43515 0.200 34.10926 ? 52  PRO B CG  1 
ATOM   828  C  CD  . PRO B 1 52 ? 12.81406  3.84843   -15.03671 0.360 33.27125 ? 52  PRO B CD  1 
ATOM   829  N  N   . VAL B 1 53 ? 8.44703   5.56332   -14.78736 0.600 36.76160 ? 53  VAL B N   1 
ATOM   830  C  CA  . VAL B 1 53 ? 7.09065   5.26784   -15.23614 0.600 42.57567 ? 53  VAL B CA  1 
ATOM   831  C  C   . VAL B 1 53 ? 6.63325   6.25825   -16.30872 1.000 42.71131 ? 53  VAL B C   1 
ATOM   832  O  O   . VAL B 1 53 ? 6.85039   7.46632   -16.18956 0.450 38.24345 ? 53  VAL B O   1 
ATOM   833  C  CB  . VAL B 1 53 ? 6.10597   5.25931   -14.05770 0.500 31.42211 ? 53  VAL B CB  1 
ATOM   834  C  CG1 . VAL B 1 53 ? 4.72746   4.83338   -14.53945 0.330 27.56733 ? 53  VAL B CG1 1 
ATOM   835  C  CG2 . VAL B 1 53 ? 6.60519   4.33373   -12.95583 0.560 32.13526 ? 53  VAL B CG2 1 
ATOM   836  N  N   . ALA C 2 1  ? -0.27581  -2.46935  17.33448  0.270 26.97457 ? 1   ALA T N   1 
ATOM   837  C  CA  . ALA C 2 1  ? 0.13605   -3.82738  17.67229  1.000 34.09780 ? 1   ALA T CA  1 
ATOM   838  C  C   . ALA C 2 1  ? 1.57874   -4.07836  17.26486  0.270 29.96878 ? 1   ALA T C   1 
ATOM   839  O  O   . ALA C 2 1  ? 2.50244   -3.88055  18.05399  0.500 24.56255 ? 1   ALA T O   1 
ATOM   840  C  CB  . ALA C 2 1  ? -0.78618  -4.84287  17.01012  0.270 31.57983 ? 1   ALA T CB  1 
ATOM   841  N  N   . ARG C 2 2  ? 1.77739   -4.51723  16.02683  0.580 28.14136 ? 2   ARG T N   1 
ATOM   842  C  CA  . ARG C 2 2  ? 3.12110   -4.81691  15.56221  0.810 24.79431 ? 2   ARG T CA  1 
ATOM   843  C  C   . ARG C 2 2  ? 3.81365   -3.53707  15.11868  0.620 26.21045 ? 2   ARG T C   1 
ATOM   844  O  O   . ARG C 2 2  ? 3.29991   -2.79674  14.27383  0.640 24.41629 ? 2   ARG T O   1 
ATOM   845  C  CB  . ARG C 2 2  ? 3.09092   -5.83479  14.42402  0.540 28.43713 ? 2   ARG T CB  1 
ATOM   846  C  CG  . ARG C 2 2  ? 4.46914   -6.16359  13.88807  0.600 30.94008 ? 2   ARG T CG  1 
ATOM   847  C  CD  . ARG C 2 2  ? 4.52174   -7.57172  13.30082  0.650 30.48058 ? 2   ARG T CD  1 
ATOM   848  N  NE  . ARG C 2 2  ? 4.85487   -8.58008  14.31044  0.200 31.02229 ? 2   ARG T NE  1 
ATOM   849  C  CZ  . ARG C 2 2  ? 5.97398   -8.60817  15.03462  0.300 39.47622 ? 2   ARG T CZ  1 
ATOM   850  N  NH1 . ARG C 2 2  ? 6.92256   -7.69217  14.86893  0.350 34.46805 ? 2   ARG T NH1 1 
ATOM   851  N  NH2 . ARG C 2 2  ? 6.15344   -9.57366  15.92857  0.620 45.57679 ? 2   ARG T NH2 1 
ATOM   852  N  N   . THR C 2 3  ? 4.97518   -3.27520  15.70296  1.000 29.02452 ? 3   THR T N   1 
ATOM   853  C  CA  . THR C 2 3  ? 5.73356   -2.07386  15.39903  0.540 27.21153 ? 3   THR T CA  1 
ATOM   854  C  C   . THR C 2 3  ? 7.17661   -2.43903  15.11874  0.860 30.42579 ? 3   THR T C   1 
ATOM   855  O  O   . THR C 2 3  ? 7.62999   -3.53536  15.45200  0.560 33.68143 ? 3   THR T O   1 
ATOM   856  C  CB  . THR C 2 3  ? 5.67119   -1.04438  16.55135  0.450 28.34797 ? 3   THR T CB  1 
ATOM   857  O  OG1 . THR C 2 3  ? 6.22363   -1.61833  17.74176  0.640 36.08176 ? 3   THR T OG1 1 
ATOM   858  C  CG2 . THR C 2 3  ? 4.24657   -0.62225  16.81854  1.000 29.32198 ? 3   THR T CG2 1 
HETATM 859  N  N   . MLY C 2 4  ? 7.89880   -1.51325  14.50521  0.830 30.34596 ? 4   MLY T N   1 
HETATM 860  C  CA  . MLY C 2 4  ? 9.27793   -1.75776  14.12925  0.800 30.27259 ? 4   MLY T CA  1 
HETATM 861  C  CB  . MLY C 2 4  ? 9.35077   -2.47838  12.78420  0.400 28.14222 ? 4   MLY T CB  1 
HETATM 862  C  CG  . MLY C 2 4  ? 8.98202   -1.58706  11.61164  0.740 30.11061 ? 4   MLY T CG  1 
HETATM 863  C  CD  . MLY C 2 4  ? 9.15270   -2.30011  10.28206  0.700 30.46774 ? 4   MLY T CD  1 
HETATM 864  C  CE  . MLY C 2 4  ? 8.96386   -1.32801  9.13665   0.660 26.45233 ? 4   MLY T CE  1 
HETATM 865  N  NZ  . MLY C 2 4  ? 9.19253   -1.94050  7.80287   0.900 25.23071 ? 4   MLY T NZ  1 
HETATM 866  C  CH1 . MLY C 2 4  ? 8.37607   -3.15878  7.73912   0.820 24.65115 ? 4   MLY T CH1 1 
HETATM 867  C  CH2 . MLY C 2 4  ? 8.64084   -1.00970  6.81229   0.750 23.89027 ? 4   MLY T CH2 1 
HETATM 868  C  C   . MLY C 2 4  ? 10.01826  -0.44391  14.04794  0.660 34.04618 ? 4   MLY T C   1 
HETATM 869  O  O   . MLY C 2 4  ? 9.40366   0.61623   14.00994  0.740 30.34501 ? 4   MLY T O   1 
ATOM   870  N  N   . GLN C 2 5  ? 11.34067  -0.51317  14.00074  1.000 36.24921 ? 5   GLN T N   1 
ATOM   871  C  CA  . GLN C 2 5  ? 12.13714  0.68048   13.77414  0.700 36.06854 ? 5   GLN T CA  1 
ATOM   872  C  C   . GLN C 2 5  ? 13.48788  0.34142   13.16153  0.870 39.58765 ? 5   GLN T C   1 
ATOM   873  O  O   . GLN C 2 5  ? 14.38236  -0.17421  13.83444  0.380 37.17061 ? 5   GLN T O   1 
ATOM   874  C  CB  . GLN C 2 5  ? 12.33921  1.44933   15.07114  0.760 34.67919 ? 5   GLN T CB  1 
ATOM   875  C  CG  . GLN C 2 5  ? 13.21453  2.66445   14.89340  0.610 41.64395 ? 5   GLN T CG  1 
ATOM   876  C  CD  . GLN C 2 5  ? 13.15994  3.59567   16.07546  0.630 34.04156 ? 5   GLN T CD  1 
ATOM   877  O  OE1 . GLN C 2 5  ? 13.01051  3.15937   17.21817  0.410 44.22177 ? 5   GLN T OE1 1 
ATOM   878  N  NE2 . GLN C 2 5  ? 13.28698  4.88931   15.81243  0.520 43.07988 ? 5   GLN T NE2 1 
ATOM   879  N  N   . THR C 2 6  ? 13.63139  0.63824   11.87789  0.730 40.28451 ? 6   THR T N   1 
ATOM   880  C  CA  . THR C 2 6  ? 14.87866  0.38411   11.18330  0.430 35.76424 ? 6   THR T CA  1 
ATOM   881  C  C   . THR C 2 6  ? 15.74655  1.63216   11.20354  1.000 46.09578 ? 6   THR T C   1 
ATOM   882  O  O   . THR C 2 6  ? 16.66615  1.74987   12.01280  0.710 48.42464 ? 6   THR T O   1 
ATOM   883  C  CB  . THR C 2 6  ? 14.63564  -0.05084  9.73297   0.400 36.03192 ? 6   THR T CB  1 
ATOM   884  O  OG1 . THR C 2 6  ? 13.82820  -1.23573  9.71896   0.400 45.15286 ? 6   THR T OG1 1 
ATOM   885  C  CG2 . THR C 2 6  ? 15.95627  -0.33478  9.04727   0.400 40.68910 ? 6   THR T CG2 1 
ATOM   886  N  N   . ALA D 2 1  ? -0.92398  -11.98051 -15.38839 0.370 31.19629 ? 1   ALA P N   1 
ATOM   887  C  CA  . ALA D 2 1  ? -1.07355  -11.07366 -14.25744 0.890 34.15021 ? 1   ALA P CA  1 
ATOM   888  C  C   . ALA D 2 1  ? -2.53387  -10.95439 -13.84756 0.340 30.42507 ? 1   ALA P C   1 
ATOM   889  O  O   . ALA D 2 1  ? -3.43794  -11.14769 -14.66308 0.560 23.56404 ? 1   ALA P O   1 
ATOM   890  C  CB  . ALA D 2 1  ? -0.49835  -9.70412  -14.59593 0.520 31.51539 ? 1   ALA P CB  1 
ATOM   891  N  N   . ARG D 2 2  ? -2.76617  -10.63768 -12.57803 0.690 27.68254 ? 2   ARG P N   1 
ATOM   892  C  CA  . ARG D 2 2  ? -4.11882  -10.53904 -12.05306 0.650 22.04483 ? 2   ARG P CA  1 
ATOM   893  C  C   . ARG D 2 2  ? -4.65292  -9.12984  -12.26033 0.630 26.60265 ? 2   ARG P C   1 
ATOM   894  O  O   . ARG D 2 2  ? -4.03056  -8.15239  -11.83205 0.470 21.36426 ? 2   ARG P O   1 
ATOM   895  C  CB  . ARG D 2 2  ? -4.16255  -10.89563 -10.56912 0.580 25.73634 ? 2   ARG P CB  1 
ATOM   896  C  CG  . ARG D 2 2  ? -5.55700  -10.78880 -9.98226  0.650 26.91492 ? 2   ARG P CG  1 
ATOM   897  C  CD  . ARG D 2 2  ? -5.79519  -11.83881 -8.91530  0.320 27.52746 ? 2   ARG P CD  1 
ATOM   898  N  NE  . ARG D 2 2  ? -6.96333  -11.51854 -8.10143  0.410 36.35299 ? 2   ARG P NE  1 
ATOM   899  C  CZ  . ARG D 2 2  ? -6.96415  -11.48504 -6.77212  0.400 28.74373 ? 2   ARG P CZ  1 
ATOM   900  N  NH1 . ARG D 2 2  ? -5.84843  -11.72910 -6.09699  0.630 34.35580 ? 2   ARG P NH1 1 
ATOM   901  N  NH2 . ARG D 2 2  ? -8.07707  -11.19067 -6.11674  0.490 33.15873 ? 2   ARG P NH2 1 
ATOM   902  N  N   . THR D 2 3  ? -5.80949  -9.03048  -12.90530 0.780 26.88980 ? 3   THR P N   1 
ATOM   903  C  CA  . THR D 2 3  ? -6.42009  -7.73779  -13.15942 0.690 28.49634 ? 3   THR P CA  1 
ATOM   904  C  C   . THR D 2 3  ? -7.87900  -7.73780  -12.72836 0.630 30.80580 ? 3   THR P C   1 
ATOM   905  O  O   . THR D 2 3  ? -8.47971  -8.79190  -12.51935 0.470 35.14769 ? 3   THR P O   1 
ATOM   906  C  CB  . THR D 2 3  ? -6.32313  -7.34358  -14.64924 0.520 30.99173 ? 3   THR P CB  1 
ATOM   907  O  OG1 . THR D 2 3  ? -6.98092  -8.33107  -15.45339 0.530 32.41079 ? 3   THR P OG1 1 
ATOM   908  C  CG2 . THR D 2 3  ? -4.86567  -7.23461  -15.07925 0.710 29.40758 ? 3   THR P CG2 1 
HETATM 909  N  N   . MLY D 2 4  ? -8.43849  -6.54313  -12.58566 0.740 28.01569 ? 4   MLY P N   1 
HETATM 910  C  CA  . MLY D 2 4  ? -9.84153  -6.38504  -12.24411 0.840 31.64399 ? 4   MLY P CA  1 
HETATM 911  C  CB  . MLY D 2 4  ? -10.04580 -6.39779  -10.72733 0.160 29.51718 ? 4   MLY P CB  1 
HETATM 912  C  CG  . MLY D 2 4  ? -9.45606  -5.18464  -10.02404 0.770 31.16569 ? 4   MLY P CG  1 
HETATM 913  C  CD  . MLY D 2 4  ? -9.71887  -5.20411  -8.52676  0.520 28.16776 ? 4   MLY P CD  1 
HETATM 914  C  CE  . MLY D 2 4  ? -9.08883  -3.99002  -7.87320  0.610 25.16803 ? 4   MLY P CE  1 
HETATM 915  N  NZ  . MLY D 2 4  ? -9.37294  -3.86763  -6.42125  0.740 25.47214 ? 4   MLY P NZ  1 
HETATM 916  C  CH1 . MLY D 2 4  ? -8.90362  -5.10252  -5.78393  0.600 22.34136 ? 4   MLY P CH1 1 
HETATM 917  C  CH2 . MLY D 2 4  ? -8.53047  -2.77500  -5.92829  0.750 25.96688 ? 4   MLY P CH2 1 
HETATM 918  C  C   . MLY D 2 4  ? -10.33838 -5.07917  -12.83145 0.520 32.91427 ? 4   MLY P C   1 
HETATM 919  O  O   . MLY D 2 4  ? -9.54881  -4.27604  -13.32430 0.700 30.39330 ? 4   MLY P O   1 
ATOM   920  N  N   . GLN D 2 5  ? -11.64557 -4.86565  -12.78047 0.930 37.15783 ? 5   GLN P N   1 
ATOM   921  C  CA  . GLN D 2 5  ? -12.21173 -3.59968  -13.21250 0.720 38.11679 ? 5   GLN P CA  1 
ATOM   922  C  C   . GLN D 2 5  ? -13.59590 -3.40730  -12.61051 1.000 41.92434 ? 5   GLN P C   1 
ATOM   923  O  O   . GLN D 2 5  ? -14.56913 -4.04437  -13.01998 0.440 38.85978 ? 5   GLN P O   1 
ATOM   924  C  CB  . GLN D 2 5  ? -12.27982 -3.52450  -14.73361 0.660 34.54256 ? 5   GLN P CB  1 
ATOM   925  C  CG  . GLN D 2 5  ? -13.09477 -2.35553  -15.24421 0.700 42.97019 ? 5   GLN P CG  1 
ATOM   926  C  CD  . GLN D 2 5  ? -12.87393 -2.09922  -16.71404 0.350 34.12168 ? 5   GLN P CD  1 
ATOM   927  O  OE1 . GLN D 2 5  ? -12.83107 -0.95205  -17.15450 0.370 38.51921 ? 5   GLN P OE1 1 
ATOM   928  N  NE2 . GLN D 2 5  ? -12.73086 -3.17230  -17.48723 0.610 40.21195 ? 5   GLN P NE2 1 
ATOM   929  N  N   . THR D 2 6  ? -13.67521 -2.51945  -11.63205 0.820 42.20217 ? 6   THR P N   1 
ATOM   930  C  CA  . THR D 2 6  ? -14.92170 -2.26508  -10.93611 0.130 34.13930 ? 6   THR P CA  1 
ATOM   931  C  C   . THR D 2 6  ? -15.54483 -0.95884  -11.40039 0.690 42.00936 ? 6   THR P C   1 
ATOM   932  O  O   . THR D 2 6  ? -16.37242 -0.94433  -12.30982 1.000 52.91573 ? 6   THR P O   1 
ATOM   933  C  CB  . THR D 2 6  ? -14.70631 -2.21130  -9.43171  0.400 38.26021 ? 6   THR P CB  1 
ATOM   934  O  OG1 . THR D 2 6  ? -13.79288 -1.15007  -9.13996  0.400 41.42974 ? 6   THR P OG1 1 
ATOM   935  C  CG2 . THR D 2 6  ? -14.11914 -3.52374  -8.93384  0.400 38.91171 ? 6   THR P CG2 1 
HETATM 936  ZN ZN  . ZN  E 3 .  ? -5.55235  -1.31884  6.86306   0.600 26.12307 ? 101 ZN  A ZN  1 
HETATM 937  ZN ZN  . ZN  F 3 .  ? 4.15572   8.71572   6.74980   0.540 20.78186 ? 102 ZN  A ZN  1 
HETATM 938  ZN ZN  . ZN  G 3 .  ? -2.95975  5.40749   -10.00864 0.510 18.34961 ? 101 ZN  B ZN  1 
HETATM 939  ZN ZN  . ZN  H 3 .  ? 5.20409   -4.98621  -5.43115  0.620 25.03385 ? 102 ZN  B ZN  1 
HETATM 940  O  O   . HOH I 4 .  ? 3.90553   9.31101   17.44982  1.000 44.64167 ? 201 HOH A O   1 
HETATM 941  O  O   . HOH I 4 .  ? 4.80702   -6.66813  6.41884   1.000 40.57990 ? 202 HOH A O   1 
HETATM 942  O  O   . HOH I 4 .  ? -5.37992  8.04612   2.94056   0.700 32.78183 ? 203 HOH A O   1 
HETATM 943  O  O   . HOH I 4 .  ? -10.02361 7.06418   4.88817   0.510 29.55031 ? 204 HOH A O   1 
HETATM 944  O  O   . HOH I 4 .  ? 8.56408   -2.61236  0.61753   0.660 29.10668 ? 205 HOH A O   1 
HETATM 945  O  O   . HOH I 4 .  ? 2.61049   8.26978   -2.73749  0.610 27.00804 ? 206 HOH A O   1 
HETATM 946  O  O   . HOH I 4 .  ? -10.72840 2.55730   1.15058   0.630 32.07390 ? 207 HOH A O   1 
HETATM 947  O  O   . HOH I 4 .  ? -4.28333  7.44924   13.65934  0.540 31.76661 ? 208 HOH A O   1 
HETATM 948  O  O   . HOH I 4 .  ? -0.00893  -4.64867  13.78812  0.510 29.68954 ? 209 HOH A O   1 
HETATM 949  O  O   . HOH I 4 .  ? 2.71054   -5.38359  4.42303   0.620 24.23775 ? 210 HOH A O   1 
HETATM 950  O  O   . HOH I 4 .  ? -2.62062  5.74064   0.40805   1.000 29.31653 ? 211 HOH A O   1 
HETATM 951  O  O   . HOH I 4 .  ? 7.22305   7.65080   13.02223  0.580 24.63154 ? 212 HOH A O   1 
HETATM 952  O  O   . HOH I 4 .  ? 9.67487   7.45773   15.07547  1.000 41.08951 ? 213 HOH A O   1 
HETATM 953  O  O   . HOH I 4 .  ? -0.31104  7.28152   0.41005   1.000 35.67130 ? 214 HOH A O   1 
HETATM 954  O  O   . HOH I 4 .  ? 3.62268   5.86943   2.27349   0.680 20.05994 ? 215 HOH A O   1 
HETATM 955  O  O   . HOH I 4 .  ? 10.35785  -8.39249  2.89773   0.480 30.56567 ? 216 HOH A O   1 
HETATM 956  O  O   . HOH I 4 .  ? -6.66014  9.54530   13.73723  0.520 31.44494 ? 217 HOH A O   1 
HETATM 957  O  O   . HOH I 4 .  ? -0.14406  6.19811   21.05860  1.000 44.51479 ? 218 HOH A O   1 
HETATM 958  O  O   . HOH I 4 .  ? 0.29971   -6.72152  12.73244  0.500 28.81379 ? 219 HOH A O   1 
HETATM 959  O  O   . HOH I 4 .  ? 11.60048  3.94999   -1.96830  1.000 37.02498 ? 220 HOH A O   1 
HETATM 960  O  O   . HOH I 4 .  ? 3.25792   4.41334   0.10864   1.000 25.53787 ? 221 HOH A O   1 
HETATM 961  O  O   . HOH I 4 .  ? -4.32284  -0.23484  2.80211   0.960 26.23108 ? 222 HOH A O   1 
HETATM 962  O  O   . HOH I 4 .  ? 8.41662   -4.00046  -2.94675  1.000 37.30904 ? 223 HOH A O   1 
HETATM 963  O  O   . HOH I 4 .  ? -14.04933 0.65041   10.27176  1.000 48.32617 ? 224 HOH A O   1 
HETATM 964  O  O   . HOH I 4 .  ? 9.20821   -9.13985  5.17145   0.590 24.78139 ? 225 HOH A O   1 
HETATM 965  O  O   . HOH I 4 .  ? -3.81272  -7.27137  2.73505   0.710 25.48937 ? 226 HOH A O   1 
HETATM 966  O  O   . HOH I 4 .  ? -0.08505  -5.17100  2.53820   0.610 18.22096 ? 227 HOH A O   1 
HETATM 967  O  O   . HOH I 4 .  ? -8.70648  -8.26043  19.33221  1.000 49.70167 ? 228 HOH A O   1 
HETATM 968  O  O   . HOH I 4 .  ? -9.51109  8.18083   1.00865   1.000 51.75129 ? 229 HOH A O   1 
HETATM 969  O  O   . HOH I 4 .  ? -4.51575  10.97795  14.29733  1.000 54.54555 ? 230 HOH A O   1 
HETATM 970  O  O   . HOH I 4 .  ? 13.47167  3.42427   2.47307   0.490 33.80376 ? 231 HOH A O   1 
HETATM 971  O  O   . HOH I 4 .  ? -2.60923  7.86274   19.87334  1.000 53.08731 ? 232 HOH A O   1 
HETATM 972  O  O   . HOH I 4 .  ? 3.35691   -8.97353  7.20707   1.000 51.08289 ? 233 HOH A O   1 
HETATM 973  O  O   . HOH I 4 .  ? -0.44021  7.62972   23.75035  1.000 55.96302 ? 234 HOH A O   1 
HETATM 974  O  O   . HOH I 4 .  ? -12.42472 6.15666   13.99281  1.000 50.46519 ? 235 HOH A O   1 
HETATM 975  O  O   . HOH I 4 .  ? -14.91267 2.48996   14.10176  1.000 48.28787 ? 236 HOH A O   1 
HETATM 976  O  O   . HOH I 4 .  ? -0.10743  14.34152  9.41426   1.000 48.54899 ? 237 HOH A O   1 
HETATM 977  O  O   . HOH I 4 .  ? -7.61740  9.55135   3.71542   0.790 33.64300 ? 238 HOH A O   1 
HETATM 978  O  O   . HOH I 4 .  ? -4.84252  7.87084   0.43313   1.000 32.28129 ? 239 HOH A O   1 
HETATM 979  O  O   . HOH I 4 .  ? 2.84093   11.38853  17.35922  1.000 45.18983 ? 240 HOH A O   1 
HETATM 980  O  O   . HOH I 4 .  ? -15.71479 4.64723   14.55401  1.000 52.72615 ? 241 HOH A O   1 
HETATM 981  O  O   . HOH I 4 .  ? 1.04990   -7.38166  2.92494   0.490 24.56517 ? 242 HOH A O   1 
HETATM 982  O  O   . HOH J 4 .  ? -2.67080  1.26311   -19.87490 0.490 35.28797 ? 201 HOH B O   1 
HETATM 983  O  O   . HOH J 4 .  ? 4.83908   -0.36726  -15.33287 0.580 26.31301 ? 202 HOH B O   1 
HETATM 984  O  O   . HOH J 4 .  ? -8.64690  -1.27550  3.83308   0.460 23.03756 ? 203 HOH B O   1 
HETATM 985  O  O   . HOH J 4 .  ? 11.11441  0.54290   -1.61917  0.640 30.77917 ? 204 HOH B O   1 
HETATM 986  O  O   . HOH J 4 .  ? -10.95941 -2.12942  -3.09281  1.000 46.60775 ? 205 HOH B O   1 
HETATM 987  O  O   . HOH J 4 .  ? -9.04724  -1.38801  -0.15105  0.680 30.17894 ? 206 HOH B O   1 
HETATM 988  O  O   . HOH J 4 .  ? -1.36775  8.80455   -1.07114  0.610 21.18471 ? 207 HOH B O   1 
HETATM 989  O  O   . HOH J 4 .  ? -6.13220  -8.47004  -3.63310  0.390 28.42078 ? 208 HOH B O   1 
HETATM 990  O  O   . HOH J 4 .  ? 0.48780   -3.59900  -21.72349 1.000 44.31977 ? 209 HOH B O   1 
HETATM 991  O  O   . HOH J 4 .  ? -6.48085  2.00879   -15.22549 0.540 22.32785 ? 210 HOH B O   1 
HETATM 992  O  O   . HOH J 4 .  ? 0.99840   5.80397   -3.43010  1.000 34.57676 ? 211 HOH B O   1 
HETATM 993  O  O   . HOH J 4 .  ? 5.42780   -6.65527  -16.85588 1.000 42.55934 ? 212 HOH B O   1 
HETATM 994  O  O   . HOH J 4 .  ? -3.41065  -6.38452  -1.60430  0.570 20.30999 ? 213 HOH B O   1 
HETATM 995  O  O   . HOH J 4 .  ? 10.95594  2.99402   -6.98803  1.000 45.13512 ? 214 HOH B O   1 
HETATM 996  O  O   . HOH J 4 .  ? -8.20501  5.27476   -20.04349 0.500 26.39393 ? 215 HOH B O   1 
HETATM 997  O  O   . HOH J 4 .  ? 2.70905   -8.14133  0.65684   0.510 20.66540 ? 216 HOH B O   1 
HETATM 998  O  O   . HOH J 4 .  ? 6.06750   -4.60600  -14.00386 0.700 27.08094 ? 217 HOH B O   1 
HETATM 999  O  O   . HOH J 4 .  ? 4.21899   -2.13015  -2.44006  0.860 23.18906 ? 218 HOH B O   1 
HETATM 1000 O  O   . HOH J 4 .  ? -2.69655  4.74335   -4.55808  0.700 18.43279 ? 219 HOH B O   1 
HETATM 1001 O  O   . HOH J 4 .  ? -12.56116 3.60779   -4.28864  1.000 43.10953 ? 220 HOH B O   1 
HETATM 1002 O  O   . HOH J 4 .  ? -2.34086  4.36223   -2.12172  1.000 26.60969 ? 221 HOH B O   1 
HETATM 1003 O  O   . HOH J 4 .  ? 4.62991   -13.17729 -2.81905  0.750 37.69944 ? 222 HOH B O   1 
HETATM 1004 O  O   . HOH J 4 .  ? -1.47189  -11.57600 -8.52103  0.560 27.58663 ? 223 HOH B O   1 
HETATM 1005 O  O   . HOH J 4 .  ? 8.20747   -5.43564  -14.69115 0.580 30.62739 ? 224 HOH B O   1 
HETATM 1006 O  O   . HOH J 4 .  ? -0.12001  -15.12041 -15.76509 1.000 51.62806 ? 225 HOH B O   1 
HETATM 1007 O  O   . HOH J 4 .  ? -0.59932  -5.90168  0.01551   0.510 18.28572 ? 226 HOH B O   1 
HETATM 1008 O  O   . HOH J 4 .  ? -10.65991 -9.14708  -1.24816  1.000 38.63952 ? 227 HOH B O   1 
HETATM 1009 O  O   . HOH J 4 .  ? 3.46223   4.62014   -2.46531  0.550 19.79103 ? 228 HOH B O   1 
HETATM 1010 O  O   . HOH J 4 .  ? -7.75106  1.56445   -17.81051 1.000 49.99053 ? 229 HOH B O   1 
HETATM 1011 O  O   . HOH J 4 .  ? 15.26188  0.02280   -14.13460 1.000 58.97154 ? 230 HOH B O   1 
HETATM 1012 O  O   . HOH J 4 .  ? 13.19027  -2.12735  -14.58426 1.000 44.79624 ? 231 HOH B O   1 
HETATM 1013 O  O   . HOH J 4 .  ? -3.80135  7.50687   -14.45230 0.630 37.55709 ? 232 HOH B O   1 
HETATM 1014 O  O   . HOH J 4 .  ? -7.38455  9.22485   -1.07644  1.000 54.69317 ? 233 HOH B O   1 
HETATM 1015 O  O   . HOH J 4 .  ? -1.60238  3.68319   -20.40209 1.000 45.01006 ? 234 HOH B O   1 
HETATM 1016 O  O   . HOH J 4 .  ? 10.70549  -16.38180 -7.12121  0.530 29.58395 ? 235 HOH B O   1 
HETATM 1017 O  O   . HOH J 4 .  ? 17.09672  -1.38194  -13.41664 1.000 54.64602 ? 236 HOH B O   1 
HETATM 1018 O  O   . HOH J 4 .  ? -2.21970  -7.54945  0.37807   0.410 19.75675 ? 237 HOH B O   1 
HETATM 1019 O  O   . HOH J 4 .  ? 15.86253  -4.35738  -14.60241 1.000 47.74019 ? 238 HOH B O   1 
HETATM 1020 O  O   . HOH K 4 .  ? 11.84458  1.46988   10.56113  0.700 33.42023 ? 101 HOH T O   1 
HETATM 1021 O  O   . HOH K 4 .  ? 17.56392  1.80661   14.31289  1.000 55.72369 ? 102 HOH T O   1 
HETATM 1022 O  O   . HOH K 4 .  ? 13.10322  3.78468   19.66092  1.000 54.07597 ? 103 HOH T O   1 
HETATM 1023 O  O   . HOH K 4 .  ? 3.88379   -3.80536  20.25972  1.000 50.97422 ? 104 HOH T O   1 
HETATM 1024 O  O   . HOH K 4 .  ? 9.29584   -1.37658  17.32912  1.000 47.28642 ? 105 HOH T O   1 
HETATM 1025 O  O   . HOH K 4 .  ? 16.38085  0.58753   18.74740  1.000 48.80440 ? 106 HOH T O   1 
HETATM 1026 O  O   . HOH L 4 .  ? -18.12152 -0.12603  -13.82790 1.000 53.89195 ? 101 HOH P O   1 
HETATM 1027 O  O   . HOH L 4 .  ? -11.44721 -1.57402  -10.67910 0.580 33.48778 ? 102 HOH P O   1 
HETATM 1028 O  O   . HOH L 4 .  ? -13.47100 1.62255   -16.81721 1.000 45.34061 ? 103 HOH P O   1 
HETATM 1029 O  O   . HOH L 4 .  ? -16.60205 -4.77826  -11.32852 1.000 49.35777 ? 104 HOH P O   1 
HETATM 1030 O  O   . HOH L 4 .  ? -17.11344 -2.58709  -15.42064 1.000 50.07785 ? 105 HOH P O   1 
HETATM 1031 O  O   . HOH L 4 .  ? -16.16853 -4.95370  -18.01602 1.000 47.65362 ? 106 HOH P O   1 
HETATM 1032 O  O   . HOH L 4 .  ? -19.18793 -1.48433  -17.09672 1.000 42.13874 ? 107 HOH P O   1 
# 
